data_7CFD
#
_entry.id   7CFD
#
_cell.length_a   97.118
_cell.length_b   101.365
_cell.length_c   191.276
_cell.angle_alpha   90.000
_cell.angle_beta   90.000
_cell.angle_gamma   90.000
#
_symmetry.space_group_name_H-M   'P 21 21 21'
#
loop_
_entity.id
_entity.type
_entity.pdbx_description
1 polymer FI20010p1
2 polymer 'Protein aubergine'
3 water water
#
loop_
_entity_poly.entity_id
_entity_poly.type
_entity_poly.pdbx_seq_one_letter_code
_entity_poly.pdbx_strand_id
1 'polypeptide(L)'
;STTVHFEIGSIVGILITFINGPTEVYGQFLDGSPPLVWDKKDVPENKRTFKSKPRLLDIVLALYSDGCFYRAQIIDEFPS
EYMIFYVDYGNTEFVPLSCLAPCENVDSFKPHRVFSFHIEGIVRSKNLTHQKTIECIEYLKSKLLNTEMNVHLVQRLPDG
FLIRFLDDWKYIPEQLLQRNYAQVSQ
;
B,C,D,E,F,A,G,H
2 'polypeptide(L)' NPVIARGRG(2MR)GRK I,J,K,L,N,M,Z,O
#
# COMPACT_ATOMS: atom_id res chain seq x y z
N ILE A 8 37.33 18.38 -15.81
CA ILE A 8 38.18 19.30 -16.53
C ILE A 8 38.10 20.71 -15.94
N GLY A 9 38.85 21.65 -16.52
CA GLY A 9 39.05 22.94 -15.89
C GLY A 9 37.95 23.95 -16.08
N SER A 10 37.12 23.78 -17.11
CA SER A 10 36.01 24.70 -17.32
C SER A 10 34.84 24.43 -16.39
N ILE A 11 34.85 23.30 -15.69
CA ILE A 11 33.77 22.96 -14.75
C ILE A 11 34.14 23.48 -13.37
N VAL A 12 33.22 24.23 -12.76
CA VAL A 12 33.41 24.79 -11.43
C VAL A 12 32.24 24.38 -10.56
N GLY A 13 32.48 24.38 -9.25
CA GLY A 13 31.45 24.03 -8.28
C GLY A 13 30.83 25.28 -7.69
N ILE A 14 29.49 25.32 -7.71
CA ILE A 14 28.74 26.45 -7.18
C ILE A 14 27.65 25.97 -6.23
N LEU A 15 27.27 26.87 -5.32
CA LEU A 15 26.16 26.69 -4.41
C LEU A 15 25.17 27.82 -4.67
N ILE A 16 23.96 27.46 -5.09
CA ILE A 16 22.92 28.45 -5.36
C ILE A 16 22.31 28.88 -4.04
N THR A 17 22.28 30.19 -3.80
CA THR A 17 21.78 30.76 -2.56
C THR A 17 20.46 31.50 -2.71
N PHE A 18 20.13 31.96 -3.91
CA PHE A 18 19.02 32.87 -4.12
C PHE A 18 18.66 32.82 -5.60
N ILE A 19 17.39 33.05 -5.90
CA ILE A 19 16.90 33.06 -7.28
C ILE A 19 16.54 34.51 -7.62
N ASN A 20 17.40 35.16 -8.41
CA ASN A 20 17.17 36.55 -8.78
C ASN A 20 16.08 36.69 -9.83
N GLY A 21 15.98 35.75 -10.76
CA GLY A 21 15.00 35.80 -11.81
C GLY A 21 14.83 34.46 -12.51
N PRO A 22 13.98 34.44 -13.54
CA PRO A 22 13.71 33.16 -14.23
C PRO A 22 14.93 32.52 -14.88
N THR A 23 15.94 33.30 -15.30
CA THR A 23 17.13 32.74 -15.93
C THR A 23 18.41 33.18 -15.23
N GLU A 24 18.27 33.72 -14.02
CA GLU A 24 19.47 34.17 -13.28
C GLU A 24 19.37 33.76 -11.81
N VAL A 25 20.46 33.19 -11.26
CA VAL A 25 20.51 32.86 -9.85
C VAL A 25 21.77 33.47 -9.26
N TYR A 26 21.76 33.62 -7.95
CA TYR A 26 22.90 34.11 -7.20
C TYR A 26 23.49 32.95 -6.41
N GLY A 27 24.81 32.95 -6.27
CA GLY A 27 25.42 31.81 -5.60
C GLY A 27 26.89 32.06 -5.32
N GLN A 28 27.44 31.14 -4.54
CA GLN A 28 28.85 31.13 -4.19
C GLN A 28 29.60 30.13 -5.04
N PHE A 29 30.90 30.34 -5.16
CA PHE A 29 31.79 29.31 -5.68
C PHE A 29 32.17 28.36 -4.55
N LEU A 30 32.12 27.07 -4.83
CA LEU A 30 32.45 26.06 -3.84
C LEU A 30 33.96 25.91 -3.75
N ASP A 31 34.53 26.19 -2.57
CA ASP A 31 35.95 25.97 -2.34
C ASP A 31 36.24 25.26 -1.02
N GLY A 32 35.23 24.80 -0.30
CA GLY A 32 35.42 24.07 0.94
C GLY A 32 35.37 24.90 2.19
N SER A 33 35.35 26.24 2.09
CA SER A 33 35.34 27.04 3.30
C SER A 33 33.94 27.07 3.92
N PRO A 34 33.85 27.03 5.25
CA PRO A 34 32.55 26.93 5.92
C PRO A 34 31.75 28.21 5.77
N PRO A 35 30.44 28.16 5.97
CA PRO A 35 29.60 29.34 5.72
C PRO A 35 29.84 30.43 6.75
N LEU A 36 29.53 31.66 6.34
CA LEU A 36 29.69 32.85 7.19
C LEU A 36 28.33 33.19 7.81
N VAL A 37 28.02 32.48 8.90
CA VAL A 37 26.74 32.65 9.57
C VAL A 37 26.95 32.43 11.06
N TRP A 38 26.18 33.16 11.87
CA TRP A 38 26.32 33.17 13.32
C TRP A 38 25.00 32.79 13.98
N ASP A 39 25.08 31.90 14.97
CA ASP A 39 23.93 31.59 15.82
C ASP A 39 23.64 32.76 16.75
N LYS A 40 22.41 32.80 17.27
CA LYS A 40 22.10 33.73 18.35
C LYS A 40 22.95 33.45 19.58
N LYS A 41 23.44 32.21 19.73
CA LYS A 41 24.32 31.88 20.84
C LYS A 41 25.70 32.50 20.69
N ASP A 42 26.15 32.75 19.46
CA ASP A 42 27.42 33.41 19.22
C ASP A 42 27.28 34.91 19.02
N VAL A 43 26.09 35.46 19.30
CA VAL A 43 25.89 36.91 19.33
C VAL A 43 25.22 37.21 20.68
N PRO A 44 25.96 37.19 21.78
CA PRO A 44 25.44 37.70 23.05
C PRO A 44 25.52 39.23 23.06
N GLU A 45 24.88 39.85 24.05
CA GLU A 45 24.47 41.25 23.84
C GLU A 45 25.61 42.27 23.93
N ASN A 46 26.79 41.92 24.45
CA ASN A 46 27.91 42.86 24.29
C ASN A 46 28.16 43.15 22.82
N LYS A 47 28.16 42.11 22.01
CA LYS A 47 28.36 42.23 20.59
C LYS A 47 27.09 42.62 19.86
N ARG A 48 26.01 42.90 20.59
CA ARG A 48 24.74 43.17 19.92
C ARG A 48 24.42 44.65 19.79
N THR A 49 25.23 45.55 20.34
CA THR A 49 24.95 46.97 20.26
C THR A 49 26.18 47.72 19.76
N PHE A 50 25.93 48.72 18.91
CA PHE A 50 26.95 49.49 18.22
C PHE A 50 27.47 50.63 19.11
N LYS A 51 28.57 51.24 18.67
CA LYS A 51 29.07 52.49 19.26
C LYS A 51 28.47 53.72 18.61
N SER A 52 28.00 53.57 17.37
CA SER A 52 27.32 54.63 16.64
C SER A 52 26.25 53.95 15.81
N LYS A 53 25.10 54.61 15.67
CA LYS A 53 23.94 54.01 14.96
C LYS A 53 24.39 53.69 13.54
N PRO A 54 24.15 52.46 13.02
CA PRO A 54 24.62 52.12 11.67
C PRO A 54 24.04 53.03 10.59
N ARG A 55 24.69 53.01 9.42
CA ARG A 55 24.37 53.96 8.37
C ARG A 55 24.59 53.34 6.99
N LEU A 56 24.28 54.11 5.95
CA LEU A 56 24.46 53.70 4.57
C LEU A 56 25.83 53.06 4.34
N LEU A 57 25.83 51.93 3.64
CA LEU A 57 26.99 51.20 3.14
C LEU A 57 27.75 50.47 4.25
N ASP A 58 27.36 50.62 5.51
CA ASP A 58 28.03 49.89 6.58
C ASP A 58 27.75 48.39 6.45
N ILE A 59 28.73 47.59 6.88
CA ILE A 59 28.65 46.14 6.81
C ILE A 59 28.43 45.61 8.22
N VAL A 60 27.30 44.93 8.42
CA VAL A 60 26.82 44.54 9.74
C VAL A 60 26.43 43.08 9.70
N LEU A 61 26.08 42.55 10.87
CA LEU A 61 25.38 41.28 10.96
C LEU A 61 23.89 41.55 11.01
N ALA A 62 23.13 40.72 10.30
CA ALA A 62 21.69 40.90 10.19
C ALA A 62 21.00 39.56 10.39
N LEU A 63 19.78 39.61 10.92
CA LEU A 63 19.06 38.40 11.31
C LEU A 63 18.05 38.02 10.24
N TYR A 64 18.23 36.84 9.65
CA TYR A 64 17.35 36.33 8.60
C TYR A 64 16.20 35.53 9.22
N SER A 65 15.29 35.07 8.36
CA SER A 65 14.09 34.38 8.83
C SER A 65 14.39 33.08 9.55
N ASP A 66 15.57 32.50 9.33
CA ASP A 66 15.94 31.25 9.97
C ASP A 66 16.45 31.43 11.40
N GLY A 67 16.52 32.67 11.88
CA GLY A 67 17.02 32.93 13.22
C GLY A 67 18.53 32.93 13.34
N CYS A 68 19.26 33.14 12.24
CA CYS A 68 20.71 33.14 12.25
C CYS A 68 21.24 34.40 11.59
N PHE A 69 22.41 34.85 12.05
CA PHE A 69 23.02 36.10 11.61
C PHE A 69 23.87 35.88 10.36
N TYR A 70 23.79 36.83 9.43
CA TYR A 70 24.57 36.79 8.20
C TYR A 70 25.12 38.17 7.91
N ARG A 71 26.19 38.22 7.12
CA ARG A 71 26.81 39.49 6.75
C ARG A 71 25.94 40.22 5.73
N ALA A 72 25.59 41.47 6.03
CA ALA A 72 24.77 42.27 5.14
C ALA A 72 25.30 43.70 5.07
N GLN A 73 25.02 44.36 3.96
CA GLN A 73 25.35 45.76 3.75
C GLN A 73 24.07 46.56 3.64
N ILE A 74 23.95 47.59 4.46
CA ILE A 74 22.87 48.56 4.37
C ILE A 74 23.03 49.30 3.05
N ILE A 75 22.08 49.11 2.13
CA ILE A 75 22.09 49.78 0.84
C ILE A 75 21.03 50.85 0.72
N ASP A 76 20.24 51.07 1.76
CA ASP A 76 19.33 52.21 1.85
C ASP A 76 18.93 52.42 3.30
N GLU A 77 18.46 53.63 3.57
CA GLU A 77 18.09 54.02 4.92
C GLU A 77 16.87 54.91 4.87
N PHE A 78 15.89 54.60 5.71
CA PHE A 78 14.71 55.40 5.94
C PHE A 78 14.57 55.60 7.44
N PRO A 79 13.70 56.53 7.88
CA PRO A 79 13.54 56.72 9.34
C PRO A 79 13.21 55.45 10.10
N SER A 80 12.29 54.62 9.59
CA SER A 80 11.84 53.46 10.36
C SER A 80 12.50 52.15 9.96
N GLU A 81 13.13 52.07 8.79
CA GLU A 81 13.73 50.81 8.36
C GLU A 81 15.02 51.05 7.59
N TYR A 82 15.85 50.01 7.59
CA TYR A 82 16.97 49.85 6.67
C TYR A 82 16.59 48.86 5.58
N MET A 83 17.18 49.05 4.41
CA MET A 83 17.14 48.09 3.32
C MET A 83 18.52 47.48 3.17
N ILE A 84 18.62 46.15 3.25
CA ILE A 84 19.90 45.48 3.41
C ILE A 84 20.06 44.38 2.36
N PHE A 85 21.33 44.12 2.02
CA PHE A 85 21.72 43.12 1.03
C PHE A 85 22.71 42.15 1.66
N TYR A 86 22.41 40.86 1.62
CA TYR A 86 23.28 39.85 2.20
C TYR A 86 24.42 39.58 1.23
N VAL A 87 25.65 39.92 1.63
CA VAL A 87 26.77 39.94 0.68
C VAL A 87 27.24 38.54 0.29
N ASP A 88 26.95 37.52 1.09
CA ASP A 88 27.32 36.15 0.74
C ASP A 88 26.15 35.33 0.23
N TYR A 89 24.94 35.88 0.18
CA TYR A 89 23.78 35.09 -0.19
C TYR A 89 22.93 35.77 -1.26
N GLY A 90 22.83 37.09 -1.22
CA GLY A 90 22.32 37.84 -2.35
C GLY A 90 20.85 38.20 -2.34
N ASN A 91 20.17 38.08 -1.20
CA ASN A 91 18.78 38.50 -1.10
C ASN A 91 18.69 39.84 -0.39
N THR A 92 17.69 40.62 -0.78
CA THR A 92 17.45 41.94 -0.23
C THR A 92 16.28 41.90 0.74
N GLU A 93 16.42 42.60 1.87
CA GLU A 93 15.42 42.57 2.93
C GLU A 93 15.25 43.98 3.50
N PHE A 94 14.21 44.15 4.31
CA PHE A 94 13.99 45.36 5.09
C PHE A 94 14.00 44.97 6.56
N VAL A 95 14.79 45.69 7.37
CA VAL A 95 14.96 45.33 8.78
C VAL A 95 14.96 46.59 9.62
N PRO A 96 14.68 46.45 10.93
CA PRO A 96 14.90 47.56 11.86
C PRO A 96 16.22 47.41 12.61
N LEU A 97 16.60 48.44 13.39
CA LEU A 97 17.89 48.43 14.05
C LEU A 97 18.06 47.23 14.98
N SER A 98 16.96 46.76 15.58
CA SER A 98 17.05 45.63 16.51
C SER A 98 17.47 44.35 15.82
N CYS A 99 17.30 44.25 14.49
CA CYS A 99 17.74 43.09 13.74
C CYS A 99 19.20 43.16 13.33
N LEU A 100 19.91 44.21 13.72
CA LEU A 100 21.28 44.42 13.28
C LEU A 100 22.24 44.31 14.46
N ALA A 101 23.44 43.81 14.16
CA ALA A 101 24.50 43.65 15.13
C ALA A 101 25.80 44.11 14.49
N PRO A 102 26.70 44.71 15.28
CA PRO A 102 28.02 45.04 14.74
C PRO A 102 28.75 43.78 14.30
N CYS A 103 29.45 43.87 13.17
CA CYS A 103 30.27 42.79 12.64
C CYS A 103 31.73 43.17 12.69
N GLU A 104 32.55 42.35 13.34
CA GLU A 104 33.96 42.67 13.58
C GLU A 104 34.74 42.71 12.28
N ASN A 105 35.89 43.37 12.32
CA ASN A 105 36.65 43.66 11.10
C ASN A 105 37.29 42.41 10.52
N VAL A 106 37.67 41.44 11.36
CA VAL A 106 38.22 40.20 10.83
C VAL A 106 37.18 39.48 9.98
N ASP A 107 35.94 39.40 10.49
CA ASP A 107 34.87 38.79 9.72
C ASP A 107 34.38 39.71 8.60
N SER A 108 34.44 41.02 8.80
CA SER A 108 33.93 41.96 7.80
C SER A 108 34.84 42.03 6.58
N PHE A 109 36.15 41.81 6.77
CA PHE A 109 37.10 41.98 5.68
C PHE A 109 37.12 40.79 4.73
N LYS A 110 36.60 39.64 5.16
CA LYS A 110 36.50 38.49 4.27
C LYS A 110 35.75 38.89 3.00
N PRO A 111 36.20 38.42 1.83
CA PRO A 111 35.55 38.85 0.58
C PRO A 111 34.10 38.38 0.49
N HIS A 112 33.31 39.16 -0.24
CA HIS A 112 31.90 38.84 -0.44
C HIS A 112 31.77 37.62 -1.36
N ARG A 113 30.96 36.66 -0.96
CA ARG A 113 30.94 35.35 -1.60
C ARG A 113 29.87 35.21 -2.68
N VAL A 114 28.96 36.17 -2.82
CA VAL A 114 27.85 36.02 -3.76
C VAL A 114 28.25 36.56 -5.12
N PHE A 115 27.79 35.87 -6.16
CA PHE A 115 28.00 36.24 -7.55
C PHE A 115 26.75 35.86 -8.34
N SER A 116 26.62 36.44 -9.53
CA SER A 116 25.43 36.26 -10.36
C SER A 116 25.76 35.34 -11.53
N PHE A 117 24.94 34.31 -11.73
CA PHE A 117 25.10 33.36 -12.82
C PHE A 117 23.84 33.36 -13.68
N HIS A 118 24.04 33.30 -15.00
CA HIS A 118 22.97 33.23 -15.98
C HIS A 118 23.00 31.87 -16.66
N ILE A 119 21.82 31.24 -16.79
CA ILE A 119 21.69 30.06 -17.63
C ILE A 119 21.81 30.48 -19.09
N GLU A 120 22.73 29.86 -19.79
CA GLU A 120 23.00 30.24 -21.19
C GLU A 120 21.85 29.80 -22.08
N GLY A 121 21.63 30.52 -23.16
CA GLY A 121 20.70 30.11 -24.20
C GLY A 121 19.25 30.39 -23.93
N ILE A 122 18.89 30.94 -22.78
CA ILE A 122 17.50 31.26 -22.47
C ILE A 122 17.43 32.61 -21.75
N VAL A 123 16.29 33.27 -21.92
CA VAL A 123 15.96 34.53 -21.26
C VAL A 123 14.53 34.44 -20.74
N ARG A 124 14.18 35.37 -19.86
CA ARG A 124 12.82 35.39 -19.34
C ARG A 124 11.83 35.71 -20.46
N SER A 125 10.70 35.03 -20.44
CA SER A 125 9.67 35.25 -21.45
C SER A 125 9.14 36.67 -21.38
N LYS A 126 8.89 37.27 -22.54
CA LYS A 126 8.33 38.62 -22.55
C LYS A 126 6.91 38.63 -22.02
N ASN A 127 6.16 37.57 -22.25
CA ASN A 127 4.76 37.49 -21.86
C ASN A 127 4.56 37.04 -20.41
N LEU A 128 5.64 36.96 -19.62
CA LEU A 128 5.52 36.49 -18.25
C LEU A 128 4.75 37.50 -17.40
N THR A 129 3.65 37.07 -16.82
CA THR A 129 2.87 37.91 -15.91
C THR A 129 3.52 37.92 -14.53
N HIS A 130 3.06 38.84 -13.68
CA HIS A 130 3.60 38.92 -12.32
C HIS A 130 3.42 37.59 -11.59
N GLN A 131 2.23 37.00 -11.69
CA GLN A 131 1.95 35.76 -10.97
C GLN A 131 2.78 34.60 -11.50
N LYS A 132 2.83 34.44 -12.83
CA LYS A 132 3.66 33.38 -13.41
C LYS A 132 5.12 33.57 -13.06
N THR A 133 5.58 34.81 -12.92
CA THR A 133 6.94 35.08 -12.50
C THR A 133 7.17 34.58 -11.07
N ILE A 134 6.25 34.92 -10.15
CA ILE A 134 6.33 34.40 -8.79
C ILE A 134 6.41 32.88 -8.80
N GLU A 135 5.57 32.25 -9.63
CA GLU A 135 5.49 30.79 -9.64
C GLU A 135 6.79 30.16 -10.14
N CYS A 136 7.40 30.75 -11.18
CA CYS A 136 8.67 30.25 -11.67
C CYS A 136 9.76 30.37 -10.60
N ILE A 137 9.74 31.49 -9.87
CA ILE A 137 10.71 31.64 -8.78
C ILE A 137 10.52 30.53 -7.75
N GLU A 138 9.26 30.20 -7.45
CA GLU A 138 9.02 29.13 -6.49
C GLU A 138 9.45 27.77 -7.01
N TYR A 139 9.26 27.51 -8.32
CA TYR A 139 9.71 26.24 -8.89
C TYR A 139 11.23 26.12 -8.81
N LEU A 140 11.94 27.17 -9.21
CA LEU A 140 13.40 27.14 -9.12
C LEU A 140 13.89 27.08 -7.67
N LYS A 141 13.14 27.67 -6.74
CA LYS A 141 13.47 27.49 -5.32
C LYS A 141 13.33 26.04 -4.90
N SER A 142 12.26 25.38 -5.34
CA SER A 142 12.06 23.98 -5.02
C SER A 142 13.18 23.11 -5.56
N LYS A 143 13.76 23.47 -6.70
CA LYS A 143 14.77 22.60 -7.30
C LYS A 143 16.22 22.97 -6.95
N LEU A 144 16.54 24.26 -6.85
CA LEU A 144 17.93 24.71 -6.84
C LEU A 144 18.37 25.40 -5.56
N LEU A 145 17.46 25.83 -4.71
CA LEU A 145 17.86 26.64 -3.55
C LEU A 145 18.74 25.84 -2.61
N ASN A 146 19.92 26.39 -2.31
CA ASN A 146 20.89 25.81 -1.40
C ASN A 146 21.47 24.50 -1.92
N THR A 147 21.42 24.30 -3.23
CA THR A 147 21.87 23.07 -3.86
C THR A 147 23.29 23.24 -4.37
N GLU A 148 24.16 22.31 -4.01
CA GLU A 148 25.53 22.29 -4.51
C GLU A 148 25.60 21.49 -5.79
N MET A 149 26.24 22.04 -6.81
CA MET A 149 26.40 21.26 -8.06
C MET A 149 27.53 21.85 -8.92
N ASN A 150 28.19 20.99 -9.69
CA ASN A 150 29.17 21.43 -10.68
C ASN A 150 28.45 21.89 -11.93
N VAL A 151 28.97 22.97 -12.53
CA VAL A 151 28.41 23.54 -13.74
C VAL A 151 29.56 23.90 -14.67
N HIS A 152 29.21 24.13 -15.93
CA HIS A 152 30.18 24.57 -16.94
C HIS A 152 30.15 26.09 -17.00
N LEU A 153 31.28 26.71 -16.66
CA LEU A 153 31.44 28.16 -16.73
C LEU A 153 31.70 28.53 -18.18
N VAL A 154 30.61 28.83 -18.90
CA VAL A 154 30.73 29.11 -20.33
C VAL A 154 31.52 30.39 -20.56
N GLN A 155 31.27 31.41 -19.77
CA GLN A 155 31.74 32.74 -20.13
C GLN A 155 31.75 33.64 -18.92
N ARG A 156 32.52 34.70 -19.05
CA ARG A 156 32.51 35.77 -18.02
C ARG A 156 31.75 36.91 -18.66
N LEU A 157 30.95 37.56 -17.85
CA LEU A 157 30.10 38.67 -18.28
C LEU A 157 30.44 39.87 -17.43
N PRO A 158 30.00 41.08 -17.85
CA PRO A 158 30.18 42.23 -16.95
C PRO A 158 29.41 42.07 -15.65
N ASP A 159 28.19 41.53 -15.75
CA ASP A 159 27.36 41.31 -14.57
C ASP A 159 27.95 40.23 -13.67
N GLY A 160 28.39 39.13 -14.26
CA GLY A 160 28.87 37.99 -13.51
C GLY A 160 29.33 36.89 -14.43
N PHE A 161 28.67 35.74 -14.38
CA PHE A 161 29.10 34.59 -15.16
C PHE A 161 27.94 33.99 -15.93
N LEU A 162 28.28 33.39 -17.08
CA LEU A 162 27.35 32.64 -17.91
C LEU A 162 27.73 31.16 -17.76
N ILE A 163 26.82 30.39 -17.17
CA ILE A 163 27.03 28.98 -16.89
C ILE A 163 26.08 28.15 -17.73
N ARG A 164 26.43 26.87 -17.88
CA ARG A 164 25.58 25.89 -18.55
C ARG A 164 25.50 24.65 -17.67
N PHE A 165 24.28 24.14 -17.49
CA PHE A 165 24.08 23.01 -16.59
C PHE A 165 24.60 21.73 -17.22
N LEU A 166 24.98 20.79 -16.35
CA LEU A 166 25.50 19.50 -16.77
C LEU A 166 24.36 18.48 -16.84
N ASP A 167 24.71 17.22 -17.04
CA ASP A 167 23.69 16.21 -17.36
C ASP A 167 22.72 16.00 -16.21
N ASP A 168 23.13 16.27 -14.97
CA ASP A 168 22.24 16.05 -13.84
C ASP A 168 21.24 17.17 -13.64
N TRP A 169 21.49 18.36 -14.21
CA TRP A 169 20.58 19.49 -14.06
C TRP A 169 20.22 20.15 -15.39
N LYS A 170 20.55 19.53 -16.52
CA LYS A 170 20.19 20.12 -17.80
C LYS A 170 18.69 20.13 -18.04
N TYR A 171 17.91 19.46 -17.18
CA TYR A 171 16.46 19.47 -17.34
C TYR A 171 15.83 20.78 -16.89
N ILE A 172 16.51 21.56 -16.07
CA ILE A 172 15.94 22.78 -15.51
C ILE A 172 15.64 23.80 -16.60
N PRO A 173 16.60 24.17 -17.46
CA PRO A 173 16.26 25.06 -18.58
C PRO A 173 15.21 24.47 -19.52
N GLU A 174 15.23 23.14 -19.71
CA GLU A 174 14.22 22.49 -20.54
C GLU A 174 12.83 22.69 -19.96
N GLN A 175 12.69 22.56 -18.64
CA GLN A 175 11.40 22.76 -18.00
C GLN A 175 10.98 24.23 -18.09
N LEU A 176 11.93 25.14 -17.87
CA LEU A 176 11.61 26.57 -17.99
C LEU A 176 11.09 26.90 -19.39
N LEU A 177 11.70 26.31 -20.42
CA LEU A 177 11.20 26.49 -21.78
C LEU A 177 9.84 25.81 -21.95
N GLN A 178 9.70 24.60 -21.42
CA GLN A 178 8.45 23.85 -21.53
C GLN A 178 7.30 24.61 -20.88
N ARG A 179 7.54 25.22 -19.73
CA ARG A 179 6.51 25.88 -18.96
C ARG A 179 6.34 27.35 -19.34
N ASN A 180 6.97 27.79 -20.43
CA ASN A 180 6.85 29.15 -20.95
C ASN A 180 7.28 30.20 -19.92
N TYR A 181 8.11 29.79 -18.95
CA TYR A 181 8.81 30.75 -18.11
C TYR A 181 9.95 31.41 -18.85
N ALA A 182 10.40 30.82 -19.95
CA ALA A 182 11.60 31.27 -20.64
C ALA A 182 11.47 31.05 -22.13
N GLN A 183 12.16 31.88 -22.90
CA GLN A 183 12.30 31.72 -24.33
C GLN A 183 13.78 31.67 -24.67
N VAL A 184 14.09 31.25 -25.89
CA VAL A 184 15.48 31.15 -26.29
C VAL A 184 16.01 32.55 -26.63
N SER A 185 17.34 32.69 -26.56
CA SER A 185 17.98 33.98 -26.74
C SER A 185 18.24 34.30 -28.21
N ARG B 8 23.93 24.61 9.19
CA ARG B 8 24.97 24.88 8.17
C ARG B 8 24.42 25.90 7.19
N GLY B 9 24.20 25.47 5.95
CA GLY B 9 23.58 26.37 4.98
C GLY B 9 22.09 26.44 5.19
N 2MR B 10 21.44 27.32 4.50
CA 2MR B 10 19.98 27.38 4.66
CB 2MR B 10 19.51 28.76 4.17
CG 2MR B 10 20.63 29.69 3.71
CD 2MR B 10 20.54 31.12 4.20
NE 2MR B 10 20.14 32.05 3.16
CZ 2MR B 10 20.23 33.36 3.27
NH1 2MR B 10 20.72 33.87 4.31
CQ1 2MR B 10 20.56 35.27 4.51
NH2 2MR B 10 19.84 34.10 2.27
CQ2 2MR B 10 19.16 33.59 1.11
C 2MR B 10 19.35 26.16 3.97
O 2MR B 10 20.02 25.54 3.18
N GLY B 11 18.15 25.76 4.34
CA GLY B 11 17.48 24.64 3.66
C GLY B 11 16.37 25.15 2.76
N GLU C 7 -21.98 44.33 4.26
CA GLU C 7 -21.20 44.84 5.38
C GLU C 7 -20.07 45.75 4.93
N ILE C 8 -20.36 46.63 3.97
CA ILE C 8 -19.33 47.44 3.32
C ILE C 8 -19.05 48.70 4.13
N GLY C 9 -19.57 48.75 5.35
CA GLY C 9 -19.30 49.89 6.20
C GLY C 9 -18.52 49.51 7.44
N SER C 10 -18.37 48.20 7.66
CA SER C 10 -17.92 47.68 8.94
C SER C 10 -16.41 47.78 9.12
N ILE C 11 -16.00 47.92 10.38
CA ILE C 11 -14.60 47.83 10.78
C ILE C 11 -14.37 46.41 11.27
N VAL C 12 -13.48 45.68 10.59
CA VAL C 12 -13.23 44.28 10.94
C VAL C 12 -11.74 44.10 11.12
N GLY C 13 -11.37 43.24 12.07
CA GLY C 13 -9.99 42.85 12.22
C GLY C 13 -9.63 41.74 11.24
N ILE C 14 -8.44 41.86 10.65
CA ILE C 14 -7.93 40.88 9.71
C ILE C 14 -6.51 40.53 10.12
N LEU C 15 -6.04 39.41 9.56
CA LEU C 15 -4.68 38.90 9.73
C LEU C 15 -4.10 38.74 8.34
N ILE C 16 -3.09 39.53 8.02
CA ILE C 16 -2.41 39.40 6.74
C ILE C 16 -1.44 38.24 6.80
N THR C 17 -1.44 37.41 5.75
CA THR C 17 -0.70 36.16 5.71
C THR C 17 0.30 36.08 4.57
N PHE C 18 0.12 36.85 3.50
CA PHE C 18 0.94 36.75 2.32
C PHE C 18 0.78 38.03 1.52
N ILE C 19 1.87 38.50 0.92
CA ILE C 19 1.88 39.72 0.12
C ILE C 19 1.87 39.30 -1.34
N ASN C 20 0.72 39.46 -2.00
CA ASN C 20 0.57 39.01 -3.38
C ASN C 20 0.95 40.06 -4.40
N GLY C 21 1.00 41.34 -4.01
CA GLY C 21 1.32 42.39 -4.93
C GLY C 21 1.56 43.71 -4.23
N PRO C 22 1.99 44.72 -5.00
CA PRO C 22 2.21 46.04 -4.40
C PRO C 22 0.99 46.59 -3.70
N THR C 23 -0.21 46.36 -4.23
CA THR C 23 -1.43 46.88 -3.66
C THR C 23 -2.41 45.77 -3.25
N GLU C 24 -1.91 44.57 -3.01
CA GLU C 24 -2.78 43.42 -2.79
C GLU C 24 -2.16 42.47 -1.77
N VAL C 25 -2.88 42.21 -0.68
CA VAL C 25 -2.45 41.27 0.34
C VAL C 25 -3.49 40.16 0.46
N TYR C 26 -3.08 39.06 1.07
CA TYR C 26 -3.95 37.94 1.38
C TYR C 26 -4.13 37.87 2.89
N GLY C 27 -5.32 37.49 3.34
CA GLY C 27 -5.54 37.49 4.77
C GLY C 27 -6.72 36.66 5.20
N GLN C 28 -6.90 36.59 6.51
CA GLN C 28 -8.05 35.95 7.12
C GLN C 28 -8.84 36.97 7.93
N PHE C 29 -10.14 36.73 8.05
CA PHE C 29 -10.95 37.48 8.99
C PHE C 29 -10.83 36.85 10.36
N LEU C 30 -10.64 37.68 11.39
CA LEU C 30 -10.48 37.17 12.74
C LEU C 30 -11.77 36.48 13.20
N ASP C 31 -11.74 35.15 13.26
CA ASP C 31 -12.89 34.38 13.73
C ASP C 31 -12.93 34.29 15.25
N GLY C 32 -11.76 34.25 15.89
CA GLY C 32 -11.64 33.78 17.26
C GLY C 32 -11.41 32.29 17.38
N SER C 33 -11.33 31.57 16.26
CA SER C 33 -11.16 30.12 16.19
C SER C 33 -9.70 29.77 16.05
N PRO C 34 -9.28 28.53 16.35
CA PRO C 34 -7.87 28.23 16.40
C PRO C 34 -7.31 28.08 14.93
N PRO C 35 -6.04 28.39 14.77
CA PRO C 35 -5.50 28.35 13.39
C PRO C 35 -5.40 26.92 12.87
N LEU C 36 -5.45 26.81 11.54
CA LEU C 36 -5.41 25.51 10.87
C LEU C 36 -3.95 25.19 10.54
N VAL C 37 -3.25 24.69 11.57
CA VAL C 37 -1.84 24.38 11.49
C VAL C 37 -1.59 23.10 12.27
N TRP C 38 -0.74 22.22 11.72
CA TRP C 38 -0.39 20.97 12.36
C TRP C 38 1.12 20.87 12.52
N ASP C 39 1.57 20.69 13.77
CA ASP C 39 2.96 20.37 14.03
C ASP C 39 3.26 18.94 13.58
N LYS C 40 4.55 18.64 13.43
CA LYS C 40 4.98 17.29 13.09
C LYS C 40 4.42 16.28 14.09
N LYS C 41 4.38 16.65 15.35
CA LYS C 41 3.85 15.75 16.40
C LYS C 41 2.36 15.53 16.20
N ASP C 42 1.63 16.56 15.80
CA ASP C 42 0.15 16.43 15.65
C ASP C 42 -0.22 15.38 14.61
N VAL C 43 0.58 15.24 13.55
CA VAL C 43 0.24 14.25 12.50
C VAL C 43 0.81 12.90 12.89
N PRO C 44 0.01 11.97 13.43
CA PRO C 44 0.52 10.69 13.84
C PRO C 44 0.84 9.73 12.70
N GLU C 45 1.55 8.68 13.05
CA GLU C 45 2.06 7.57 12.21
C GLU C 45 0.96 6.98 11.34
N ASN C 46 -0.20 6.63 11.88
CA ASN C 46 -1.18 6.00 10.97
C ASN C 46 -1.91 7.01 10.11
N LYS C 47 -1.78 8.29 10.44
CA LYS C 47 -2.51 9.25 9.62
C LYS C 47 -1.63 9.80 8.50
N ARG C 48 -0.45 9.25 8.26
CA ARG C 48 0.37 9.81 7.17
C ARG C 48 0.38 8.99 5.90
N THR C 49 -0.41 7.94 5.76
CA THR C 49 -0.31 7.09 4.55
C THR C 49 -1.45 7.36 3.59
N PHE C 50 -1.17 7.54 2.31
CA PHE C 50 -2.19 7.80 1.27
C PHE C 50 -2.70 6.49 0.70
N LYS C 51 -3.94 6.45 0.21
CA LYS C 51 -4.44 5.20 -0.39
C LYS C 51 -4.34 5.31 -1.89
N SER C 52 -4.16 6.52 -2.37
CA SER C 52 -3.90 6.68 -3.80
C SER C 52 -2.98 7.89 -3.98
N LYS C 53 -2.35 7.95 -5.15
CA LYS C 53 -1.49 9.07 -5.48
C LYS C 53 -2.30 10.36 -5.48
N PRO C 54 -1.94 11.37 -4.68
CA PRO C 54 -2.66 12.65 -4.69
C PRO C 54 -2.79 13.20 -6.11
N ARG C 55 -3.81 14.02 -6.31
CA ARG C 55 -4.12 14.49 -7.67
C ARG C 55 -4.70 15.90 -7.65
N LEU C 56 -5.00 16.39 -8.83
CA LEU C 56 -5.53 17.74 -9.02
C LEU C 56 -6.72 17.99 -8.11
N LEU C 57 -6.70 19.16 -7.45
CA LEU C 57 -7.78 19.69 -6.63
C LEU C 57 -7.91 19.02 -5.27
N ASP C 58 -7.15 17.94 -5.02
CA ASP C 58 -7.18 17.32 -3.70
C ASP C 58 -6.76 18.33 -2.64
N ILE C 59 -7.45 18.28 -1.50
CA ILE C 59 -7.01 19.03 -0.33
C ILE C 59 -6.15 18.09 0.51
N VAL C 60 -4.94 18.52 0.80
CA VAL C 60 -3.96 17.75 1.55
C VAL C 60 -3.40 18.63 2.65
N LEU C 61 -2.49 18.05 3.42
CA LEU C 61 -1.64 18.80 4.34
C LEU C 61 -0.24 18.86 3.75
N ALA C 62 0.32 20.06 3.63
CA ALA C 62 1.64 20.27 3.07
C ALA C 62 2.55 20.84 4.14
N LEU C 63 3.81 20.41 4.13
CA LEU C 63 4.80 20.85 5.09
C LEU C 63 5.43 22.15 4.60
N TYR C 64 5.36 23.19 5.43
CA TYR C 64 5.83 24.52 5.07
C TYR C 64 7.25 24.74 5.60
N SER C 65 7.81 25.90 5.26
CA SER C 65 9.19 26.20 5.63
C SER C 65 9.38 26.29 7.13
N ASP C 66 8.31 26.37 7.89
CA ASP C 66 8.41 26.53 9.36
C ASP C 66 8.35 25.17 10.05
N GLY C 67 8.37 24.11 9.29
CA GLY C 67 8.27 22.78 9.86
C GLY C 67 6.89 22.39 10.36
N CYS C 68 5.85 23.11 9.96
CA CYS C 68 4.48 22.78 10.32
C CYS C 68 3.67 22.48 9.07
N PHE C 69 2.57 21.76 9.27
CA PHE C 69 1.67 21.36 8.18
C PHE C 69 0.52 22.35 8.07
N TYR C 70 0.19 22.74 6.84
CA TYR C 70 -0.95 23.60 6.57
C TYR C 70 -1.81 22.99 5.47
N ARG C 71 -3.09 23.33 5.48
CA ARG C 71 -3.99 22.86 4.44
C ARG C 71 -3.57 23.43 3.09
N ALA C 72 -3.53 22.57 2.08
CA ALA C 72 -3.18 23.00 0.73
C ALA C 72 -4.09 22.30 -0.25
N GLN C 73 -4.18 22.88 -1.45
CA GLN C 73 -4.92 22.31 -2.57
C GLN C 73 -3.95 22.18 -3.74
N ILE C 74 -4.00 21.03 -4.40
CA ILE C 74 -3.14 20.74 -5.54
C ILE C 74 -3.79 21.37 -6.78
N ILE C 75 -3.22 22.48 -7.26
CA ILE C 75 -3.81 23.20 -8.39
C ILE C 75 -3.09 22.90 -9.69
N ASP C 76 -1.98 22.18 -9.66
CA ASP C 76 -1.34 21.68 -10.87
C ASP C 76 -0.41 20.53 -10.46
N GLU C 77 -0.30 19.54 -11.36
CA GLU C 77 0.56 18.35 -11.12
C GLU C 77 1.50 18.12 -12.30
N PHE C 78 2.76 17.81 -12.01
CA PHE C 78 3.79 17.53 -13.00
C PHE C 78 4.38 16.16 -12.72
N PRO C 79 5.12 15.59 -13.68
CA PRO C 79 5.71 14.26 -13.43
C PRO C 79 6.49 14.16 -12.13
N SER C 80 7.22 15.22 -11.76
CA SER C 80 8.11 15.17 -10.61
C SER C 80 7.64 15.98 -9.41
N GLU C 81 6.60 16.80 -9.53
CA GLU C 81 6.20 17.63 -8.41
C GLU C 81 4.77 18.14 -8.60
N TYR C 82 4.22 18.66 -7.51
CA TYR C 82 2.90 19.30 -7.48
C TYR C 82 3.06 20.80 -7.27
N MET C 83 2.14 21.57 -7.85
CA MET C 83 1.97 22.98 -7.53
C MET C 83 0.82 23.10 -6.53
N ILE C 84 1.10 23.71 -5.38
CA ILE C 84 0.16 23.72 -4.26
C ILE C 84 -0.15 25.15 -3.86
N PHE C 85 -1.39 25.36 -3.41
CA PHE C 85 -1.89 26.62 -2.91
C PHE C 85 -2.39 26.41 -1.48
N TYR C 86 -1.89 27.19 -0.54
CA TYR C 86 -2.31 27.03 0.85
C TYR C 86 -3.63 27.76 1.04
N VAL C 87 -4.71 26.99 1.18
CA VAL C 87 -6.06 27.54 1.10
C VAL C 87 -6.37 28.52 2.23
N ASP C 88 -5.63 28.47 3.34
CA ASP C 88 -5.87 29.37 4.45
C ASP C 88 -4.84 30.49 4.54
N TYR C 89 -3.85 30.52 3.63
CA TYR C 89 -2.76 31.47 3.79
C TYR C 89 -2.38 32.19 2.50
N GLY C 90 -2.56 31.53 1.36
CA GLY C 90 -2.52 32.21 0.08
C GLY C 90 -1.23 32.12 -0.70
N ASN C 91 -0.17 31.54 -0.13
CA ASN C 91 1.06 31.41 -0.91
C ASN C 91 0.99 30.18 -1.81
N THR C 92 1.76 30.24 -2.90
CA THR C 92 1.85 29.16 -3.87
C THR C 92 3.26 28.57 -3.84
N GLU C 93 3.35 27.27 -4.10
CA GLU C 93 4.63 26.59 -3.98
C GLU C 93 4.68 25.36 -4.88
N PHE C 94 5.84 24.72 -4.90
CA PHE C 94 6.07 23.45 -5.57
C PHE C 94 6.64 22.46 -4.58
N VAL C 95 6.00 21.30 -4.45
CA VAL C 95 6.44 20.31 -3.47
C VAL C 95 6.40 18.93 -4.08
N PRO C 96 7.31 18.05 -3.65
CA PRO C 96 7.22 16.64 -4.01
C PRO C 96 6.30 15.90 -3.03
N LEU C 97 5.97 14.66 -3.40
CA LEU C 97 5.00 13.89 -2.62
C LEU C 97 5.44 13.74 -1.17
N SER C 98 6.74 13.82 -0.90
CA SER C 98 7.23 13.63 0.46
C SER C 98 6.71 14.72 1.40
N CYS C 99 6.51 15.93 0.89
CA CYS C 99 6.03 17.02 1.73
C CYS C 99 4.53 16.96 1.99
N LEU C 100 3.82 16.03 1.36
CA LEU C 100 2.37 15.94 1.50
C LEU C 100 2.01 14.89 2.54
N ALA C 101 0.88 15.14 3.20
CA ALA C 101 0.27 14.23 4.15
C ALA C 101 -1.24 14.27 3.91
N PRO C 102 -1.94 13.19 4.19
CA PRO C 102 -3.39 13.16 3.94
C PRO C 102 -4.12 14.15 4.83
N CYS C 103 -5.20 14.69 4.30
CA CYS C 103 -6.09 15.57 5.07
C CYS C 103 -7.40 14.84 5.32
N GLU C 104 -7.69 14.61 6.59
CA GLU C 104 -8.93 13.97 7.00
C GLU C 104 -10.13 14.81 6.55
N ASN C 105 -11.25 14.13 6.30
CA ASN C 105 -12.40 14.79 5.70
C ASN C 105 -12.95 15.89 6.60
N VAL C 106 -12.90 15.67 7.92
CA VAL C 106 -13.23 16.72 8.89
C VAL C 106 -12.61 18.05 8.48
N ASP C 107 -11.30 18.04 8.24
CA ASP C 107 -10.57 19.28 8.03
C ASP C 107 -10.58 19.72 6.58
N SER C 108 -10.66 18.77 5.63
CA SER C 108 -10.73 19.17 4.23
C SER C 108 -12.03 19.89 3.93
N PHE C 109 -13.12 19.47 4.57
CA PHE C 109 -14.41 20.10 4.28
C PHE C 109 -14.52 21.51 4.85
N LYS C 110 -13.67 21.89 5.79
CA LYS C 110 -13.76 23.21 6.40
C LYS C 110 -13.52 24.30 5.34
N PRO C 111 -14.19 25.46 5.45
CA PRO C 111 -14.05 26.47 4.40
C PRO C 111 -12.68 27.13 4.41
N HIS C 112 -12.18 27.45 3.20
CA HIS C 112 -10.88 28.08 3.05
C HIS C 112 -10.90 29.48 3.67
N ARG C 113 -9.89 29.78 4.51
CA ARG C 113 -9.89 31.00 5.29
C ARG C 113 -9.25 32.21 4.58
N VAL C 114 -8.60 32.02 3.44
CA VAL C 114 -7.83 33.11 2.83
C VAL C 114 -8.69 33.90 1.88
N PHE C 115 -8.45 35.21 1.85
CA PHE C 115 -9.18 36.16 1.02
C PHE C 115 -8.21 37.19 0.49
N SER C 116 -8.64 37.88 -0.58
CA SER C 116 -7.85 38.88 -1.27
C SER C 116 -8.29 40.27 -0.81
N PHE C 117 -7.33 41.13 -0.51
CA PHE C 117 -7.60 42.51 -0.09
C PHE C 117 -6.78 43.43 -0.97
N HIS C 118 -7.45 44.30 -1.71
CA HIS C 118 -6.80 45.39 -2.41
C HIS C 118 -6.94 46.66 -1.59
N ILE C 119 -5.87 47.46 -1.53
CA ILE C 119 -5.89 48.72 -0.81
C ILE C 119 -6.64 49.75 -1.65
N GLU C 120 -7.42 50.59 -0.99
CA GLU C 120 -8.26 51.55 -1.71
C GLU C 120 -7.43 52.67 -2.31
N GLY C 121 -7.65 52.96 -3.59
CA GLY C 121 -7.17 54.14 -4.25
C GLY C 121 -5.90 53.96 -5.05
N ILE C 122 -5.10 52.96 -4.73
CA ILE C 122 -3.77 52.81 -5.31
C ILE C 122 -3.70 51.51 -6.11
N VAL C 123 -2.81 51.51 -7.11
CA VAL C 123 -2.58 50.39 -8.02
C VAL C 123 -1.09 50.38 -8.34
N ARG C 124 -0.56 49.20 -8.67
CA ARG C 124 0.88 49.10 -8.88
C ARG C 124 1.36 50.06 -9.97
N SER C 125 2.58 50.59 -9.78
CA SER C 125 3.17 51.50 -10.76
C SER C 125 3.17 50.86 -12.13
N LYS C 126 2.72 51.62 -13.14
CA LYS C 126 2.49 51.04 -14.46
C LYS C 126 3.75 50.36 -14.99
N ASN C 127 4.88 51.06 -14.97
CA ASN C 127 6.15 50.41 -15.29
C ASN C 127 7.02 50.46 -14.04
N LEU C 128 7.04 49.33 -13.34
CA LEU C 128 7.86 49.08 -12.17
C LEU C 128 8.80 47.93 -12.51
N THR C 129 10.10 48.15 -12.34
CA THR C 129 11.06 47.11 -12.67
C THR C 129 10.85 45.88 -11.79
N HIS C 130 11.37 44.75 -12.26
CA HIS C 130 11.26 43.50 -11.49
C HIS C 130 11.93 43.65 -10.12
N GLN C 131 13.11 44.28 -10.08
CA GLN C 131 13.85 44.40 -8.82
C GLN C 131 13.07 45.25 -7.81
N LYS C 132 12.48 46.35 -8.25
CA LYS C 132 11.72 47.14 -7.30
C LYS C 132 10.34 46.55 -7.03
N THR C 133 9.85 45.66 -7.89
CA THR C 133 8.73 44.81 -7.51
C THR C 133 9.10 43.95 -6.31
N ILE C 134 10.27 43.29 -6.37
CA ILE C 134 10.72 42.46 -5.25
C ILE C 134 10.89 43.29 -3.99
N GLU C 135 11.50 44.46 -4.12
CA GLU C 135 11.71 45.30 -2.94
C GLU C 135 10.39 45.85 -2.38
N CYS C 136 9.41 46.10 -3.25
CA CYS C 136 8.08 46.46 -2.76
C CYS C 136 7.46 45.33 -1.95
N ILE C 137 7.53 44.10 -2.47
CA ILE C 137 7.02 42.97 -1.72
C ILE C 137 7.74 42.84 -0.39
N GLU C 138 9.06 43.05 -0.39
CA GLU C 138 9.82 42.89 0.84
C GLU C 138 9.49 43.97 1.86
N TYR C 139 9.19 45.19 1.41
CA TYR C 139 8.77 46.23 2.33
C TYR C 139 7.40 45.91 2.94
N LEU C 140 6.46 45.48 2.09
CA LEU C 140 5.14 45.12 2.62
C LEU C 140 5.26 43.94 3.57
N LYS C 141 6.10 42.98 3.22
CA LYS C 141 6.33 41.77 4.03
C LYS C 141 6.90 42.21 5.38
N SER C 142 7.75 43.18 5.34
CA SER C 142 8.45 43.68 6.55
C SER C 142 7.45 44.24 7.55
N LYS C 143 6.43 44.93 7.08
CA LYS C 143 5.51 45.59 8.04
C LYS C 143 4.24 44.80 8.33
N LEU C 144 3.67 44.16 7.33
CA LEU C 144 2.33 43.61 7.54
C LEU C 144 2.25 42.10 7.71
N LEU C 145 3.29 41.35 7.35
CA LEU C 145 3.15 39.90 7.34
C LEU C 145 2.86 39.38 8.73
N ASN C 146 1.87 38.50 8.85
CA ASN C 146 1.54 37.80 10.09
C ASN C 146 1.12 38.74 11.21
N THR C 147 0.54 39.89 10.88
CA THR C 147 0.11 40.83 11.91
C THR C 147 -1.36 41.17 11.75
N GLU C 148 -1.99 41.46 12.88
CA GLU C 148 -3.44 41.67 12.96
C GLU C 148 -3.76 43.15 13.06
N MET C 149 -4.79 43.57 12.35
CA MET C 149 -5.10 44.99 12.22
C MET C 149 -6.55 45.18 11.84
N ASN C 150 -7.11 46.30 12.28
CA ASN C 150 -8.48 46.66 11.92
C ASN C 150 -8.50 47.46 10.63
N VAL C 151 -9.46 47.14 9.75
CA VAL C 151 -9.62 47.85 8.49
C VAL C 151 -11.10 48.06 8.18
N HIS C 152 -11.35 48.98 7.26
CA HIS C 152 -12.71 49.27 6.80
C HIS C 152 -12.88 48.52 5.50
N LEU C 153 -13.89 47.69 5.43
CA LEU C 153 -14.23 47.04 4.17
C LEU C 153 -14.91 48.08 3.29
N VAL C 154 -14.15 48.65 2.33
CA VAL C 154 -14.74 49.67 1.47
C VAL C 154 -15.71 49.04 0.47
N GLN C 155 -15.32 47.93 -0.14
CA GLN C 155 -16.14 47.41 -1.23
C GLN C 155 -15.99 45.91 -1.38
N ARG C 156 -17.08 45.23 -1.69
CA ARG C 156 -17.04 43.79 -1.98
C ARG C 156 -16.51 43.67 -3.41
N LEU C 157 -15.73 42.64 -3.67
CA LEU C 157 -15.08 42.42 -4.95
C LEU C 157 -15.21 40.96 -5.35
N PRO C 158 -15.01 40.64 -6.64
CA PRO C 158 -15.17 39.24 -7.07
C PRO C 158 -14.32 38.27 -6.28
N ASP C 159 -13.04 38.57 -6.14
CA ASP C 159 -12.11 37.69 -5.48
C ASP C 159 -11.82 38.12 -4.05
N GLY C 160 -12.41 39.20 -3.58
CA GLY C 160 -12.10 39.70 -2.26
C GLY C 160 -12.73 41.01 -1.88
N PHE C 161 -11.96 41.88 -1.24
CA PHE C 161 -12.46 43.15 -0.71
C PHE C 161 -11.49 44.27 -1.05
N LEU C 162 -12.04 45.47 -1.09
CA LEU C 162 -11.27 46.71 -1.14
C LEU C 162 -11.35 47.35 0.25
N ILE C 163 -10.19 47.58 0.87
CA ILE C 163 -10.10 47.91 2.28
C ILE C 163 -9.40 49.25 2.48
N ARG C 164 -9.60 49.82 3.67
CA ARG C 164 -9.09 51.12 4.06
C ARG C 164 -8.36 50.96 5.39
N PHE C 165 -7.05 51.16 5.40
CA PHE C 165 -6.29 51.11 6.64
C PHE C 165 -6.71 52.26 7.55
N LEU C 166 -6.49 52.07 8.85
CA LEU C 166 -6.89 53.07 9.84
C LEU C 166 -5.67 53.89 10.25
N ASP C 167 -5.92 54.90 11.10
CA ASP C 167 -4.92 55.94 11.36
C ASP C 167 -3.57 55.36 11.77
N ASP C 168 -3.58 54.34 12.62
CA ASP C 168 -2.32 53.73 13.06
C ASP C 168 -1.57 53.13 11.88
N TRP C 169 -2.28 52.51 10.95
CA TRP C 169 -1.67 51.88 9.79
C TRP C 169 -1.85 52.71 8.52
N LYS C 170 -2.17 53.97 8.67
CA LYS C 170 -2.47 54.81 7.48
C LYS C 170 -1.22 55.07 6.64
N TYR C 171 -0.05 54.82 7.19
CA TYR C 171 1.17 55.18 6.49
C TYR C 171 1.53 54.23 5.35
N ILE C 172 0.96 53.03 5.32
CA ILE C 172 1.34 52.07 4.29
C ILE C 172 1.04 52.58 2.89
N PRO C 173 -0.18 53.00 2.55
CA PRO C 173 -0.41 53.55 1.19
C PRO C 173 0.41 54.80 0.91
N GLU C 174 0.56 55.65 1.93
CA GLU C 174 1.41 56.83 1.82
C GLU C 174 2.81 56.45 1.35
N GLN C 175 3.52 55.66 2.13
CA GLN C 175 4.86 55.22 1.76
C GLN C 175 4.87 54.49 0.42
N LEU C 176 3.82 53.72 0.13
CA LEU C 176 3.77 52.97 -1.12
C LEU C 176 3.89 53.90 -2.31
N LEU C 177 3.11 54.99 -2.30
CA LEU C 177 3.18 55.97 -3.38
C LEU C 177 4.44 56.81 -3.29
N GLN C 178 4.85 57.13 -2.07
CA GLN C 178 6.04 57.93 -1.82
C GLN C 178 7.28 57.26 -2.40
N ARG C 179 7.36 55.94 -2.32
CA ARG C 179 8.48 55.18 -2.85
C ARG C 179 8.25 54.71 -4.27
N ASN C 180 7.23 55.24 -4.95
CA ASN C 180 6.96 54.94 -6.36
C ASN C 180 6.77 53.45 -6.59
N TYR C 181 6.23 52.75 -5.60
CA TYR C 181 5.86 51.35 -5.78
C TYR C 181 4.50 51.21 -6.44
N ALA C 182 3.68 52.26 -6.36
CA ALA C 182 2.33 52.26 -6.92
C ALA C 182 2.05 53.65 -7.51
N GLN C 183 0.79 53.86 -7.91
CA GLN C 183 0.26 55.14 -8.34
C GLN C 183 -1.23 55.18 -8.00
N VAL C 184 -1.76 56.39 -7.88
CA VAL C 184 -3.19 56.54 -7.60
C VAL C 184 -4.00 56.11 -8.81
N SER C 185 -5.11 55.43 -8.57
CA SER C 185 -5.95 54.92 -9.65
C SER C 185 -6.85 56.01 -10.23
N GLY D 7 10.15 9.21 12.16
CA GLY D 7 10.94 8.10 11.57
C GLY D 7 11.89 8.63 10.52
N ARG D 8 13.12 8.11 10.48
CA ARG D 8 14.11 8.65 9.53
C ARG D 8 14.61 7.62 8.52
N GLY D 9 14.84 8.13 7.31
CA GLY D 9 15.35 7.37 6.18
C GLY D 9 16.70 6.76 6.45
N 2MR D 10 16.97 5.66 5.81
CA 2MR D 10 18.27 4.98 6.03
CB 2MR D 10 18.39 3.76 5.13
CG 2MR D 10 18.09 2.46 5.85
CD 2MR D 10 18.55 1.28 5.03
NE 2MR D 10 18.52 0.11 5.87
CZ 2MR D 10 18.83 -1.08 5.46
NH1 2MR D 10 18.40 -2.08 6.17
CQ1 2MR D 10 18.15 -2.00 7.59
NH2 2MR D 10 19.56 -1.28 4.46
CQ2 2MR D 10 19.18 -0.79 3.19
C 2MR D 10 19.37 6.04 6.05
O 2MR D 10 20.27 5.89 6.90
N GLY D 11 19.37 7.02 5.17
CA GLY D 11 20.30 8.12 5.48
C GLY D 11 21.43 8.36 4.52
N ARG D 12 21.79 9.63 4.43
CA ARG D 12 22.91 10.10 3.59
C ARG D 12 23.86 10.89 4.47
N LYS D 13 25.16 10.60 4.28
CA LYS D 13 26.33 11.20 4.99
C LYS D 13 25.93 12.02 6.20
N ARG E 6 -1.60 23.84 20.40
CA ARG E 6 -1.96 24.72 19.25
C ARG E 6 -1.66 26.15 19.64
N GLY E 7 -2.40 27.08 19.06
CA GLY E 7 -2.24 28.49 19.43
C GLY E 7 -1.01 29.13 18.82
N ARG E 8 -0.49 28.57 17.74
CA ARG E 8 0.68 29.24 17.13
C ARG E 8 0.35 29.64 15.69
N GLY E 9 0.62 30.89 15.34
CA GLY E 9 0.46 31.33 13.94
C GLY E 9 1.81 31.65 13.37
N 2MR E 10 1.94 31.70 12.07
CA 2MR E 10 3.29 32.02 11.55
CB 2MR E 10 3.29 32.00 10.02
CG 2MR E 10 2.10 31.32 9.38
CD 2MR E 10 2.39 30.39 8.22
NE 2MR E 10 2.21 30.86 6.88
CZ 2MR E 10 2.03 30.13 5.79
NH1 2MR E 10 1.77 28.89 5.87
CQ1 2MR E 10 1.71 28.13 4.64
NH2 2MR E 10 2.12 30.72 4.62
CQ2 2MR E 10 2.32 32.13 4.45
C 2MR E 10 3.78 33.31 12.24
O 2MR E 10 3.07 34.26 12.32
N GLY E 11 5.01 33.32 12.74
CA GLY E 11 5.45 34.46 13.55
C GLY E 11 6.08 35.59 12.79
N ARG E 12 6.78 36.45 13.54
CA ARG E 12 7.56 37.61 13.02
C ARG E 12 8.97 37.55 13.64
N LYS E 13 9.96 38.26 13.07
CA LYS E 13 11.35 38.25 13.64
C LYS E 13 11.34 38.97 15.00
N ILE F 8 60.31 -13.53 2.69
CA ILE F 8 59.95 -13.57 4.10
C ILE F 8 59.13 -14.82 4.39
N GLY F 9 59.35 -15.41 5.57
CA GLY F 9 58.52 -16.50 6.04
C GLY F 9 57.98 -16.20 7.43
N SER F 10 57.78 -14.91 7.71
CA SER F 10 57.43 -14.43 9.04
C SER F 10 55.96 -14.69 9.36
N ILE F 11 55.66 -14.58 10.65
CA ILE F 11 54.29 -14.42 11.14
C ILE F 11 54.12 -12.95 11.47
N VAL F 12 52.99 -12.38 11.08
CA VAL F 12 52.72 -10.96 11.27
C VAL F 12 51.33 -10.77 11.84
N GLY F 13 51.16 -9.66 12.56
CA GLY F 13 49.85 -9.22 12.99
C GLY F 13 49.35 -8.15 12.04
N ILE F 14 48.11 -8.35 11.58
CA ILE F 14 47.46 -7.45 10.62
C ILE F 14 46.08 -7.11 11.13
N LEU F 15 45.54 -6.04 10.56
CA LEU F 15 44.17 -5.57 10.78
C LEU F 15 43.48 -5.52 9.42
N ILE F 16 42.52 -6.42 9.21
CA ILE F 16 41.79 -6.44 7.95
C ILE F 16 40.78 -5.29 7.96
N THR F 17 40.80 -4.48 6.90
CA THR F 17 39.93 -3.31 6.84
C THR F 17 38.88 -3.38 5.75
N PHE F 18 39.04 -4.25 4.76
CA PHE F 18 38.14 -4.26 3.62
C PHE F 18 38.25 -5.61 2.93
N ILE F 19 37.10 -6.17 2.52
CA ILE F 19 37.05 -7.41 1.77
C ILE F 19 36.93 -7.06 0.29
N ASN F 20 37.95 -7.41 -0.49
CA ASN F 20 37.96 -7.12 -1.91
C ASN F 20 37.72 -8.36 -2.76
N GLY F 21 37.43 -9.50 -2.15
CA GLY F 21 37.12 -10.69 -2.91
C GLY F 21 36.95 -11.91 -2.03
N PRO F 22 36.45 -12.99 -2.62
CA PRO F 22 36.42 -14.27 -1.88
C PRO F 22 37.80 -14.65 -1.42
N THR F 23 38.78 -14.42 -2.28
CA THR F 23 40.19 -14.69 -2.09
C THR F 23 40.92 -13.57 -1.37
N GLU F 24 40.68 -12.35 -1.85
CA GLU F 24 41.47 -11.15 -1.45
C GLU F 24 40.87 -10.22 -0.42
N VAL F 25 41.66 -9.89 0.58
CA VAL F 25 41.28 -8.86 1.54
C VAL F 25 42.31 -7.75 1.47
N TYR F 26 41.93 -6.59 2.00
CA TYR F 26 42.85 -5.48 2.17
C TYR F 26 43.14 -5.29 3.65
N GLY F 27 44.39 -5.00 3.98
CA GLY F 27 44.74 -4.94 5.38
C GLY F 27 45.88 -4.00 5.72
N GLN F 28 46.11 -3.92 7.02
CA GLN F 28 47.08 -3.04 7.65
C GLN F 28 48.09 -3.90 8.40
N PHE F 29 49.38 -3.60 8.26
CA PHE F 29 50.37 -4.19 9.13
C PHE F 29 50.40 -3.39 10.42
N LEU F 30 50.07 -4.02 11.54
CA LEU F 30 50.09 -3.31 12.81
C LEU F 30 51.52 -2.89 13.15
N ASP F 31 51.70 -1.59 13.42
CA ASP F 31 52.95 -1.08 13.95
C ASP F 31 52.78 -0.32 15.25
N GLY F 32 51.58 -0.27 15.82
CA GLY F 32 51.33 0.40 17.09
C GLY F 32 51.00 1.87 17.00
N SER F 33 51.01 2.45 15.80
CA SER F 33 50.86 3.89 15.63
C SER F 33 49.40 4.31 15.82
N PRO F 34 49.15 5.59 16.12
CA PRO F 34 47.77 6.04 16.26
C PRO F 34 47.06 6.04 14.92
N PRO F 35 45.74 5.87 14.92
CA PRO F 35 45.02 5.76 13.65
C PRO F 35 44.98 7.09 12.91
N LEU F 36 45.01 7.00 11.58
CA LEU F 36 44.87 8.19 10.74
C LEU F 36 43.40 8.39 10.38
N VAL F 37 42.65 8.81 11.40
CA VAL F 37 41.26 9.18 11.27
C VAL F 37 41.05 10.52 11.97
N TRP F 38 40.08 11.29 11.47
CA TRP F 38 39.78 12.59 12.03
C TRP F 38 38.27 12.72 12.24
N ASP F 39 37.88 13.08 13.45
CA ASP F 39 36.50 13.47 13.69
C ASP F 39 36.28 14.88 13.19
N LYS F 40 35.01 15.21 12.93
CA LYS F 40 34.68 16.52 12.38
C LYS F 40 35.22 17.65 13.25
N LYS F 41 35.33 17.42 14.55
CA LYS F 41 35.87 18.46 15.43
C LYS F 41 37.33 18.75 15.11
N ASP F 42 38.09 17.72 14.77
CA ASP F 42 39.54 17.85 14.68
C ASP F 42 40.02 18.54 13.42
N VAL F 43 39.15 18.73 12.43
CA VAL F 43 39.48 19.54 11.26
C VAL F 43 38.93 20.94 11.50
N PRO F 44 39.77 21.92 11.82
CA PRO F 44 39.24 23.25 12.11
C PRO F 44 38.81 23.98 10.84
N GLU F 45 38.04 25.04 11.07
CA GLU F 45 37.51 25.88 10.01
C GLU F 45 38.61 26.48 9.15
N ASN F 46 39.77 26.76 9.73
CA ASN F 46 40.89 27.28 8.96
C ASN F 46 41.28 26.31 7.85
N LYS F 47 41.39 25.03 8.18
CA LYS F 47 41.97 24.02 7.30
C LYS F 47 40.92 23.32 6.43
N ARG F 48 39.80 23.98 6.14
CA ARG F 48 38.78 23.42 5.26
C ARG F 48 38.82 24.03 3.87
N THR F 49 39.60 25.09 3.65
CA THR F 49 39.62 25.80 2.38
C THR F 49 40.73 25.24 1.49
N PHE F 50 40.34 24.80 0.29
CA PHE F 50 41.32 24.51 -0.75
C PHE F 50 41.77 25.79 -1.42
N LYS F 51 42.96 25.76 -1.99
CA LYS F 51 43.41 26.87 -2.84
C LYS F 51 43.18 26.59 -4.32
N SER F 52 42.87 25.36 -4.71
CA SER F 52 42.49 25.04 -6.07
C SER F 52 41.72 23.74 -6.12
N LYS F 53 41.00 23.53 -7.21
CA LYS F 53 40.13 22.37 -7.36
C LYS F 53 40.96 21.09 -7.26
N PRO F 54 40.59 20.16 -6.37
CA PRO F 54 41.30 18.88 -6.29
C PRO F 54 41.37 18.19 -7.66
N ARG F 55 42.36 17.31 -7.82
CA ARG F 55 42.62 16.70 -9.10
C ARG F 55 43.13 15.28 -8.88
N LEU F 56 43.53 14.65 -9.98
CA LEU F 56 44.02 13.28 -9.98
C LEU F 56 45.21 13.13 -9.03
N LEU F 57 45.15 12.07 -8.21
CA LEU F 57 46.20 11.61 -7.29
C LEU F 57 46.42 12.54 -6.11
N ASP F 58 45.67 13.63 -5.96
CA ASP F 58 45.79 14.44 -4.76
C ASP F 58 45.42 13.61 -3.54
N ILE F 59 46.15 13.83 -2.44
CA ILE F 59 45.90 13.17 -1.17
C ILE F 59 45.12 14.16 -0.31
N VAL F 60 43.92 13.78 0.12
CA VAL F 60 42.99 14.68 0.78
C VAL F 60 42.36 13.97 1.98
N LEU F 61 41.56 14.73 2.73
CA LEU F 61 40.63 14.19 3.70
C LEU F 61 39.32 13.89 2.99
N ALA F 62 38.71 12.77 3.37
CA ALA F 62 37.42 12.37 2.81
C ALA F 62 36.51 11.94 3.96
N LEU F 63 35.24 12.31 3.87
CA LEU F 63 34.28 12.03 4.93
C LEU F 63 33.55 10.72 4.63
N TYR F 64 33.60 9.79 5.58
CA TYR F 64 33.08 8.44 5.43
C TYR F 64 31.70 8.31 6.06
N SER F 65 31.09 7.13 5.90
CA SER F 65 29.73 6.92 6.34
C SER F 65 29.58 7.12 7.85
N ASP F 66 30.61 6.77 8.62
CA ASP F 66 30.54 6.88 10.07
C ASP F 66 30.51 8.33 10.55
N GLY F 67 30.90 9.28 9.71
CA GLY F 67 31.01 10.67 10.11
C GLY F 67 32.40 11.12 10.49
N CYS F 68 33.44 10.46 9.97
CA CYS F 68 34.82 10.82 10.27
C CYS F 68 35.57 11.03 8.96
N PHE F 69 36.78 11.58 9.07
CA PHE F 69 37.62 11.88 7.92
C PHE F 69 38.78 10.89 7.83
N TYR F 70 39.12 10.51 6.60
CA TYR F 70 40.16 9.55 6.35
C TYR F 70 41.03 10.03 5.18
N ARG F 71 42.29 9.61 5.19
CA ARG F 71 43.18 9.89 4.09
C ARG F 71 42.71 9.16 2.84
N ALA F 72 42.53 9.91 1.76
CA ALA F 72 42.08 9.33 0.49
C ALA F 72 42.91 9.92 -0.63
N GLN F 73 42.89 9.25 -1.78
CA GLN F 73 43.57 9.71 -2.98
C GLN F 73 42.64 9.59 -4.18
N ILE F 74 42.63 10.62 -5.01
CA ILE F 74 41.68 10.77 -6.11
C ILE F 74 42.18 9.91 -7.27
N ILE F 75 41.58 8.73 -7.39
CA ILE F 75 41.92 7.79 -8.49
C ILE F 75 41.40 8.27 -9.83
N ASP F 76 40.21 8.83 -9.88
CA ASP F 76 39.61 9.29 -11.16
C ASP F 76 38.75 10.52 -10.89
N GLU F 77 38.49 11.31 -11.91
CA GLU F 77 37.66 12.51 -11.67
C GLU F 77 36.72 12.67 -12.84
N PHE F 78 35.47 13.02 -12.54
CA PHE F 78 34.43 13.19 -13.58
C PHE F 78 33.88 14.59 -13.50
N PRO F 79 32.98 14.99 -14.41
CA PRO F 79 32.37 16.29 -14.34
C PRO F 79 31.61 16.51 -13.03
N SER F 80 30.92 15.50 -12.50
CA SER F 80 30.15 15.70 -11.25
C SER F 80 30.78 15.07 -10.02
N GLU F 81 31.67 14.08 -10.18
CA GLU F 81 32.17 13.42 -8.93
C GLU F 81 33.58 12.86 -9.09
N TYR F 82 34.24 12.58 -7.95
CA TYR F 82 35.60 12.00 -7.90
C TYR F 82 35.57 10.56 -7.42
N MET F 83 36.22 9.65 -8.12
CA MET F 83 36.40 8.26 -7.62
C MET F 83 37.54 8.37 -6.63
N ILE F 84 37.40 7.85 -5.43
CA ILE F 84 38.52 8.02 -4.47
C ILE F 84 38.86 6.67 -3.88
N PHE F 85 40.09 6.54 -3.40
CA PHE F 85 40.58 5.31 -2.78
C PHE F 85 41.16 5.69 -1.43
N TYR F 86 40.62 5.13 -0.36
CA TYR F 86 41.15 5.41 0.97
C TYR F 86 42.48 4.69 1.10
N VAL F 87 43.57 5.47 1.20
CA VAL F 87 44.92 4.93 1.14
C VAL F 87 45.26 4.09 2.36
N ASP F 88 44.58 4.30 3.48
CA ASP F 88 44.83 3.52 4.69
C ASP F 88 43.80 2.43 4.94
N TYR F 89 42.83 2.25 4.03
CA TYR F 89 41.78 1.25 4.28
C TYR F 89 41.37 0.43 3.05
N GLY F 90 41.49 0.94 1.83
CA GLY F 90 41.36 0.12 0.64
C GLY F 90 40.02 0.13 -0.06
N ASN F 91 39.00 0.76 0.53
CA ASN F 91 37.73 0.88 -0.16
C ASN F 91 37.82 1.95 -1.24
N THR F 92 37.02 1.77 -2.30
CA THR F 92 36.88 2.76 -3.35
C THR F 92 35.47 3.35 -3.28
N GLU F 93 35.37 4.66 -3.47
CA GLU F 93 34.09 5.35 -3.34
C GLU F 93 33.97 6.42 -4.41
N PHE F 94 32.80 7.04 -4.46
CA PHE F 94 32.52 8.18 -5.32
C PHE F 94 31.96 9.31 -4.46
N VAL F 95 32.50 10.51 -4.61
CA VAL F 95 32.14 11.62 -3.72
C VAL F 95 32.14 12.93 -4.49
N PRO F 96 31.35 13.90 -4.02
CA PRO F 96 31.47 15.27 -4.51
C PRO F 96 32.48 16.05 -3.68
N LEU F 97 32.76 17.27 -4.13
CA LEU F 97 33.80 18.08 -3.50
C LEU F 97 33.44 18.46 -2.06
N SER F 98 32.17 18.37 -1.67
CA SER F 98 31.78 18.80 -0.34
C SER F 98 32.30 17.86 0.75
N CYS F 99 32.47 16.57 0.41
CA CYS F 99 32.96 15.60 1.39
C CYS F 99 34.47 15.63 1.55
N LEU F 100 35.17 16.45 0.79
CA LEU F 100 36.62 16.49 0.81
C LEU F 100 37.11 17.69 1.63
N ALA F 101 38.17 17.48 2.39
CA ALA F 101 38.85 18.52 3.13
C ALA F 101 40.34 18.45 2.82
N PRO F 102 41.05 19.58 2.86
CA PRO F 102 42.50 19.55 2.63
C PRO F 102 43.19 18.75 3.71
N CYS F 103 44.21 18.00 3.31
CA CYS F 103 45.01 17.23 4.25
C CYS F 103 46.31 17.97 4.49
N GLU F 104 46.45 18.50 5.71
CA GLU F 104 47.67 19.13 6.20
C GLU F 104 48.91 18.37 5.76
N ASN F 105 49.87 19.10 5.17
CA ASN F 105 51.01 18.49 4.50
C ASN F 105 51.75 17.49 5.37
N VAL F 106 51.74 17.69 6.69
CA VAL F 106 52.44 16.79 7.60
C VAL F 106 51.94 15.36 7.45
N ASP F 107 50.62 15.20 7.33
CA ASP F 107 50.02 13.88 7.25
C ASP F 107 49.89 13.35 5.83
N SER F 108 50.03 14.22 4.83
CA SER F 108 49.89 13.78 3.45
C SER F 108 50.96 12.76 3.07
N PHE F 109 52.21 13.05 3.44
CA PHE F 109 53.35 12.27 2.98
C PHE F 109 53.65 11.06 3.86
N LYS F 110 52.92 10.86 4.95
CA LYS F 110 53.04 9.62 5.70
C LYS F 110 52.68 8.44 4.78
N PRO F 111 53.40 7.32 4.87
CA PRO F 111 53.20 6.25 3.89
C PRO F 111 51.85 5.55 4.03
N HIS F 112 51.31 5.13 2.87
CA HIS F 112 50.00 4.51 2.83
C HIS F 112 50.04 3.12 3.47
N ARG F 113 49.02 2.81 4.28
CA ARG F 113 49.09 1.69 5.21
C ARG F 113 48.34 0.44 4.76
N VAL F 114 47.88 0.36 3.50
CA VAL F 114 47.03 -0.74 3.09
C VAL F 114 47.72 -1.58 2.01
N PHE F 115 47.70 -2.89 2.22
CA PHE F 115 48.27 -3.86 1.30
C PHE F 115 47.26 -4.95 1.01
N SER F 116 47.39 -5.55 -0.18
CA SER F 116 46.46 -6.61 -0.64
C SER F 116 46.96 -7.99 -0.26
N PHE F 117 46.14 -8.70 0.49
CA PHE F 117 46.45 -10.04 0.95
C PHE F 117 45.61 -11.03 0.16
N HIS F 118 46.27 -11.84 -0.66
CA HIS F 118 45.64 -13.03 -1.21
C HIS F 118 45.76 -14.17 -0.20
N ILE F 119 44.87 -15.15 -0.32
CA ILE F 119 44.95 -16.34 0.51
C ILE F 119 45.43 -17.50 -0.35
N GLU F 120 46.20 -18.38 0.29
CA GLU F 120 46.97 -19.39 -0.41
C GLU F 120 46.11 -20.56 -0.85
N GLY F 121 46.41 -21.07 -2.04
CA GLY F 121 45.79 -22.28 -2.54
C GLY F 121 44.34 -22.15 -2.96
N ILE F 122 43.73 -20.98 -2.78
CA ILE F 122 42.30 -20.81 -3.09
C ILE F 122 42.15 -19.73 -4.16
N VAL F 123 41.05 -19.84 -4.91
CA VAL F 123 40.82 -19.00 -6.08
C VAL F 123 39.33 -18.74 -6.16
N ARG F 124 38.96 -17.62 -6.79
CA ARG F 124 37.57 -17.40 -7.11
C ARG F 124 37.01 -18.58 -7.89
N SER F 125 35.78 -18.95 -7.56
CA SER F 125 35.14 -20.02 -8.30
C SER F 125 34.73 -19.51 -9.68
N LYS F 126 35.00 -20.32 -10.71
CA LYS F 126 34.63 -19.92 -12.06
C LYS F 126 33.12 -19.92 -12.23
N ASN F 127 32.42 -20.82 -11.54
CA ASN F 127 30.96 -20.92 -11.59
C ASN F 127 30.28 -19.98 -10.60
N LEU F 128 31.03 -19.11 -9.94
CA LEU F 128 30.46 -18.30 -8.87
C LEU F 128 29.44 -17.32 -9.42
N THR F 129 28.27 -17.29 -8.79
CA THR F 129 27.21 -16.37 -9.13
C THR F 129 27.64 -14.93 -8.82
N HIS F 130 26.86 -13.96 -9.31
CA HIS F 130 26.99 -12.60 -8.77
C HIS F 130 26.46 -12.54 -7.34
N GLN F 131 25.27 -13.12 -7.14
CA GLN F 131 24.62 -13.08 -5.84
C GLN F 131 25.46 -13.74 -4.76
N LYS F 132 26.09 -14.88 -5.08
CA LYS F 132 26.87 -15.57 -4.06
C LYS F 132 28.28 -15.00 -3.94
N THR F 133 28.78 -14.24 -4.93
CA THR F 133 29.94 -13.39 -4.64
C THR F 133 29.60 -12.39 -3.55
N ILE F 134 28.45 -11.73 -3.67
CA ILE F 134 28.07 -10.78 -2.62
C ILE F 134 27.85 -11.51 -1.31
N GLU F 135 27.21 -12.68 -1.37
CA GLU F 135 27.03 -13.50 -0.17
C GLU F 135 28.36 -13.83 0.48
N CYS F 136 29.38 -14.10 -0.33
CA CYS F 136 30.69 -14.47 0.18
C CYS F 136 31.39 -13.27 0.81
N ILE F 137 31.39 -12.13 0.12
CA ILE F 137 32.07 -10.92 0.66
C ILE F 137 31.36 -10.60 1.95
N GLU F 138 30.06 -10.74 1.93
CA GLU F 138 29.26 -10.50 3.13
C GLU F 138 29.63 -11.52 4.19
N TYR F 139 29.87 -12.77 3.82
CA TYR F 139 30.22 -13.75 4.87
C TYR F 139 31.55 -13.34 5.48
N LEU F 140 32.51 -12.99 4.64
CA LEU F 140 33.85 -12.62 5.14
C LEU F 140 33.78 -11.36 5.98
N LYS F 141 32.95 -10.40 5.58
CA LYS F 141 32.81 -9.08 6.24
C LYS F 141 32.36 -9.26 7.69
N SER F 142 31.52 -10.23 7.97
CA SER F 142 31.02 -10.48 9.35
C SER F 142 32.07 -11.10 10.24
N LYS F 143 33.17 -11.62 9.70
CA LYS F 143 34.22 -12.20 10.58
C LYS F 143 35.49 -11.34 10.69
N LEU F 144 35.92 -10.73 9.60
CA LEU F 144 37.26 -10.15 9.56
C LEU F 144 37.28 -8.64 9.45
N LEU F 145 36.13 -8.00 9.29
CA LEU F 145 36.17 -6.54 9.20
C LEU F 145 36.52 -6.00 10.56
N ASN F 146 37.42 -5.01 10.60
CA ASN F 146 37.88 -4.31 11.83
C ASN F 146 38.45 -5.34 12.79
N THR F 147 39.14 -6.33 12.26
CA THR F 147 39.69 -7.41 13.09
C THR F 147 41.19 -7.47 12.97
N GLU F 148 41.82 -7.89 14.08
CA GLU F 148 43.25 -8.12 14.16
C GLU F 148 43.51 -9.63 14.27
N MET F 149 44.54 -10.08 13.57
CA MET F 149 44.91 -11.50 13.61
C MET F 149 46.29 -11.65 12.97
N ASN F 150 46.84 -12.86 13.08
CA ASN F 150 48.18 -13.14 12.60
C ASN F 150 48.15 -14.11 11.43
N VAL F 151 49.09 -13.91 10.51
CA VAL F 151 49.20 -14.72 9.30
C VAL F 151 50.67 -14.98 8.99
N HIS F 152 50.93 -16.09 8.29
CA HIS F 152 52.19 -16.30 7.60
C HIS F 152 52.14 -15.54 6.28
N LEU F 153 53.22 -14.86 5.94
CA LEU F 153 53.34 -14.24 4.61
C LEU F 153 54.15 -15.19 3.74
N VAL F 154 53.43 -16.08 3.06
CA VAL F 154 54.05 -17.13 2.26
C VAL F 154 54.75 -16.54 1.04
N GLN F 155 54.18 -15.49 0.45
CA GLN F 155 54.77 -15.00 -0.79
C GLN F 155 54.63 -13.49 -0.92
N ARG F 156 55.64 -12.87 -1.53
CA ARG F 156 55.64 -11.44 -1.81
C ARG F 156 55.25 -11.24 -3.28
N LEU F 157 54.02 -10.81 -3.49
CA LEU F 157 53.45 -10.58 -4.81
C LEU F 157 53.76 -9.18 -5.30
N PRO F 158 53.56 -8.90 -6.60
CA PRO F 158 53.70 -7.51 -7.05
C PRO F 158 52.72 -6.57 -6.38
N ASP F 159 51.48 -7.01 -6.21
CA ASP F 159 50.45 -6.16 -5.60
C ASP F 159 50.50 -6.20 -4.08
N GLY F 160 50.85 -7.34 -3.49
CA GLY F 160 50.88 -7.45 -2.05
C GLY F 160 51.50 -8.72 -1.54
N PHE F 161 50.78 -9.43 -0.68
CA PHE F 161 51.30 -10.64 -0.06
C PHE F 161 50.27 -11.76 -0.12
N LEU F 162 50.75 -12.97 -0.39
CA LEU F 162 49.97 -14.18 -0.28
C LEU F 162 50.22 -14.80 1.09
N ILE F 163 49.13 -15.11 1.81
CA ILE F 163 49.19 -15.40 3.25
C ILE F 163 48.47 -16.70 3.59
N ARG F 164 48.64 -17.10 4.84
CA ARG F 164 48.06 -18.30 5.45
C ARG F 164 47.46 -17.91 6.78
N PHE F 165 46.25 -18.39 7.06
CA PHE F 165 45.54 -17.98 8.27
C PHE F 165 46.03 -18.78 9.49
N LEU F 166 46.12 -18.09 10.63
CA LEU F 166 46.43 -18.75 11.89
C LEU F 166 45.33 -19.74 12.24
N ASP F 167 45.69 -20.75 13.04
CA ASP F 167 44.82 -21.91 13.25
C ASP F 167 43.41 -21.50 13.68
N ASP F 168 43.31 -20.51 14.57
CA ASP F 168 41.98 -20.08 15.02
C ASP F 168 41.17 -19.47 13.90
N TRP F 169 41.84 -18.86 12.91
CA TRP F 169 41.16 -18.38 11.72
C TRP F 169 41.29 -19.34 10.55
N LYS F 170 41.93 -20.50 10.77
CA LYS F 170 42.16 -21.47 9.70
C LYS F 170 40.84 -22.06 9.19
N TYR F 171 39.76 -21.96 9.97
CA TYR F 171 38.47 -22.41 9.45
C TYR F 171 38.03 -21.56 8.26
N ILE F 172 38.41 -20.29 8.24
CA ILE F 172 37.93 -19.37 7.19
C ILE F 172 38.21 -19.90 5.78
N PRO F 173 39.44 -20.34 5.48
CA PRO F 173 39.72 -20.83 4.14
C PRO F 173 38.91 -22.10 3.83
N GLU F 174 38.70 -22.97 4.80
CA GLU F 174 37.96 -24.21 4.51
C GLU F 174 36.52 -23.86 4.14
N GLN F 175 35.93 -22.95 4.91
CA GLN F 175 34.53 -22.52 4.74
C GLN F 175 34.33 -21.91 3.37
N LEU F 176 35.28 -21.16 2.85
CA LEU F 176 35.06 -20.56 1.53
C LEU F 176 34.86 -21.64 0.49
N LEU F 177 35.74 -22.65 0.52
CA LEU F 177 35.65 -23.82 -0.39
C LEU F 177 34.48 -24.72 0.02
N GLN F 178 34.29 -24.87 1.32
CA GLN F 178 33.19 -25.73 1.81
C GLN F 178 31.88 -25.14 1.30
N ARG F 179 31.70 -23.82 1.42
CA ARG F 179 30.51 -23.18 0.88
C ARG F 179 30.63 -22.89 -0.61
N ASN F 180 31.62 -23.50 -1.27
CA ASN F 180 31.75 -23.45 -2.73
C ASN F 180 31.85 -22.01 -3.24
N TYR F 181 32.50 -21.15 -2.47
CA TYR F 181 32.85 -19.82 -2.93
C TYR F 181 34.15 -19.80 -3.73
N ALA F 182 34.94 -20.87 -3.65
CA ALA F 182 36.28 -20.89 -4.21
C ALA F 182 36.49 -22.17 -4.99
N GLN F 183 37.61 -22.23 -5.70
CA GLN F 183 38.21 -23.45 -6.20
C GLN F 183 39.65 -23.49 -5.73
N VAL F 184 40.19 -24.67 -5.43
CA VAL F 184 41.62 -24.75 -5.22
C VAL F 184 42.33 -24.54 -6.54
N SER F 185 43.40 -23.75 -6.53
CA SER F 185 44.12 -23.47 -7.77
C SER F 185 45.30 -24.43 -7.94
N THR G 2 3.41 13.25 -23.58
CA THR G 2 3.02 12.67 -22.26
C THR G 2 2.03 13.61 -21.58
N THR G 3 2.47 14.22 -20.48
CA THR G 3 1.60 14.99 -19.55
C THR G 3 0.91 16.19 -20.17
N VAL G 4 -0.40 16.26 -19.96
CA VAL G 4 -1.24 17.35 -20.46
C VAL G 4 -1.59 18.18 -19.26
N HIS G 5 -1.56 19.47 -19.47
CA HIS G 5 -2.00 20.32 -18.36
C HIS G 5 -3.39 20.77 -18.69
N PHE G 6 -4.16 20.92 -17.64
CA PHE G 6 -5.46 21.44 -18.02
C PHE G 6 -5.48 22.90 -17.64
N GLU G 7 -5.32 23.67 -18.68
CA GLU G 7 -5.11 25.11 -18.52
C GLU G 7 -6.45 25.80 -18.23
N ILE G 8 -6.60 26.20 -16.98
CA ILE G 8 -7.84 26.93 -16.63
C ILE G 8 -7.85 28.09 -17.59
N GLY G 9 -9.01 28.39 -18.10
CA GLY G 9 -9.15 29.45 -19.10
C GLY G 9 -8.92 28.89 -20.48
N SER G 10 -8.56 27.61 -20.58
CA SER G 10 -8.35 27.04 -21.93
C SER G 10 -9.38 25.97 -22.25
N ILE G 11 -9.36 25.50 -23.49
CA ILE G 11 -10.33 24.49 -23.96
C ILE G 11 -9.69 23.10 -23.81
N VAL G 12 -10.37 22.22 -23.05
CA VAL G 12 -9.89 20.90 -22.72
C VAL G 12 -10.86 19.89 -23.30
N GLY G 13 -10.51 18.62 -23.19
CA GLY G 13 -11.45 17.56 -23.48
C GLY G 13 -11.86 16.87 -22.20
N ILE G 14 -13.14 16.45 -22.12
CA ILE G 14 -13.63 15.67 -21.00
C ILE G 14 -14.53 14.54 -21.51
N LEU G 15 -14.75 13.56 -20.63
CA LEU G 15 -15.68 12.45 -20.84
C LEU G 15 -16.62 12.37 -19.65
N ILE G 16 -17.92 12.46 -19.91
CA ILE G 16 -18.90 12.41 -18.84
C ILE G 16 -19.12 10.95 -18.44
N THR G 17 -19.27 10.70 -17.13
CA THR G 17 -19.51 9.36 -16.61
C THR G 17 -20.75 9.26 -15.73
N PHE G 18 -21.24 10.37 -15.19
CA PHE G 18 -22.28 10.35 -14.18
C PHE G 18 -22.90 11.74 -14.11
N ILE G 19 -24.20 11.79 -13.81
CA ILE G 19 -24.92 13.04 -13.63
C ILE G 19 -25.31 13.12 -12.16
N ASN G 20 -24.60 13.97 -11.42
CA ASN G 20 -24.79 14.12 -9.99
C ASN G 20 -25.82 15.18 -9.62
N GLY G 21 -26.21 16.02 -10.58
CA GLY G 21 -27.16 17.07 -10.33
C GLY G 21 -27.63 17.77 -11.59
N PRO G 22 -28.61 18.65 -11.46
CA PRO G 22 -29.10 19.38 -12.65
C PRO G 22 -28.04 20.24 -13.29
N THR G 23 -27.11 20.78 -12.52
CA THR G 23 -26.05 21.63 -13.05
C THR G 23 -24.66 21.06 -12.81
N GLU G 24 -24.56 19.79 -12.41
CA GLU G 24 -23.28 19.19 -12.05
C GLU G 24 -23.17 17.82 -12.71
N VAL G 25 -22.08 17.59 -13.43
CA VAL G 25 -21.80 16.29 -14.04
C VAL G 25 -20.44 15.82 -13.58
N TYR G 26 -20.31 14.51 -13.38
CA TYR G 26 -19.02 13.91 -13.05
C TYR G 26 -18.37 13.38 -14.31
N GLY G 27 -17.04 13.45 -14.36
CA GLY G 27 -16.37 13.07 -15.59
C GLY G 27 -14.88 12.88 -15.42
N GLN G 28 -14.26 12.48 -16.52
CA GLN G 28 -12.84 12.25 -16.66
C GLN G 28 -12.23 13.31 -17.56
N PHE G 29 -10.94 13.53 -17.40
CA PHE G 29 -10.15 14.22 -18.40
C PHE G 29 -9.62 13.19 -19.39
N LEU G 30 -9.81 13.44 -20.69
CA LEU G 30 -9.12 12.64 -21.69
C LEU G 30 -7.64 12.96 -21.63
N ASP G 31 -6.83 11.99 -21.22
CA ASP G 31 -5.39 12.12 -21.26
C ASP G 31 -4.75 11.07 -22.15
N GLY G 32 -5.55 10.29 -22.86
CA GLY G 32 -5.05 9.23 -23.72
C GLY G 32 -4.79 7.91 -23.03
N SER G 33 -4.79 7.88 -21.71
CA SER G 33 -4.47 6.65 -21.00
C SER G 33 -5.60 5.62 -21.15
N PRO G 34 -5.29 4.33 -21.07
CA PRO G 34 -6.33 3.32 -21.22
C PRO G 34 -7.23 3.30 -19.98
N PRO G 35 -8.47 2.85 -20.12
CA PRO G 35 -9.38 2.84 -18.97
C PRO G 35 -9.00 1.75 -17.98
N LEU G 36 -9.14 2.06 -16.69
CA LEU G 36 -8.86 1.10 -15.62
C LEU G 36 -10.12 0.27 -15.38
N VAL G 37 -10.34 -0.68 -16.29
CA VAL G 37 -11.53 -1.55 -16.20
C VAL G 37 -11.08 -3.00 -16.35
N TRP G 38 -11.70 -3.92 -15.62
CA TRP G 38 -11.32 -5.34 -15.72
C TRP G 38 -12.51 -6.19 -16.15
N ASP G 39 -12.30 -7.05 -17.14
CA ASP G 39 -13.33 -7.99 -17.64
C ASP G 39 -13.50 -9.12 -16.61
N LYS G 40 -14.73 -9.61 -16.45
CA LYS G 40 -15.07 -10.71 -15.52
C LYS G 40 -14.21 -11.93 -15.87
N LYS G 41 -13.94 -12.06 -17.16
CA LYS G 41 -13.14 -13.19 -17.65
C LYS G 41 -11.77 -13.15 -17.00
N ASP G 42 -11.13 -11.99 -17.03
CA ASP G 42 -9.74 -11.91 -16.50
C ASP G 42 -9.70 -12.21 -15.01
N VAL G 43 -10.70 -11.77 -14.27
CA VAL G 43 -10.59 -12.05 -12.81
C VAL G 43 -11.22 -13.40 -12.52
N PRO G 44 -10.40 -14.43 -12.18
CA PRO G 44 -10.88 -15.74 -11.84
C PRO G 44 -11.25 -15.71 -10.35
N GLU G 45 -11.98 -16.73 -9.92
CA GLU G 45 -12.48 -16.81 -8.53
C GLU G 45 -11.36 -16.99 -7.50
N ASN G 46 -10.22 -17.55 -7.91
CA ASN G 46 -9.09 -17.76 -6.98
C ASN G 46 -8.66 -16.41 -6.41
N LYS G 47 -8.62 -15.37 -7.25
CA LYS G 47 -8.10 -14.10 -6.77
C LYS G 47 -9.20 -13.07 -6.52
N ARG G 48 -10.44 -13.52 -6.32
CA ARG G 48 -11.55 -12.65 -5.94
C ARG G 48 -11.85 -12.71 -4.45
N THR G 49 -11.01 -13.38 -3.67
CA THR G 49 -11.26 -13.60 -2.25
C THR G 49 -10.26 -12.82 -1.43
N PHE G 50 -10.78 -12.03 -0.48
CA PHE G 50 -9.93 -11.20 0.37
C PHE G 50 -9.39 -12.04 1.52
N LYS G 51 -8.07 -12.05 1.69
CA LYS G 51 -7.49 -12.83 2.79
C LYS G 51 -7.97 -12.27 4.13
N SER G 52 -8.09 -10.96 4.23
CA SER G 52 -8.76 -10.34 5.35
C SER G 52 -9.82 -9.35 4.88
N LYS G 53 -10.90 -9.28 5.66
CA LYS G 53 -12.09 -8.53 5.30
C LYS G 53 -11.73 -7.07 5.02
N PRO G 54 -12.25 -6.50 3.94
CA PRO G 54 -11.90 -5.12 3.61
C PRO G 54 -12.35 -4.15 4.69
N ARG G 55 -11.50 -3.18 4.99
CA ARG G 55 -11.77 -2.14 5.96
C ARG G 55 -12.20 -0.86 5.25
N LEU G 56 -12.59 0.12 6.06
CA LEU G 56 -13.12 1.36 5.50
C LEU G 56 -12.06 2.08 4.67
N LEU G 57 -12.48 2.53 3.48
CA LEU G 57 -11.71 3.33 2.52
C LEU G 57 -10.60 2.57 1.80
N ASP G 58 -10.52 1.25 1.95
CA ASP G 58 -9.64 0.48 1.08
C ASP G 58 -10.10 0.58 -0.36
N ILE G 59 -9.15 0.59 -1.29
CA ILE G 59 -9.44 0.58 -2.71
C ILE G 59 -9.48 -0.86 -3.20
N VAL G 60 -10.56 -1.24 -3.87
CA VAL G 60 -10.80 -2.62 -4.27
C VAL G 60 -11.40 -2.61 -5.68
N LEU G 61 -11.66 -3.82 -6.19
CA LEU G 61 -12.39 -4.00 -7.44
C LEU G 61 -13.84 -4.32 -7.12
N ALA G 62 -14.75 -3.78 -7.93
CA ALA G 62 -16.18 -3.97 -7.74
C ALA G 62 -16.85 -4.31 -9.07
N LEU G 63 -17.87 -5.16 -9.00
CA LEU G 63 -18.55 -5.65 -10.19
C LEU G 63 -19.81 -4.82 -10.44
N TYR G 64 -19.99 -4.40 -11.69
CA TYR G 64 -20.99 -3.40 -12.08
C TYR G 64 -22.04 -4.00 -13.00
N SER G 65 -22.99 -3.15 -13.42
CA SER G 65 -24.11 -3.56 -14.26
C SER G 65 -23.68 -4.10 -15.61
N ASP G 66 -22.49 -3.74 -16.09
CA ASP G 66 -22.04 -4.10 -17.44
C ASP G 66 -21.24 -5.39 -17.47
N GLY G 67 -21.19 -6.13 -16.38
CA GLY G 67 -20.33 -7.30 -16.32
C GLY G 67 -18.86 -6.98 -16.26
N CYS G 68 -18.50 -5.79 -15.79
CA CYS G 68 -17.11 -5.38 -15.67
C CYS G 68 -16.79 -5.09 -14.22
N PHE G 69 -15.50 -5.12 -13.91
CA PHE G 69 -14.95 -4.69 -12.63
C PHE G 69 -14.31 -3.32 -12.80
N TYR G 70 -14.59 -2.44 -11.84
CA TYR G 70 -14.05 -1.09 -11.80
C TYR G 70 -13.45 -0.84 -10.43
N ARG G 71 -12.62 0.19 -10.35
CA ARG G 71 -12.00 0.58 -9.09
C ARG G 71 -13.05 1.25 -8.21
N ALA G 72 -13.11 0.84 -6.94
CA ALA G 72 -14.11 1.34 -6.03
C ALA G 72 -13.52 1.51 -4.63
N GLN G 73 -13.91 2.60 -3.97
CA GLN G 73 -13.50 2.87 -2.61
C GLN G 73 -14.66 2.59 -1.66
N ILE G 74 -14.38 1.82 -0.61
CA ILE G 74 -15.40 1.48 0.39
C ILE G 74 -15.64 2.70 1.26
N ILE G 75 -16.87 3.21 1.25
CA ILE G 75 -17.17 4.42 2.00
C ILE G 75 -17.88 4.06 3.29
N ASP G 76 -18.67 2.98 3.29
CA ASP G 76 -19.27 2.54 4.53
C ASP G 76 -19.41 1.01 4.52
N GLU G 77 -19.40 0.41 5.71
CA GLU G 77 -19.52 -1.03 5.83
C GLU G 77 -20.56 -1.41 6.88
N PHE G 78 -21.30 -2.46 6.58
CA PHE G 78 -22.41 -2.94 7.39
C PHE G 78 -22.33 -4.47 7.41
N PRO G 79 -22.98 -5.12 8.38
CA PRO G 79 -23.00 -6.60 8.36
C PRO G 79 -23.56 -7.10 7.05
N SER G 80 -24.46 -6.32 6.48
CA SER G 80 -25.24 -6.73 5.33
C SER G 80 -24.52 -6.50 4.02
N GLU G 81 -23.85 -5.36 3.88
CA GLU G 81 -23.33 -4.92 2.59
C GLU G 81 -22.35 -3.77 2.79
N TYR G 82 -21.79 -3.29 1.68
CA TYR G 82 -20.86 -2.16 1.67
C TYR G 82 -21.41 -1.06 0.76
N MET G 83 -21.24 0.19 1.18
CA MET G 83 -21.46 1.35 0.33
C MET G 83 -20.14 1.75 -0.31
N ILE G 84 -20.07 1.68 -1.64
CA ILE G 84 -18.85 1.85 -2.44
C ILE G 84 -19.02 2.99 -3.42
N PHE G 85 -17.88 3.55 -3.83
CA PHE G 85 -17.80 4.71 -4.72
C PHE G 85 -16.78 4.39 -5.81
N TYR G 86 -17.22 4.40 -7.06
CA TYR G 86 -16.33 4.14 -8.19
C TYR G 86 -15.48 5.39 -8.43
N VAL G 87 -14.16 5.26 -8.24
CA VAL G 87 -13.29 6.44 -8.13
C VAL G 87 -12.90 7.03 -9.47
N ASP G 88 -13.15 6.33 -10.57
CA ASP G 88 -12.91 6.88 -11.90
C ASP G 88 -14.19 7.21 -12.64
N TYR G 89 -15.36 7.02 -12.01
CA TYR G 89 -16.63 7.15 -12.71
C TYR G 89 -17.70 7.91 -11.94
N GLY G 90 -17.72 7.90 -10.61
CA GLY G 90 -18.51 8.85 -9.86
C GLY G 90 -19.80 8.33 -9.26
N ASN G 91 -20.25 7.13 -9.62
CA ASN G 91 -21.50 6.61 -9.09
C ASN G 91 -21.27 5.92 -7.75
N THR G 92 -22.32 5.92 -6.93
CA THR G 92 -22.30 5.28 -5.62
C THR G 92 -23.22 4.07 -5.65
N GLU G 93 -22.76 2.97 -5.06
CA GLU G 93 -23.50 1.72 -5.07
C GLU G 93 -23.49 1.08 -3.69
N PHE G 94 -24.35 0.07 -3.53
CA PHE G 94 -24.36 -0.83 -2.39
C PHE G 94 -24.18 -2.25 -2.93
N VAL G 95 -23.13 -2.95 -2.51
CA VAL G 95 -22.93 -4.33 -2.96
C VAL G 95 -22.46 -5.18 -1.80
N PRO G 96 -22.71 -6.49 -1.87
CA PRO G 96 -22.17 -7.42 -0.86
C PRO G 96 -20.73 -7.78 -1.17
N LEU G 97 -20.10 -8.45 -0.20
CA LEU G 97 -18.71 -8.87 -0.34
C LEU G 97 -18.50 -9.71 -1.58
N SER G 98 -19.53 -10.45 -2.02
CA SER G 98 -19.38 -11.33 -3.18
C SER G 98 -19.10 -10.54 -4.45
N CYS G 99 -19.48 -9.27 -4.50
CA CYS G 99 -19.21 -8.44 -5.67
C CYS G 99 -17.87 -7.73 -5.61
N LEU G 100 -17.08 -7.97 -4.58
CA LEU G 100 -15.81 -7.27 -4.36
C LEU G 100 -14.65 -8.23 -4.58
N ALA G 101 -13.64 -7.77 -5.31
CA ALA G 101 -12.41 -8.48 -5.59
C ALA G 101 -11.20 -7.63 -5.21
N PRO G 102 -10.19 -8.22 -4.59
CA PRO G 102 -9.03 -7.43 -4.17
C PRO G 102 -8.26 -6.85 -5.35
N CYS G 103 -7.64 -5.70 -5.11
CA CYS G 103 -6.96 -4.92 -6.14
C CYS G 103 -5.46 -4.91 -5.82
N GLU G 104 -4.65 -5.40 -6.75
CA GLU G 104 -3.20 -5.35 -6.56
C GLU G 104 -2.75 -3.89 -6.58
N ASN G 105 -1.72 -3.59 -5.78
CA ASN G 105 -1.59 -2.26 -5.23
C ASN G 105 -1.08 -1.21 -6.21
N VAL G 106 -0.35 -1.61 -7.26
CA VAL G 106 0.01 -0.62 -8.28
C VAL G 106 -1.26 -0.09 -8.95
N ASP G 107 -2.25 -0.97 -9.15
CA ASP G 107 -3.51 -0.54 -9.74
C ASP G 107 -4.32 0.29 -8.76
N SER G 108 -4.28 -0.05 -7.47
CA SER G 108 -5.09 0.65 -6.48
C SER G 108 -4.54 2.04 -6.15
N PHE G 109 -3.22 2.22 -6.18
CA PHE G 109 -2.62 3.50 -5.84
C PHE G 109 -2.69 4.53 -6.96
N LYS G 110 -3.08 4.12 -8.17
CA LYS G 110 -3.17 5.05 -9.28
C LYS G 110 -4.18 6.15 -8.97
N PRO G 111 -3.96 7.37 -9.47
CA PRO G 111 -4.83 8.49 -9.08
C PRO G 111 -6.25 8.31 -9.59
N HIS G 112 -7.21 8.70 -8.76
CA HIS G 112 -8.61 8.70 -9.19
C HIS G 112 -8.80 9.68 -10.34
N ARG G 113 -9.71 9.34 -11.25
CA ARG G 113 -9.85 10.07 -12.50
C ARG G 113 -11.12 10.92 -12.58
N VAL G 114 -11.97 10.91 -11.54
CA VAL G 114 -13.28 11.51 -11.62
C VAL G 114 -13.25 12.89 -10.97
N PHE G 115 -13.81 13.87 -11.67
CA PHE G 115 -13.89 15.26 -11.24
C PHE G 115 -15.30 15.76 -11.46
N SER G 116 -15.67 16.80 -10.70
CA SER G 116 -17.01 17.37 -10.77
C SER G 116 -16.97 18.67 -11.56
N PHE G 117 -17.88 18.81 -12.52
CA PHE G 117 -17.98 19.99 -13.37
C PHE G 117 -19.35 20.60 -13.17
N HIS G 118 -19.39 21.83 -12.65
CA HIS G 118 -20.57 22.66 -12.65
C HIS G 118 -20.65 23.44 -13.98
N ILE G 119 -21.81 24.04 -14.23
CA ILE G 119 -22.05 24.74 -15.48
C ILE G 119 -22.40 26.19 -15.20
N GLU G 120 -21.74 27.10 -15.93
CA GLU G 120 -22.06 28.52 -16.09
C GLU G 120 -22.54 29.26 -14.86
N GLY G 121 -23.68 29.94 -14.97
CA GLY G 121 -24.24 30.73 -13.90
C GLY G 121 -25.63 30.26 -13.53
N ILE G 122 -25.98 29.08 -14.02
CA ILE G 122 -27.24 28.44 -13.65
C ILE G 122 -27.06 27.68 -12.35
N VAL G 123 -28.18 27.31 -11.73
CA VAL G 123 -28.15 26.54 -10.49
C VAL G 123 -29.51 25.89 -10.26
N ARG G 124 -29.59 24.96 -9.31
CA ARG G 124 -30.81 24.20 -9.08
C ARG G 124 -32.00 25.12 -8.89
N SER G 125 -33.13 24.77 -9.51
CA SER G 125 -34.35 25.54 -9.34
C SER G 125 -34.73 25.56 -7.87
N LYS G 126 -35.28 26.70 -7.43
CA LYS G 126 -35.11 27.12 -6.05
C LYS G 126 -35.77 26.16 -5.06
N ASN G 127 -36.96 25.67 -5.39
CA ASN G 127 -37.56 24.57 -4.61
C ASN G 127 -38.17 23.52 -5.52
N LEU G 128 -37.46 23.19 -6.60
CA LEU G 128 -37.89 22.13 -7.50
C LEU G 128 -37.93 20.79 -6.76
N THR G 129 -38.92 19.97 -7.08
CA THR G 129 -39.22 18.77 -6.30
C THR G 129 -38.44 17.57 -6.79
N HIS G 130 -38.47 16.50 -5.99
CA HIS G 130 -37.71 15.28 -6.28
C HIS G 130 -38.07 14.71 -7.64
N GLN G 131 -39.37 14.70 -7.97
CA GLN G 131 -39.88 14.12 -9.24
C GLN G 131 -39.33 14.91 -10.45
N LYS G 132 -39.35 16.23 -10.39
CA LYS G 132 -38.78 17.06 -11.45
C LYS G 132 -37.25 17.03 -11.44
N THR G 133 -36.64 16.87 -10.26
CA THR G 133 -35.20 16.69 -10.19
C THR G 133 -34.77 15.44 -10.95
N ILE G 134 -35.45 14.32 -10.72
CA ILE G 134 -35.09 13.07 -11.40
C ILE G 134 -35.39 13.18 -12.89
N GLU G 135 -36.45 13.93 -13.22
CA GLU G 135 -36.82 14.16 -14.64
C GLU G 135 -35.69 14.91 -15.34
N CYS G 136 -35.13 15.92 -14.68
CA CYS G 136 -33.98 16.67 -15.20
C CYS G 136 -32.75 15.79 -15.31
N ILE G 137 -32.45 15.04 -14.26
CA ILE G 137 -31.26 14.19 -14.25
C ILE G 137 -31.37 13.13 -15.35
N GLU G 138 -32.59 12.65 -15.60
CA GLU G 138 -32.79 11.64 -16.64
C GLU G 138 -32.59 12.25 -18.02
N TYR G 139 -32.97 13.52 -18.21
CA TYR G 139 -32.69 14.19 -19.47
C TYR G 139 -31.19 14.43 -19.66
N LEU G 140 -30.48 14.68 -18.56
CA LEU G 140 -29.04 14.84 -18.69
C LEU G 140 -28.37 13.52 -19.02
N LYS G 141 -28.82 12.42 -18.40
CA LYS G 141 -28.40 11.09 -18.83
C LYS G 141 -28.73 10.86 -20.29
N SER G 142 -29.88 11.37 -20.69
CA SER G 142 -30.33 11.17 -22.06
C SER G 142 -29.31 11.73 -23.04
N LYS G 143 -28.78 12.91 -22.75
CA LYS G 143 -27.88 13.50 -23.75
C LYS G 143 -26.41 13.24 -23.51
N LEU G 144 -25.94 13.28 -22.26
CA LEU G 144 -24.53 13.51 -21.98
C LEU G 144 -23.75 12.26 -21.59
N LEU G 145 -24.42 11.17 -21.23
CA LEU G 145 -23.74 10.05 -20.61
C LEU G 145 -22.75 9.39 -21.57
N ASN G 146 -21.51 9.22 -21.12
CA ASN G 146 -20.48 8.48 -21.89
C ASN G 146 -20.09 9.20 -23.18
N THR G 147 -20.41 10.50 -23.30
CA THR G 147 -20.01 11.26 -24.48
C THR G 147 -18.73 12.02 -24.19
N GLU G 148 -17.81 12.00 -25.14
CA GLU G 148 -16.61 12.82 -25.07
C GLU G 148 -16.88 14.15 -25.75
N MET G 149 -16.55 15.25 -25.07
CA MET G 149 -16.71 16.55 -25.69
C MET G 149 -15.61 17.47 -25.23
N ASN G 150 -15.22 18.38 -26.11
CA ASN G 150 -14.29 19.43 -25.77
C ASN G 150 -15.07 20.60 -25.17
N VAL G 151 -14.53 21.14 -24.09
CA VAL G 151 -15.21 22.04 -23.17
C VAL G 151 -14.24 23.17 -22.89
N HIS G 152 -14.73 24.20 -22.20
CA HIS G 152 -13.93 25.38 -21.86
C HIS G 152 -13.84 25.50 -20.34
N LEU G 153 -12.69 25.16 -19.77
CA LEU G 153 -12.47 25.39 -18.34
C LEU G 153 -12.54 26.87 -18.04
N VAL G 154 -13.38 27.23 -17.07
CA VAL G 154 -13.69 28.62 -16.78
C VAL G 154 -13.11 29.06 -15.45
N GLN G 155 -13.15 28.19 -14.44
CA GLN G 155 -12.70 28.57 -13.11
C GLN G 155 -12.42 27.29 -12.32
N ARG G 156 -11.91 27.48 -11.11
CA ARG G 156 -11.66 26.39 -10.17
C ARG G 156 -12.28 26.73 -8.83
N LEU G 157 -12.94 25.77 -8.21
CA LEU G 157 -13.63 25.95 -6.94
C LEU G 157 -13.34 24.77 -6.03
N PRO G 158 -13.58 24.90 -4.72
CA PRO G 158 -13.06 23.93 -3.74
C PRO G 158 -13.17 22.46 -4.12
N ASP G 159 -14.19 22.05 -4.86
CA ASP G 159 -14.40 20.64 -5.15
C ASP G 159 -14.27 20.26 -6.62
N GLY G 160 -14.05 21.22 -7.52
CA GLY G 160 -13.99 20.87 -8.93
C GLY G 160 -13.94 22.09 -9.81
N PHE G 161 -14.45 21.91 -11.03
CA PHE G 161 -14.32 22.89 -12.09
C PHE G 161 -15.67 23.45 -12.50
N LEU G 162 -15.63 24.63 -13.10
CA LEU G 162 -16.79 25.25 -13.73
C LEU G 162 -16.53 25.33 -15.22
N ILE G 163 -17.49 24.92 -16.03
CA ILE G 163 -17.29 24.79 -17.47
C ILE G 163 -18.40 25.50 -18.23
N ARG G 164 -18.12 25.76 -19.51
CA ARG G 164 -19.08 26.25 -20.48
C ARG G 164 -19.02 25.34 -21.70
N PHE G 165 -20.19 25.04 -22.28
CA PHE G 165 -20.26 24.05 -23.33
C PHE G 165 -19.81 24.64 -24.68
N LEU G 166 -19.56 23.74 -25.62
CA LEU G 166 -19.05 24.08 -26.93
C LEU G 166 -20.18 24.49 -27.87
N ASP G 167 -19.82 24.83 -29.11
CA ASP G 167 -20.81 25.12 -30.15
C ASP G 167 -21.86 24.03 -30.21
N ASP G 168 -21.44 22.77 -30.33
CA ASP G 168 -22.37 21.66 -30.44
C ASP G 168 -23.27 21.56 -29.22
N TRP G 169 -22.70 21.71 -28.04
CA TRP G 169 -23.41 21.45 -26.79
C TRP G 169 -23.96 22.72 -26.15
N LYS G 170 -24.03 23.81 -26.92
CA LYS G 170 -24.59 25.06 -26.43
C LYS G 170 -26.00 24.90 -25.87
N TYR G 171 -26.75 23.90 -26.34
CA TYR G 171 -28.18 23.84 -26.07
C TYR G 171 -28.50 23.34 -24.67
N ILE G 172 -27.64 22.49 -24.09
CA ILE G 172 -27.93 21.90 -22.78
C ILE G 172 -28.30 22.94 -21.74
N PRO G 173 -27.48 23.96 -21.46
CA PRO G 173 -27.85 24.93 -20.41
C PRO G 173 -29.09 25.75 -20.76
N GLU G 174 -29.30 26.05 -22.05
CA GLU G 174 -30.54 26.69 -22.47
C GLU G 174 -31.74 25.88 -22.02
N GLN G 175 -31.73 24.58 -22.29
CA GLN G 175 -32.85 23.72 -21.92
C GLN G 175 -33.02 23.67 -20.41
N LEU G 176 -31.93 23.77 -19.65
CA LEU G 176 -32.08 23.72 -18.20
C LEU G 176 -32.99 24.83 -17.68
N LEU G 177 -32.96 25.99 -18.31
CA LEU G 177 -33.82 27.09 -17.80
C LEU G 177 -35.18 27.16 -18.51
N GLN G 178 -35.21 26.85 -19.81
CA GLN G 178 -36.46 26.85 -20.62
C GLN G 178 -37.41 25.79 -20.08
N ARG G 179 -36.87 24.65 -19.65
CA ARG G 179 -37.58 23.49 -19.05
C ARG G 179 -37.71 23.67 -17.54
N ASN G 180 -37.29 24.81 -17.01
CA ASN G 180 -37.45 25.19 -15.59
C ASN G 180 -36.60 24.38 -14.62
N TYR G 181 -35.54 23.78 -15.12
CA TYR G 181 -34.63 23.09 -14.21
C TYR G 181 -33.60 24.08 -13.68
N GLY H 9 -15.82 2.94 -23.63
CA GLY H 9 -15.91 2.37 -22.27
C GLY H 9 -17.33 1.94 -21.95
N 2MR H 10 -17.96 2.56 -20.96
CA 2MR H 10 -19.35 2.19 -20.62
CB 2MR H 10 -19.74 2.87 -19.31
CG 2MR H 10 -18.79 2.63 -18.15
CD 2MR H 10 -19.19 3.42 -16.91
NE 2MR H 10 -19.31 2.53 -15.78
CZ 2MR H 10 -19.23 2.80 -14.50
NH1 2MR H 10 -19.98 3.74 -14.01
CQ1 2MR H 10 -20.60 4.75 -14.81
NH2 2MR H 10 -18.50 2.08 -13.76
CQ2 2MR H 10 -18.63 2.17 -12.33
C 2MR H 10 -20.22 2.52 -21.82
O 2MR H 10 -20.11 3.62 -22.36
N GLY H 11 -21.07 1.59 -22.23
CA GLY H 11 -21.91 1.76 -23.44
C GLY H 11 -23.05 2.74 -23.29
N ARG H 12 -23.16 3.69 -24.23
CA ARG H 12 -24.23 4.72 -24.19
C ARG H 12 -25.49 4.16 -24.85
N VAL I 4 -36.30 -48.71 19.54
CA VAL I 4 -36.65 -49.43 18.32
C VAL I 4 -37.08 -48.48 17.21
N HIS I 5 -37.63 -47.31 17.57
CA HIS I 5 -38.19 -46.40 16.58
C HIS I 5 -37.74 -44.98 16.81
N PHE I 6 -37.76 -44.20 15.72
CA PHE I 6 -37.26 -42.82 15.69
C PHE I 6 -38.17 -42.01 14.78
N GLU I 7 -38.80 -40.97 15.33
CA GLU I 7 -39.77 -40.19 14.58
C GLU I 7 -39.45 -38.70 14.67
N ILE I 8 -40.13 -37.93 13.83
CA ILE I 8 -39.72 -36.56 13.51
C ILE I 8 -40.11 -35.53 14.57
N GLY I 9 -40.97 -35.89 15.51
CA GLY I 9 -41.23 -35.01 16.64
C GLY I 9 -40.43 -35.45 17.84
N SER I 10 -39.87 -36.65 17.74
CA SER I 10 -39.31 -37.38 18.86
C SER I 10 -37.98 -36.80 19.33
N ILE I 11 -37.65 -37.14 20.57
CA ILE I 11 -36.30 -36.95 21.12
C ILE I 11 -35.62 -38.31 21.12
N VAL I 12 -34.51 -38.41 20.38
CA VAL I 12 -33.82 -39.68 20.21
C VAL I 12 -32.44 -39.56 20.83
N GLY I 13 -31.80 -40.72 21.01
CA GLY I 13 -30.42 -40.78 21.46
C GLY I 13 -29.54 -41.24 20.32
N ILE I 14 -28.39 -40.56 20.15
CA ILE I 14 -27.45 -40.91 19.10
C ILE I 14 -26.05 -41.04 19.68
N LEU I 15 -25.22 -41.74 18.92
CA LEU I 15 -23.79 -41.86 19.15
C LEU I 15 -23.10 -41.20 17.95
N ILE I 16 -22.31 -40.17 18.20
CA ILE I 16 -21.61 -39.48 17.13
C ILE I 16 -20.28 -40.19 16.89
N THR I 17 -20.02 -40.55 15.62
CA THR I 17 -18.89 -41.38 15.28
C THR I 17 -17.87 -40.72 14.37
N PHE I 18 -18.23 -39.66 13.66
CA PHE I 18 -17.34 -39.03 12.68
C PHE I 18 -17.92 -37.67 12.32
N ILE I 19 -17.02 -36.73 12.03
CA ILE I 19 -17.39 -35.35 11.70
C ILE I 19 -17.13 -35.15 10.21
N ASN I 20 -18.21 -35.03 9.43
CA ASN I 20 -18.08 -34.84 7.99
C ASN I 20 -18.00 -33.38 7.58
N GLY I 21 -18.54 -32.46 8.38
CA GLY I 21 -18.53 -31.07 8.05
C GLY I 21 -18.73 -30.17 9.25
N PRO I 22 -18.59 -28.86 9.03
CA PRO I 22 -18.87 -27.91 10.12
C PRO I 22 -20.27 -28.02 10.69
N THR I 23 -21.23 -28.51 9.91
CA THR I 23 -22.62 -28.61 10.36
C THR I 23 -23.22 -29.98 10.09
N GLU I 24 -22.40 -30.98 9.80
CA GLU I 24 -22.89 -32.33 9.50
C GLU I 24 -22.02 -33.33 10.23
N VAL I 25 -22.58 -33.97 11.25
CA VAL I 25 -21.91 -35.06 11.91
C VAL I 25 -22.48 -36.37 11.34
N TYR I 26 -21.76 -37.46 11.60
CA TYR I 26 -22.19 -38.80 11.23
C TYR I 26 -22.36 -39.60 12.51
N GLY I 27 -23.40 -40.41 12.58
CA GLY I 27 -23.66 -41.09 13.82
C GLY I 27 -24.49 -42.33 13.67
N GLN I 28 -24.81 -42.90 14.80
CA GLN I 28 -25.73 -44.04 14.74
C GLN I 28 -26.77 -43.87 15.84
N PHE I 29 -27.95 -44.44 15.62
CA PHE I 29 -29.03 -44.40 16.58
C PHE I 29 -28.73 -45.37 17.71
N LEU I 30 -29.06 -44.97 18.93
CA LEU I 30 -28.86 -45.82 20.10
C LEU I 30 -30.03 -46.79 20.17
N ASP I 31 -29.79 -48.03 19.76
CA ASP I 31 -30.81 -49.07 19.84
C ASP I 31 -30.45 -50.20 20.80
N GLY I 32 -29.35 -50.08 21.54
CA GLY I 32 -28.99 -51.03 22.57
C GLY I 32 -28.29 -52.28 22.10
N SER I 33 -28.16 -52.49 20.80
CA SER I 33 -27.52 -53.69 20.28
C SER I 33 -26.00 -53.62 20.48
N PRO I 34 -25.33 -54.77 20.53
CA PRO I 34 -23.86 -54.76 20.63
C PRO I 34 -23.24 -54.16 19.39
N PRO I 35 -22.13 -53.43 19.55
CA PRO I 35 -21.48 -52.85 18.37
C PRO I 35 -20.85 -53.91 17.50
N LEU I 36 -20.76 -53.60 16.20
CA LEU I 36 -20.18 -54.51 15.21
C LEU I 36 -18.69 -54.23 15.13
N VAL I 37 -17.95 -54.82 16.07
CA VAL I 37 -16.51 -54.60 16.21
C VAL I 37 -15.86 -55.92 16.57
N TRP I 38 -14.80 -56.24 15.84
CA TRP I 38 -14.03 -57.44 16.13
C TRP I 38 -12.63 -57.02 16.55
N ASP I 39 -12.28 -57.35 17.77
CA ASP I 39 -10.95 -57.06 18.34
C ASP I 39 -9.91 -57.86 17.56
N LYS I 40 -8.68 -57.38 17.46
CA LYS I 40 -7.65 -58.08 16.67
C LYS I 40 -7.39 -59.44 17.30
N LYS I 41 -7.62 -59.53 18.59
CA LYS I 41 -7.36 -60.79 19.31
C LYS I 41 -8.16 -61.93 18.69
N ASP I 42 -9.45 -61.72 18.55
CA ASP I 42 -10.32 -62.79 18.01
C ASP I 42 -10.02 -63.07 16.54
N VAL I 43 -9.82 -62.03 15.73
CA VAL I 43 -9.68 -62.35 14.28
C VAL I 43 -8.30 -62.95 14.06
N PRO I 44 -8.28 -64.27 13.85
CA PRO I 44 -7.10 -65.03 13.56
C PRO I 44 -6.66 -64.93 12.11
N GLU I 45 -5.43 -65.38 11.86
CA GLU I 45 -4.64 -65.30 10.61
C GLU I 45 -5.27 -66.04 9.42
N ASN I 46 -5.86 -67.19 9.68
CA ASN I 46 -6.50 -68.00 8.62
C ASN I 46 -7.74 -67.25 8.15
N LYS I 47 -8.22 -66.37 9.01
CA LYS I 47 -9.50 -65.67 8.80
C LYS I 47 -9.19 -64.27 8.28
N ARG I 48 -7.94 -63.97 7.96
CA ARG I 48 -7.62 -62.66 7.35
C ARG I 48 -7.34 -62.87 5.87
N THR I 49 -7.66 -64.05 5.35
CA THR I 49 -7.29 -64.37 3.96
C THR I 49 -8.54 -64.77 3.21
N PHE I 50 -8.65 -64.41 1.92
CA PHE I 50 -9.87 -64.72 1.14
C PHE I 50 -9.54 -65.49 -0.15
N LYS I 51 -10.44 -66.38 -0.52
CA LYS I 51 -10.41 -67.22 -1.74
C LYS I 51 -10.44 -66.35 -2.99
N SER I 52 -11.15 -65.24 -2.99
CA SER I 52 -11.06 -64.42 -4.21
C SER I 52 -10.71 -63.00 -3.83
N LYS I 53 -9.99 -62.31 -4.71
CA LYS I 53 -9.60 -60.93 -4.35
C LYS I 53 -10.90 -60.16 -4.21
N PRO I 54 -11.08 -59.35 -3.16
CA PRO I 54 -12.31 -58.64 -2.92
C PRO I 54 -12.75 -57.76 -4.10
N ARG I 55 -14.06 -57.76 -4.31
CA ARG I 55 -14.71 -57.08 -5.43
C ARG I 55 -15.20 -55.69 -5.04
N LEU I 56 -15.52 -54.87 -6.04
CA LEU I 56 -16.13 -53.58 -5.77
C LEU I 56 -17.46 -53.77 -5.05
N LEU I 57 -17.69 -52.97 -4.02
CA LEU I 57 -18.91 -52.91 -3.22
C LEU I 57 -19.15 -54.17 -2.39
N ASP I 58 -18.17 -55.07 -2.29
CA ASP I 58 -18.23 -56.13 -1.31
C ASP I 58 -18.13 -55.53 0.10
N ILE I 59 -18.63 -56.28 1.08
CA ILE I 59 -18.53 -55.89 2.48
C ILE I 59 -17.45 -56.73 3.14
N VAL I 60 -16.46 -56.05 3.72
CA VAL I 60 -15.26 -56.69 4.25
C VAL I 60 -15.10 -56.30 5.72
N LEU I 61 -14.12 -56.92 6.35
CA LEU I 61 -13.55 -56.43 7.60
C LEU I 61 -12.32 -55.59 7.26
N ALA I 62 -12.15 -54.50 8.01
CA ALA I 62 -10.99 -53.64 7.83
C ALA I 62 -10.45 -53.22 9.19
N LEU I 63 -9.13 -53.15 9.29
CA LEU I 63 -8.47 -52.84 10.56
C LEU I 63 -8.21 -51.34 10.65
N TYR I 64 -8.71 -50.73 11.73
CA TYR I 64 -8.63 -49.29 11.98
C TYR I 64 -7.43 -48.99 12.89
N SER I 65 -7.17 -47.69 13.06
CA SER I 65 -6.00 -47.24 13.81
C SER I 65 -6.06 -47.57 15.30
N ASP I 66 -7.17 -48.10 15.80
CA ASP I 66 -7.27 -48.52 17.19
C ASP I 66 -7.02 -50.02 17.35
N GLY I 67 -6.52 -50.68 16.32
CA GLY I 67 -6.23 -52.10 16.42
C GLY I 67 -7.46 -52.99 16.43
N CYS I 68 -8.56 -52.52 15.87
CA CYS I 68 -9.79 -53.29 15.81
C CYS I 68 -10.23 -53.44 14.36
N PHE I 69 -11.14 -54.39 14.13
CA PHE I 69 -11.74 -54.60 12.83
C PHE I 69 -13.18 -54.09 12.84
N TYR I 70 -13.54 -53.36 11.80
CA TYR I 70 -14.87 -52.84 11.61
C TYR I 70 -15.36 -53.22 10.21
N ARG I 71 -16.67 -53.12 10.02
CA ARG I 71 -17.25 -53.44 8.72
C ARG I 71 -17.00 -52.29 7.75
N ALA I 72 -16.49 -52.61 6.57
CA ALA I 72 -16.21 -51.60 5.56
C ALA I 72 -16.76 -52.04 4.21
N GLN I 73 -17.04 -51.04 3.38
CA GLN I 73 -17.55 -51.25 2.00
C GLN I 73 -16.47 -50.74 1.02
N ILE I 74 -16.05 -51.58 0.07
CA ILE I 74 -15.02 -51.22 -0.88
C ILE I 74 -15.66 -50.30 -1.91
N ILE I 75 -15.39 -49.00 -1.78
CA ILE I 75 -15.94 -48.05 -2.74
C ILE I 75 -15.09 -48.06 -4.01
N ASP I 76 -13.77 -48.18 -3.89
CA ASP I 76 -12.95 -48.21 -5.10
C ASP I 76 -11.70 -49.06 -4.87
N GLU I 77 -11.05 -49.44 -5.98
CA GLU I 77 -9.92 -50.34 -5.95
C GLU I 77 -8.87 -49.91 -6.97
N PHE I 78 -7.62 -49.96 -6.56
CA PHE I 78 -6.47 -49.57 -7.35
C PHE I 78 -5.39 -50.63 -7.23
N PRO I 79 -4.40 -50.64 -8.13
CA PRO I 79 -3.31 -51.62 -8.04
C PRO I 79 -2.68 -51.74 -6.65
N SER I 80 -2.49 -50.64 -5.94
CA SER I 80 -1.78 -50.66 -4.67
C SER I 80 -2.66 -50.45 -3.44
N GLU I 81 -3.92 -50.06 -3.61
CA GLU I 81 -4.76 -49.81 -2.45
C GLU I 81 -6.24 -49.84 -2.82
N TYR I 82 -7.08 -49.71 -1.79
CA TYR I 82 -8.52 -49.73 -1.85
C TYR I 82 -9.06 -48.53 -1.09
N MET I 83 -10.04 -47.85 -1.66
CA MET I 83 -10.81 -46.85 -0.91
C MET I 83 -12.02 -47.53 -0.29
N ILE I 84 -12.06 -47.52 1.05
CA ILE I 84 -13.11 -48.15 1.84
C ILE I 84 -13.86 -47.09 2.62
N PHE I 85 -15.08 -47.44 3.01
CA PHE I 85 -15.97 -46.60 3.81
C PHE I 85 -16.50 -47.45 4.96
N TYR I 86 -16.27 -47.01 6.19
CA TYR I 86 -16.77 -47.74 7.35
C TYR I 86 -18.26 -47.51 7.46
N VAL I 87 -19.04 -48.58 7.23
CA VAL I 87 -20.48 -48.45 7.02
C VAL I 87 -21.25 -48.20 8.31
N ASP I 88 -20.63 -48.39 9.47
CA ASP I 88 -21.27 -48.09 10.74
C ASP I 88 -20.68 -46.87 11.42
N TYR I 89 -19.68 -46.24 10.83
CA TYR I 89 -18.99 -45.15 11.51
C TYR I 89 -18.80 -43.91 10.63
N GLY I 90 -18.54 -44.08 9.34
CA GLY I 90 -18.65 -42.98 8.40
C GLY I 90 -17.35 -42.40 7.88
N ASN I 91 -16.21 -42.91 8.32
CA ASN I 91 -14.94 -42.39 7.77
C ASN I 91 -14.58 -43.13 6.50
N THR I 92 -13.86 -42.48 5.61
CA THR I 92 -13.34 -43.05 4.37
C THR I 92 -11.83 -43.17 4.48
N GLU I 93 -11.28 -44.28 4.00
CA GLU I 93 -9.86 -44.56 4.14
C GLU I 93 -9.32 -45.19 2.86
N PHE I 94 -7.99 -45.26 2.79
CA PHE I 94 -7.26 -46.02 1.79
C PHE I 94 -6.43 -47.07 2.52
N VAL I 95 -6.60 -48.34 2.14
CA VAL I 95 -5.90 -49.45 2.82
C VAL I 95 -5.44 -50.46 1.78
N PRO I 96 -4.39 -51.21 2.08
CA PRO I 96 -3.99 -52.31 1.21
C PRO I 96 -4.81 -53.57 1.50
N LEU I 97 -4.68 -54.54 0.59
CA LEU I 97 -5.26 -55.86 0.83
C LEU I 97 -4.85 -56.40 2.20
N SER I 98 -3.67 -56.00 2.67
CA SER I 98 -3.16 -56.41 3.98
C SER I 98 -3.99 -55.96 5.17
N CYS I 99 -4.92 -55.03 4.98
CA CYS I 99 -5.74 -54.52 6.07
C CYS I 99 -7.17 -55.06 6.04
N LEU I 100 -7.47 -55.92 5.08
CA LEU I 100 -8.84 -56.44 4.89
C LEU I 100 -8.94 -57.90 5.31
N ALA I 101 -10.05 -58.28 5.90
CA ALA I 101 -10.37 -59.67 6.30
C ALA I 101 -11.73 -60.03 5.71
N PRO I 102 -12.06 -61.30 5.45
CA PRO I 102 -13.37 -61.64 4.94
C PRO I 102 -14.48 -61.51 6.00
N CYS I 103 -15.69 -61.16 5.55
CA CYS I 103 -16.82 -60.99 6.48
C CYS I 103 -17.83 -62.12 6.32
N GLU I 104 -18.27 -62.69 7.43
CA GLU I 104 -19.27 -63.78 7.37
C GLU I 104 -20.57 -63.17 6.84
N ASN I 105 -21.30 -63.92 6.03
CA ASN I 105 -22.52 -63.44 5.39
C ASN I 105 -23.51 -62.88 6.40
N VAL I 106 -23.65 -63.56 7.55
CA VAL I 106 -24.56 -63.07 8.58
C VAL I 106 -24.12 -61.70 9.09
N ASP I 107 -22.80 -61.52 9.26
CA ASP I 107 -22.30 -60.24 9.73
C ASP I 107 -22.37 -59.18 8.63
N SER I 108 -22.13 -59.57 7.38
CA SER I 108 -22.05 -58.59 6.30
C SER I 108 -23.43 -58.08 5.89
N PHE I 109 -24.47 -58.90 6.03
CA PHE I 109 -25.80 -58.50 5.58
C PHE I 109 -26.51 -57.59 6.58
N LYS I 110 -26.03 -57.51 7.81
CA LYS I 110 -26.67 -56.65 8.80
C LYS I 110 -26.71 -55.21 8.31
N PRO I 111 -27.74 -54.45 8.68
CA PRO I 111 -27.89 -53.09 8.12
C PRO I 111 -26.79 -52.15 8.59
N HIS I 112 -26.54 -51.14 7.77
CA HIS I 112 -25.56 -50.11 8.11
C HIS I 112 -26.10 -49.25 9.25
N ARG I 113 -25.23 -48.92 10.20
CA ARG I 113 -25.65 -48.17 11.38
C ARG I 113 -25.42 -46.67 11.26
N VAL I 114 -24.68 -46.20 10.25
CA VAL I 114 -24.28 -44.80 10.20
C VAL I 114 -25.27 -43.98 9.38
N PHE I 115 -25.54 -42.77 9.87
CA PHE I 115 -26.52 -41.85 9.30
C PHE I 115 -25.94 -40.44 9.33
N SER I 116 -26.42 -39.61 8.41
CA SER I 116 -25.99 -38.23 8.30
C SER I 116 -26.92 -37.34 9.11
N PHE I 117 -26.35 -36.57 10.03
CA PHE I 117 -27.08 -35.62 10.84
C PHE I 117 -26.58 -34.22 10.50
N HIS I 118 -27.48 -33.36 10.05
CA HIS I 118 -27.20 -31.95 9.82
C HIS I 118 -27.75 -31.13 10.98
N ILE I 119 -27.23 -29.92 11.12
CA ILE I 119 -27.63 -29.01 12.20
C ILE I 119 -28.53 -27.93 11.63
N GLU I 120 -29.52 -27.52 12.43
CA GLU I 120 -30.74 -26.95 11.88
C GLU I 120 -30.53 -25.55 11.33
N GLY I 121 -30.28 -24.57 12.21
CA GLY I 121 -30.25 -23.18 11.79
C GLY I 121 -28.99 -22.77 11.07
N ILE I 122 -27.93 -23.56 11.16
CA ILE I 122 -26.63 -23.13 10.70
C ILE I 122 -26.30 -23.81 9.38
N VAL I 123 -25.27 -23.30 8.71
CA VAL I 123 -24.78 -23.80 7.43
C VAL I 123 -23.30 -23.47 7.38
N ARG I 124 -22.58 -24.10 6.46
CA ARG I 124 -21.16 -23.80 6.34
C ARG I 124 -20.97 -22.34 5.94
N SER I 125 -20.24 -21.59 6.75
CA SER I 125 -19.90 -20.21 6.42
C SER I 125 -19.20 -20.17 5.07
N LYS I 126 -19.73 -19.37 4.14
CA LYS I 126 -19.17 -19.39 2.80
C LYS I 126 -17.88 -18.58 2.74
N ASN I 127 -16.96 -19.06 1.88
CA ASN I 127 -15.59 -18.59 1.77
C ASN I 127 -14.77 -18.90 3.02
N LEU I 128 -15.24 -19.80 3.86
CA LEU I 128 -14.42 -20.32 4.96
C LEU I 128 -13.24 -21.08 4.37
N THR I 129 -12.03 -20.75 4.84
CA THR I 129 -10.80 -21.26 4.25
C THR I 129 -10.57 -22.73 4.66
N HIS I 130 -9.54 -23.33 4.06
CA HIS I 130 -9.26 -24.73 4.37
C HIS I 130 -8.74 -24.89 5.80
N GLN I 131 -7.81 -24.03 6.21
CA GLN I 131 -7.33 -24.08 7.59
C GLN I 131 -8.47 -23.93 8.57
N LYS I 132 -9.42 -23.02 8.30
CA LYS I 132 -10.53 -22.82 9.21
C LYS I 132 -11.53 -23.98 9.14
N THR I 133 -11.70 -24.60 7.97
CA THR I 133 -12.55 -25.79 7.88
C THR I 133 -12.00 -26.92 8.76
N ILE I 134 -10.71 -27.21 8.62
CA ILE I 134 -10.08 -28.22 9.46
C ILE I 134 -10.15 -27.81 10.92
N GLU I 135 -9.99 -26.51 11.19
CA GLU I 135 -10.12 -25.97 12.55
C GLU I 135 -11.46 -26.33 13.15
N CYS I 136 -12.55 -26.04 12.43
CA CYS I 136 -13.89 -26.32 12.92
C CYS I 136 -14.08 -27.80 13.15
N ILE I 137 -13.56 -28.63 12.23
CA ILE I 137 -13.73 -30.07 12.41
C ILE I 137 -12.99 -30.55 13.64
N GLU I 138 -11.83 -29.98 13.92
CA GLU I 138 -11.09 -30.40 15.11
C GLU I 138 -11.78 -29.91 16.38
N TYR I 139 -12.47 -28.77 16.34
CA TYR I 139 -13.28 -28.34 17.49
C TYR I 139 -14.46 -29.29 17.69
N LEU I 140 -15.14 -29.68 16.61
CA LEU I 140 -16.26 -30.59 16.76
C LEU I 140 -15.80 -31.95 17.24
N LYS I 141 -14.66 -32.44 16.71
CA LYS I 141 -14.02 -33.63 17.25
C LYS I 141 -13.76 -33.49 18.73
N SER I 142 -13.34 -32.31 19.11
CA SER I 142 -12.96 -32.06 20.51
C SER I 142 -14.16 -32.34 21.39
N LYS I 143 -15.34 -31.99 20.94
CA LYS I 143 -16.43 -32.12 21.94
C LYS I 143 -17.47 -33.18 21.63
N LEU I 144 -17.63 -33.58 20.40
CA LEU I 144 -18.76 -34.43 20.03
C LEU I 144 -18.42 -35.88 19.71
N LEU I 145 -17.14 -36.20 19.51
CA LEU I 145 -16.80 -37.50 18.96
C LEU I 145 -16.94 -38.60 20.00
N ASN I 146 -17.53 -39.73 19.57
CA ASN I 146 -17.72 -40.92 20.41
C ASN I 146 -18.57 -40.63 21.63
N THR I 147 -19.51 -39.69 21.51
CA THR I 147 -20.34 -39.26 22.61
C THR I 147 -21.80 -39.58 22.33
N GLU I 148 -22.50 -40.03 23.37
CA GLU I 148 -23.92 -40.29 23.28
C GLU I 148 -24.67 -39.07 23.79
N MET I 149 -25.68 -38.65 23.03
CA MET I 149 -26.42 -37.46 23.40
C MET I 149 -27.86 -37.57 22.91
N ASN I 150 -28.72 -36.78 23.53
CA ASN I 150 -30.11 -36.69 23.11
C ASN I 150 -30.27 -35.53 22.14
N VAL I 151 -31.18 -35.72 21.19
CA VAL I 151 -31.27 -34.90 20.00
C VAL I 151 -32.74 -34.84 19.59
N HIS I 152 -33.14 -33.76 18.97
CA HIS I 152 -34.55 -33.69 18.58
C HIS I 152 -34.61 -33.84 17.07
N LEU I 153 -35.24 -34.88 16.56
CA LEU I 153 -35.29 -34.98 15.09
C LEU I 153 -36.24 -33.89 14.62
N VAL I 154 -35.83 -33.12 13.63
CA VAL I 154 -36.62 -31.94 13.22
C VAL I 154 -37.17 -32.15 11.83
N GLN I 155 -36.53 -32.99 11.05
CA GLN I 155 -36.99 -33.12 9.68
C GLN I 155 -36.19 -34.22 9.00
N ARG I 156 -36.80 -34.81 7.97
CA ARG I 156 -36.14 -35.80 7.13
C ARG I 156 -35.64 -35.12 5.86
N LEU I 157 -34.38 -35.34 5.54
CA LEU I 157 -33.70 -34.88 4.34
C LEU I 157 -33.42 -36.06 3.43
N PRO I 158 -33.34 -35.85 2.12
CA PRO I 158 -33.18 -36.98 1.18
C PRO I 158 -32.16 -38.02 1.61
N ASP I 159 -31.08 -37.61 2.27
CA ASP I 159 -30.06 -38.55 2.69
C ASP I 159 -29.74 -38.45 4.18
N GLY I 160 -30.62 -37.89 5.00
CA GLY I 160 -30.29 -37.77 6.40
C GLY I 160 -31.36 -37.11 7.23
N PHE I 161 -30.94 -36.57 8.37
CA PHE I 161 -31.85 -35.94 9.32
C PHE I 161 -31.36 -34.55 9.65
N LEU I 162 -32.30 -33.67 9.93
CA LEU I 162 -32.02 -32.36 10.53
C LEU I 162 -32.24 -32.48 12.02
N ILE I 163 -31.25 -32.06 12.81
CA ILE I 163 -31.29 -32.30 14.23
C ILE I 163 -31.05 -30.99 14.99
N ARG I 164 -31.55 -30.96 16.21
CA ARG I 164 -31.36 -29.78 17.06
C ARG I 164 -30.71 -30.27 18.33
N PHE I 165 -29.62 -29.64 18.72
CA PHE I 165 -28.91 -30.04 19.95
C PHE I 165 -29.73 -29.64 21.14
N LEU I 166 -29.56 -30.31 22.26
CA LEU I 166 -30.42 -29.97 23.41
C LEU I 166 -29.66 -29.33 24.57
N ASP I 167 -30.16 -29.52 25.78
CA ASP I 167 -29.72 -28.65 26.89
C ASP I 167 -28.23 -28.64 27.17
N ASP I 168 -27.56 -29.80 27.23
CA ASP I 168 -26.10 -29.85 27.55
C ASP I 168 -25.24 -29.65 26.30
N TRP I 169 -25.88 -29.56 25.13
CA TRP I 169 -25.17 -29.41 23.84
C TRP I 169 -25.78 -28.28 23.05
N LYS I 170 -26.52 -27.42 23.72
CA LYS I 170 -27.21 -26.31 23.03
C LYS I 170 -26.19 -25.39 22.40
N TYR I 171 -25.08 -25.18 23.10
CA TYR I 171 -24.06 -24.21 22.68
C TYR I 171 -23.37 -24.53 21.36
N ILE I 172 -23.31 -25.79 20.97
CA ILE I 172 -22.49 -26.14 19.81
C ILE I 172 -22.76 -25.26 18.60
N PRO I 173 -24.00 -25.12 18.10
CA PRO I 173 -24.21 -24.23 16.95
C PRO I 173 -23.93 -22.78 17.26
N GLU I 174 -24.20 -22.35 18.49
CA GLU I 174 -23.88 -20.99 18.90
C GLU I 174 -22.38 -20.72 18.74
N GLN I 175 -21.55 -21.65 19.21
CA GLN I 175 -20.11 -21.45 19.09
C GLN I 175 -19.65 -21.54 17.64
N LEU I 176 -20.30 -22.38 16.84
CA LEU I 176 -19.95 -22.44 15.42
C LEU I 176 -20.25 -21.12 14.73
N LEU I 177 -21.34 -20.45 15.13
CA LEU I 177 -21.64 -19.14 14.57
C LEU I 177 -20.71 -18.07 15.14
N GLN I 178 -20.37 -18.20 16.43
CA GLN I 178 -19.56 -17.19 17.11
C GLN I 178 -18.12 -17.22 16.63
N ARG I 179 -17.59 -18.41 16.37
CA ARG I 179 -16.25 -18.57 15.86
C ARG I 179 -16.20 -18.47 14.33
N ASN I 180 -17.28 -17.98 13.72
CA ASN I 180 -17.38 -17.72 12.29
C ASN I 180 -17.13 -18.97 11.44
N TYR I 181 -17.29 -20.14 12.03
CA TYR I 181 -17.29 -21.37 11.24
C TYR I 181 -18.58 -21.55 10.46
N ALA I 182 -19.69 -21.02 10.98
CA ALA I 182 -21.01 -21.25 10.40
C ALA I 182 -21.73 -19.93 10.14
N GLN I 183 -22.79 -20.04 9.35
CA GLN I 183 -23.70 -18.94 9.02
C GLN I 183 -25.12 -19.37 9.35
N VAL I 184 -25.99 -18.39 9.62
CA VAL I 184 -27.39 -18.71 9.77
C VAL I 184 -27.97 -19.11 8.42
N SER I 185 -28.74 -20.19 8.40
CA SER I 185 -29.36 -20.69 7.17
C SER I 185 -30.32 -19.65 6.58
N SER J 10 1.98 4.80 -16.47
CA SER J 10 1.88 5.90 -15.51
C SER J 10 3.19 6.09 -14.75
N ILE J 11 3.25 7.14 -13.94
CA ILE J 11 4.45 7.52 -13.20
C ILE J 11 4.23 7.20 -11.73
N VAL J 12 5.17 6.46 -11.14
CA VAL J 12 5.07 6.06 -9.74
C VAL J 12 6.29 6.55 -8.97
N GLY J 13 6.08 6.77 -7.68
CA GLY J 13 7.14 7.21 -6.79
C GLY J 13 7.75 6.02 -6.07
N ILE J 14 9.09 5.98 -6.04
CA ILE J 14 9.83 4.92 -5.38
C ILE J 14 10.90 5.52 -4.50
N LEU J 15 11.35 4.71 -3.55
CA LEU J 15 12.45 4.99 -2.64
C LEU J 15 13.49 3.88 -2.83
N ILE J 16 14.65 4.24 -3.36
CA ILE J 16 15.69 3.26 -3.66
C ILE J 16 16.42 2.91 -2.37
N THR J 17 16.41 1.63 -2.00
CA THR J 17 16.98 1.18 -0.74
C THR J 17 18.29 0.42 -0.91
N PHE J 18 18.58 -0.09 -2.10
CA PHE J 18 19.68 -1.04 -2.26
C PHE J 18 20.00 -1.15 -3.74
N ILE J 19 21.28 -1.39 -4.04
CA ILE J 19 21.74 -1.59 -5.40
C ILE J 19 22.06 -3.07 -5.56
N ASN J 20 21.20 -3.78 -6.29
CA ASN J 20 21.38 -5.22 -6.46
C ASN J 20 22.45 -5.53 -7.50
N GLY J 21 22.52 -4.73 -8.56
CA GLY J 21 23.51 -4.90 -9.60
C GLY J 21 23.63 -3.64 -10.43
N PRO J 22 24.51 -3.66 -11.43
CA PRO J 22 24.75 -2.44 -12.23
C PRO J 22 23.50 -1.79 -12.78
N THR J 23 22.44 -2.56 -13.08
CA THR J 23 21.23 -2.01 -13.67
C THR J 23 19.97 -2.55 -12.99
N GLU J 24 20.12 -2.91 -11.70
CA GLU J 24 18.96 -3.37 -10.91
C GLU J 24 19.04 -2.80 -9.49
N VAL J 25 18.00 -2.09 -9.03
CA VAL J 25 17.97 -1.62 -7.66
C VAL J 25 16.77 -2.22 -6.96
N TYR J 26 16.82 -2.21 -5.63
CA TYR J 26 15.69 -2.61 -4.80
C TYR J 26 15.07 -1.37 -4.21
N GLY J 27 13.76 -1.41 -4.00
CA GLY J 27 13.12 -0.19 -3.53
C GLY J 27 11.73 -0.41 -2.99
N GLN J 28 11.26 0.60 -2.30
CA GLN J 28 9.88 0.67 -1.83
C GLN J 28 9.07 1.58 -2.76
N PHE J 29 7.76 1.36 -2.78
CA PHE J 29 6.87 2.31 -3.42
C PHE J 29 6.54 3.42 -2.42
N LEU J 30 6.47 4.65 -2.91
CA LEU J 30 6.18 5.79 -2.06
C LEU J 30 4.67 5.93 -1.86
N ASP J 31 4.22 5.82 -0.60
CA ASP J 31 2.82 6.05 -0.29
C ASP J 31 2.62 6.91 0.95
N GLY J 32 3.68 7.42 1.58
CA GLY J 32 3.57 8.21 2.78
C GLY J 32 3.77 7.45 4.08
N SER J 33 3.81 6.12 4.03
CA SER J 33 4.01 5.33 5.24
C SER J 33 5.35 5.68 5.87
N PRO J 34 5.42 5.79 7.20
CA PRO J 34 6.71 6.01 7.85
C PRO J 34 7.52 4.72 7.88
N PRO J 35 8.84 4.81 8.07
CA PRO J 35 9.67 3.61 7.93
C PRO J 35 9.35 2.56 8.98
N LEU J 36 9.71 1.31 8.65
CA LEU J 36 9.58 0.18 9.56
C LEU J 36 10.94 -0.06 10.20
N VAL J 37 11.27 0.80 11.17
CA VAL J 37 12.59 0.77 11.84
C VAL J 37 12.40 1.13 13.30
N TRP J 38 13.19 0.51 14.17
CA TRP J 38 13.12 0.69 15.64
C TRP J 38 14.47 1.14 16.18
N ASP J 39 14.50 2.06 17.13
CA ASP J 39 15.78 2.48 17.75
C ASP J 39 16.13 1.47 18.82
N LYS J 40 17.40 1.38 19.20
CA LYS J 40 17.83 0.39 20.20
C LYS J 40 17.05 0.63 21.48
N LYS J 41 16.75 1.90 21.77
CA LYS J 41 15.98 2.29 22.99
C LYS J 41 14.57 1.69 22.91
N ASP J 42 13.96 1.69 21.71
CA ASP J 42 12.57 1.18 21.60
C ASP J 42 12.57 -0.32 21.91
N VAL J 43 13.60 -1.00 21.45
CA VAL J 43 13.74 -2.45 21.67
C VAL J 43 14.74 -2.65 22.81
N PRO J 44 14.32 -2.56 24.07
CA PRO J 44 15.26 -2.72 25.17
C PRO J 44 15.74 -4.15 25.25
N GLU J 45 16.82 -4.34 26.02
CA GLU J 45 17.40 -5.67 26.18
C GLU J 45 16.43 -6.66 26.79
N ASN J 46 15.32 -6.19 27.38
CA ASN J 46 14.36 -7.10 28.00
C ASN J 46 13.62 -7.91 26.96
N LYS J 47 13.23 -7.29 25.84
CA LYS J 47 12.42 -7.98 24.84
C LYS J 47 13.24 -8.41 23.63
N ARG J 48 14.53 -8.68 23.81
CA ARG J 48 15.36 -9.24 22.74
C ARG J 48 15.62 -10.72 22.91
N THR J 49 14.98 -11.36 23.90
CA THR J 49 15.20 -12.77 24.18
C THR J 49 14.08 -13.59 23.53
N PHE J 50 14.46 -14.53 22.67
CA PHE J 50 13.50 -15.43 22.06
C PHE J 50 13.11 -16.53 23.04
N LYS J 51 11.83 -16.88 23.06
CA LYS J 51 11.40 -18.02 23.87
C LYS J 51 11.70 -19.35 23.19
N SER J 52 11.83 -19.35 21.86
CA SER J 52 12.37 -20.48 21.11
C SER J 52 13.37 -19.95 20.10
N LYS J 53 14.49 -20.65 19.94
CA LYS J 53 15.58 -20.17 19.11
C LYS J 53 15.10 -19.99 17.67
N PRO J 54 15.47 -18.89 17.02
CA PRO J 54 15.00 -18.64 15.65
C PRO J 54 15.53 -19.65 14.65
N ARG J 55 14.76 -19.83 13.58
CA ARG J 55 15.01 -20.88 12.60
C ARG J 55 14.82 -20.32 11.19
N LEU J 56 15.13 -21.17 10.22
CA LEU J 56 14.91 -20.88 8.81
C LEU J 56 13.50 -20.36 8.57
N LEU J 57 13.40 -19.31 7.75
CA LEU J 57 12.20 -18.69 7.24
C LEU J 57 11.51 -17.80 8.28
N ASP J 58 11.94 -17.84 9.54
CA ASP J 58 11.35 -16.97 10.56
C ASP J 58 11.54 -15.51 10.21
N ILE J 59 10.64 -14.66 10.74
CA ILE J 59 10.73 -13.22 10.59
C ILE J 59 11.09 -12.63 11.95
N VAL J 60 12.15 -11.81 11.97
CA VAL J 60 12.72 -11.28 13.19
C VAL J 60 13.08 -9.83 12.96
N LEU J 61 13.47 -9.15 14.04
CA LEU J 61 14.11 -7.84 13.93
C LEU J 61 15.62 -8.05 14.00
N ALA J 62 16.35 -7.32 13.17
CA ALA J 62 17.79 -7.49 13.05
C ALA J 62 18.48 -6.13 13.16
N LEU J 63 19.69 -6.17 13.72
CA LEU J 63 20.48 -4.96 13.97
C LEU J 63 21.36 -4.69 12.76
N TYR J 64 21.09 -3.58 12.08
CA TYR J 64 21.88 -3.19 10.92
C TYR J 64 23.11 -2.38 11.36
N SER J 65 24.00 -2.12 10.40
CA SER J 65 25.23 -1.41 10.72
C SER J 65 24.95 0.00 11.23
N ASP J 66 23.78 0.55 10.92
CA ASP J 66 23.44 1.90 11.36
C ASP J 66 22.96 1.95 12.80
N GLY J 67 22.96 0.83 13.51
CA GLY J 67 22.56 0.79 14.90
C GLY J 67 21.08 0.76 15.16
N CYS J 68 20.26 0.43 14.16
CA CYS J 68 18.81 0.36 14.33
C CYS J 68 18.29 -0.97 13.85
N PHE J 69 17.17 -1.39 14.45
CA PHE J 69 16.52 -2.65 14.14
C PHE J 69 15.58 -2.51 12.95
N TYR J 70 15.60 -3.51 12.08
CA TYR J 70 14.74 -3.58 10.90
C TYR J 70 14.12 -4.97 10.82
N ARG J 71 13.18 -5.12 9.89
CA ARG J 71 12.49 -6.42 9.69
C ARG J 71 13.33 -7.27 8.72
N ALA J 72 13.68 -8.49 9.14
CA ALA J 72 14.47 -9.40 8.33
C ALA J 72 13.89 -10.80 8.41
N GLN J 73 14.17 -11.59 7.39
CA GLN J 73 13.84 -13.01 7.37
C GLN J 73 15.13 -13.81 7.28
N ILE J 74 15.28 -14.81 8.15
CA ILE J 74 16.41 -15.72 8.07
C ILE J 74 16.22 -16.58 6.83
N ILE J 75 17.11 -16.43 5.85
CA ILE J 75 17.03 -17.18 4.61
C ILE J 75 18.13 -18.21 4.49
N ASP J 76 19.06 -18.26 5.44
CA ASP J 76 19.95 -19.41 5.56
C ASP J 76 20.39 -19.55 7.02
N GLU J 77 20.62 -20.79 7.43
CA GLU J 77 20.99 -21.09 8.80
C GLU J 77 22.29 -21.88 8.84
N PHE J 78 23.15 -21.53 9.78
CA PHE J 78 24.45 -22.15 9.97
C PHE J 78 24.72 -22.24 11.47
N PRO J 79 25.64 -23.11 11.89
CA PRO J 79 25.85 -23.29 13.34
C PRO J 79 26.28 -22.03 14.07
N SER J 80 27.02 -21.13 13.43
CA SER J 80 27.54 -19.94 14.10
C SER J 80 27.05 -18.62 13.51
N GLU J 81 26.18 -18.66 12.50
CA GLU J 81 25.63 -17.43 11.96
C GLU J 81 24.35 -17.71 11.19
N TYR J 82 23.55 -16.66 11.03
CA TYR J 82 22.38 -16.64 10.17
C TYR J 82 22.67 -15.76 8.96
N MET J 83 22.14 -16.15 7.82
CA MET J 83 22.05 -15.27 6.67
C MET J 83 20.62 -14.74 6.57
N ILE J 84 20.50 -13.42 6.69
CA ILE J 84 19.21 -12.74 6.76
C ILE J 84 19.06 -11.81 5.56
N PHE J 85 17.80 -11.58 5.19
CA PHE J 85 17.38 -10.67 4.15
C PHE J 85 16.40 -9.69 4.77
N TYR J 86 16.63 -8.38 4.57
CA TYR J 86 15.79 -7.34 5.13
C TYR J 86 14.58 -7.14 4.21
N VAL J 87 13.40 -7.55 4.69
CA VAL J 87 12.22 -7.66 3.82
C VAL J 87 11.74 -6.31 3.31
N ASP J 88 12.15 -5.21 3.95
CA ASP J 88 11.72 -3.90 3.50
C ASP J 88 12.81 -3.13 2.77
N TYR J 89 14.06 -3.58 2.90
CA TYR J 89 15.22 -2.88 2.30
C TYR J 89 15.97 -3.69 1.25
N GLY J 90 15.87 -5.02 1.25
CA GLY J 90 16.50 -5.82 0.20
C GLY J 90 17.96 -6.16 0.37
N ASN J 91 18.57 -5.85 1.50
CA ASN J 91 19.99 -6.18 1.66
C ASN J 91 20.11 -7.51 2.38
N THR J 92 21.15 -8.26 2.07
CA THR J 92 21.38 -9.59 2.68
C THR J 92 22.68 -9.51 3.47
N GLU J 93 22.71 -10.05 4.67
CA GLU J 93 23.95 -10.04 5.46
C GLU J 93 23.94 -11.22 6.43
N PHE J 94 25.04 -11.36 7.15
CA PHE J 94 25.26 -12.47 8.08
C PHE J 94 25.38 -11.91 9.50
N VAL J 95 24.54 -12.40 10.40
CA VAL J 95 24.52 -11.90 11.78
C VAL J 95 24.44 -13.07 12.75
N PRO J 96 24.87 -12.86 14.00
CA PRO J 96 24.64 -13.87 15.04
C PRO J 96 23.28 -13.69 15.69
N LEU J 97 22.98 -14.52 16.69
CA LEU J 97 21.71 -14.41 17.41
C LEU J 97 21.68 -13.17 18.30
N SER J 98 22.85 -12.64 18.68
CA SER J 98 22.89 -11.48 19.56
C SER J 98 22.27 -10.25 18.90
N CYS J 99 22.33 -10.16 17.57
CA CYS J 99 21.76 -9.05 16.84
C CYS J 99 20.31 -9.29 16.41
N LEU J 100 19.67 -10.33 16.94
CA LEU J 100 18.30 -10.67 16.56
C LEU J 100 17.36 -10.44 17.74
N ALA J 101 16.17 -9.96 17.43
CA ALA J 101 15.14 -9.66 18.41
C ALA J 101 13.81 -10.22 17.93
N PRO J 102 12.95 -10.69 18.84
CA PRO J 102 11.63 -11.15 18.42
C PRO J 102 10.80 -10.01 17.88
N CYS J 103 10.05 -10.30 16.81
CA CYS J 103 9.19 -9.34 16.14
C CYS J 103 7.76 -9.83 16.27
N GLU J 104 6.92 -9.06 16.98
CA GLU J 104 5.58 -9.54 17.27
C GLU J 104 4.71 -9.53 16.02
N ASN J 105 3.56 -10.20 16.14
CA ASN J 105 2.73 -10.52 14.97
C ASN J 105 2.22 -9.26 14.29
N VAL J 106 1.90 -8.22 15.05
CA VAL J 106 1.37 -7.00 14.43
C VAL J 106 2.40 -6.39 13.49
N ASP J 107 3.67 -6.39 13.89
CA ASP J 107 4.69 -5.73 13.08
C ASP J 107 5.19 -6.62 11.94
N SER J 108 5.08 -7.94 12.08
CA SER J 108 5.49 -8.85 11.01
C SER J 108 4.38 -9.16 10.03
N PHE J 109 3.12 -8.91 10.41
CA PHE J 109 1.98 -9.12 9.52
C PHE J 109 1.95 -8.14 8.37
N LYS J 110 2.60 -6.99 8.54
CA LYS J 110 2.54 -5.95 7.52
C LYS J 110 3.30 -6.38 6.27
N PRO J 111 2.83 -5.99 5.08
CA PRO J 111 3.47 -6.46 3.85
C PRO J 111 4.94 -6.07 3.76
N HIS J 112 5.70 -6.90 3.05
CA HIS J 112 7.09 -6.57 2.77
C HIS J 112 7.15 -5.51 1.69
N ARG J 113 7.92 -4.45 1.95
CA ARG J 113 7.86 -3.24 1.14
C ARG J 113 8.85 -3.23 -0.01
N VAL J 114 9.75 -4.20 -0.10
CA VAL J 114 10.84 -4.14 -1.07
C VAL J 114 10.43 -4.86 -2.34
N PHE J 115 10.85 -4.31 -3.47
CA PHE J 115 10.58 -4.84 -4.79
C PHE J 115 11.79 -4.55 -5.68
N SER J 116 11.89 -5.30 -6.78
CA SER J 116 13.02 -5.19 -7.69
C SER J 116 12.63 -4.30 -8.87
N PHE J 117 13.51 -3.34 -9.17
CA PHE J 117 13.32 -2.43 -10.30
C PHE J 117 14.50 -2.55 -11.24
N HIS J 118 14.19 -2.75 -12.51
CA HIS J 118 15.19 -2.91 -13.57
C HIS J 118 15.09 -1.68 -14.46
N ILE J 119 16.22 -1.17 -14.92
CA ILE J 119 16.28 0.00 -15.78
C ILE J 119 16.12 -0.44 -17.23
N GLU J 120 15.17 0.17 -17.93
CA GLU J 120 14.85 -0.24 -19.29
C GLU J 120 15.97 0.13 -20.26
N GLY J 121 16.22 -0.77 -21.21
CA GLY J 121 17.11 -0.48 -22.32
C GLY J 121 18.57 -0.82 -22.10
N ILE J 122 18.97 -1.12 -20.87
CA ILE J 122 20.36 -1.41 -20.56
C ILE J 122 20.45 -2.71 -19.78
N VAL J 123 21.64 -3.29 -19.77
CA VAL J 123 21.89 -4.57 -19.11
C VAL J 123 23.31 -4.54 -18.56
N ARG J 124 23.50 -5.19 -17.41
CA ARG J 124 24.85 -5.29 -16.84
C ARG J 124 25.79 -5.93 -17.87
N SER J 125 27.01 -5.41 -17.92
CA SER J 125 27.90 -5.72 -19.03
C SER J 125 28.58 -7.06 -18.84
N LYS J 126 28.79 -7.76 -19.95
CA LYS J 126 29.53 -9.03 -19.93
C LYS J 126 30.97 -8.71 -19.53
N ASN J 127 31.47 -7.57 -20.01
CA ASN J 127 32.85 -7.17 -19.75
C ASN J 127 33.20 -7.28 -18.28
N LEU J 128 32.28 -6.85 -17.41
CA LEU J 128 32.65 -6.30 -16.11
C LEU J 128 33.46 -7.28 -15.26
N THR J 129 34.57 -6.77 -14.74
CA THR J 129 35.41 -7.43 -13.76
C THR J 129 34.85 -7.16 -12.35
N HIS J 130 35.34 -7.92 -11.37
CA HIS J 130 34.84 -7.73 -10.02
C HIS J 130 35.10 -6.31 -9.51
N GLN J 131 36.20 -5.70 -9.94
CA GLN J 131 36.52 -4.35 -9.48
C GLN J 131 35.65 -3.30 -10.18
N LYS J 132 35.54 -3.40 -11.52
CA LYS J 132 34.63 -2.50 -12.22
C LYS J 132 33.21 -2.67 -11.72
N THR J 133 32.83 -3.90 -11.39
CA THR J 133 31.49 -4.15 -10.85
C THR J 133 31.29 -3.47 -9.50
N ILE J 134 32.24 -3.67 -8.58
CA ILE J 134 32.14 -3.04 -7.26
C ILE J 134 32.08 -1.53 -7.40
N GLU J 135 32.91 -0.96 -8.28
CA GLU J 135 32.90 0.49 -8.46
C GLU J 135 31.61 0.99 -9.07
N CYS J 136 30.97 0.18 -9.93
CA CYS J 136 29.65 0.57 -10.44
C CYS J 136 28.61 0.56 -9.31
N ILE J 137 28.64 -0.47 -8.46
CA ILE J 137 27.77 -0.48 -7.30
C ILE J 137 27.98 0.78 -6.47
N GLU J 138 29.25 1.15 -6.27
CA GLU J 138 29.57 2.33 -5.47
C GLU J 138 29.06 3.61 -6.13
N TYR J 139 29.22 3.73 -7.44
CA TYR J 139 28.77 4.92 -8.14
C TYR J 139 27.25 5.06 -8.02
N LEU J 140 26.52 3.97 -8.22
CA LEU J 140 25.07 4.04 -8.08
C LEU J 140 24.66 4.31 -6.63
N LYS J 141 25.44 3.81 -5.67
CA LYS J 141 25.15 4.08 -4.27
C LYS J 141 25.31 5.57 -3.96
N SER J 142 26.29 6.21 -4.58
CA SER J 142 26.51 7.64 -4.31
C SER J 142 25.36 8.50 -4.79
N LYS J 143 24.59 8.04 -5.78
CA LYS J 143 23.57 8.88 -6.39
C LYS J 143 22.14 8.47 -6.06
N LEU J 144 21.87 7.18 -5.83
CA LEU J 144 20.51 6.68 -5.71
C LEU J 144 20.17 6.11 -4.34
N LEU J 145 21.14 5.84 -3.48
CA LEU J 145 20.84 5.21 -2.20
C LEU J 145 19.94 6.10 -1.35
N ASN J 146 18.80 5.54 -0.94
CA ASN J 146 17.84 6.21 -0.05
C ASN J 146 17.25 7.46 -0.69
N THR J 147 17.21 7.47 -2.02
CA THR J 147 16.69 8.58 -2.79
C THR J 147 15.24 8.31 -3.20
N GLU J 148 14.39 9.32 -3.04
CA GLU J 148 13.01 9.24 -3.46
C GLU J 148 12.84 9.96 -4.79
N MET J 149 12.21 9.30 -5.75
CA MET J 149 11.97 9.99 -7.04
C MET J 149 10.86 9.28 -7.83
N ASN J 150 10.17 10.04 -8.67
CA ASN J 150 9.20 9.48 -9.60
C ASN J 150 9.92 8.88 -10.79
N VAL J 151 9.35 7.80 -11.32
CA VAL J 151 9.88 7.09 -12.48
C VAL J 151 8.70 6.62 -13.33
N HIS J 152 9.01 6.29 -14.57
CA HIS J 152 8.04 5.67 -15.46
C HIS J 152 8.09 4.17 -15.26
N LEU J 153 6.98 3.60 -14.77
CA LEU J 153 6.86 2.16 -14.59
C LEU J 153 6.48 1.55 -15.93
N VAL J 154 7.50 1.20 -16.71
CA VAL J 154 7.28 0.79 -18.09
C VAL J 154 6.54 -0.53 -18.16
N GLN J 155 6.91 -1.49 -17.31
CA GLN J 155 6.35 -2.83 -17.46
C GLN J 155 6.42 -3.56 -16.13
N ARG J 156 5.44 -4.44 -15.90
CA ARG J 156 5.50 -5.37 -14.79
C ARG J 156 6.19 -6.65 -15.24
N LEU J 157 7.10 -7.16 -14.42
CA LEU J 157 7.89 -8.33 -14.74
C LEU J 157 7.69 -9.40 -13.68
N PRO J 158 7.98 -10.67 -13.97
CA PRO J 158 7.64 -11.77 -13.04
C PRO J 158 8.00 -11.51 -11.58
N ASP J 159 9.18 -10.99 -11.30
CA ASP J 159 9.61 -10.68 -9.94
C ASP J 159 10.22 -9.29 -9.92
N GLY J 160 9.38 -8.28 -10.12
CA GLY J 160 9.80 -6.90 -10.06
C GLY J 160 9.23 -6.08 -11.18
N PHE J 161 9.90 -4.98 -11.49
CA PHE J 161 9.39 -4.00 -12.44
C PHE J 161 10.49 -3.51 -13.36
N LEU J 162 10.08 -3.11 -14.56
CA LEU J 162 10.93 -2.45 -15.53
C LEU J 162 10.51 -0.99 -15.54
N ILE J 163 11.42 -0.11 -15.10
CA ILE J 163 11.16 1.31 -14.89
C ILE J 163 12.11 2.12 -15.77
N ARG J 164 11.70 3.36 -16.04
CA ARG J 164 12.49 4.32 -16.78
C ARG J 164 12.57 5.61 -15.98
N PHE J 165 13.75 6.23 -15.98
CA PHE J 165 13.93 7.51 -15.30
C PHE J 165 13.38 8.65 -16.14
N LEU J 166 12.94 9.67 -15.43
CA LEU J 166 12.44 10.90 -16.06
C LEU J 166 13.62 11.84 -16.33
N ASP J 167 13.35 13.04 -16.80
CA ASP J 167 14.44 13.98 -17.17
C ASP J 167 15.36 14.26 -15.99
N ASP J 168 14.86 14.28 -14.76
CA ASP J 168 15.71 14.57 -13.59
C ASP J 168 16.76 13.50 -13.33
N TRP J 169 16.48 12.23 -13.61
CA TRP J 169 17.45 11.15 -13.32
C TRP J 169 17.88 10.35 -14.54
N LYS J 170 17.51 10.79 -15.74
CA LYS J 170 17.79 10.02 -16.98
C LYS J 170 19.28 9.87 -17.28
N TYR J 171 20.14 10.72 -16.76
CA TYR J 171 21.59 10.59 -17.00
C TYR J 171 22.12 9.29 -16.37
N ILE J 172 21.48 8.75 -15.34
CA ILE J 172 22.07 7.61 -14.65
C ILE J 172 22.37 6.49 -15.64
N PRO J 173 21.40 6.02 -16.45
CA PRO J 173 21.74 5.00 -17.45
C PRO J 173 22.72 5.50 -18.50
N GLU J 174 22.65 6.78 -18.85
CA GLU J 174 23.60 7.35 -19.80
C GLU J 174 25.02 7.26 -19.28
N GLN J 175 25.21 7.52 -17.98
CA GLN J 175 26.53 7.40 -17.37
C GLN J 175 26.96 5.94 -17.28
N LEU J 176 26.02 5.05 -16.95
CA LEU J 176 26.33 3.62 -16.95
C LEU J 176 26.82 3.17 -18.32
N LEU J 177 26.26 3.73 -19.39
CA LEU J 177 26.69 3.39 -20.74
C LEU J 177 28.00 4.06 -21.11
N GLN J 178 28.17 5.33 -20.75
CA GLN J 178 29.39 6.05 -21.09
C GLN J 178 30.58 5.55 -20.27
N ARG J 179 30.34 5.11 -19.03
CA ARG J 179 31.34 4.42 -18.25
C ARG J 179 31.35 2.93 -18.49
N ASN J 180 30.45 2.44 -19.34
CA ASN J 180 30.55 1.08 -19.84
C ASN J 180 30.31 0.06 -18.72
N TYR J 181 29.60 0.49 -17.69
CA TYR J 181 29.08 -0.47 -16.73
C TYR J 181 27.97 -1.31 -17.31
N ALA J 182 27.38 -0.85 -18.41
CA ALA J 182 26.20 -1.46 -18.99
C ALA J 182 26.31 -1.45 -20.51
N GLN J 183 25.68 -2.44 -21.13
CA GLN J 183 25.51 -2.51 -22.57
C GLN J 183 24.05 -2.22 -22.92
N VAL J 184 23.84 -1.72 -24.12
CA VAL J 184 22.48 -1.42 -24.56
C VAL J 184 21.76 -2.72 -24.90
N SER J 185 20.45 -2.73 -24.71
CA SER J 185 19.65 -3.94 -24.88
C SER J 185 18.54 -3.74 -25.91
N HIS K 5 22.56 -27.89 7.12
CA HIS K 5 22.37 -26.91 6.05
C HIS K 5 22.37 -27.57 4.68
N PHE K 6 21.44 -27.15 3.83
CA PHE K 6 21.24 -27.74 2.52
C PHE K 6 21.29 -26.66 1.45
N GLU K 7 21.95 -26.97 0.33
CA GLU K 7 21.89 -26.10 -0.83
C GLU K 7 20.50 -26.18 -1.46
N ILE K 8 20.12 -25.10 -2.15
CA ILE K 8 18.77 -25.05 -2.70
C ILE K 8 18.61 -26.04 -3.85
N GLY K 9 19.67 -26.23 -4.64
CA GLY K 9 19.56 -27.16 -5.74
C GLY K 9 19.77 -28.62 -5.38
N SER K 10 20.18 -28.93 -4.15
CA SER K 10 20.56 -30.28 -3.78
C SER K 10 19.33 -31.13 -3.45
N ILE K 11 19.57 -32.42 -3.27
CA ILE K 11 18.55 -33.33 -2.75
C ILE K 11 18.69 -33.37 -1.23
N VAL K 12 17.56 -33.24 -0.55
CA VAL K 12 17.49 -33.09 0.90
C VAL K 12 16.60 -34.18 1.46
N GLY K 13 16.96 -34.66 2.66
CA GLY K 13 16.17 -35.65 3.34
C GLY K 13 15.18 -35.01 4.29
N ILE K 14 13.92 -35.41 4.17
CA ILE K 14 12.82 -34.85 4.95
C ILE K 14 11.98 -35.99 5.53
N LEU K 15 11.11 -35.62 6.47
CA LEU K 15 10.16 -36.54 7.09
C LEU K 15 8.80 -35.85 7.07
N ILE K 16 7.86 -36.41 6.31
CA ILE K 16 6.51 -35.85 6.28
C ILE K 16 5.80 -36.25 7.56
N THR K 17 5.27 -35.25 8.28
CA THR K 17 4.54 -35.45 9.52
C THR K 17 3.05 -35.12 9.41
N PHE K 18 2.64 -34.39 8.37
CA PHE K 18 1.27 -33.90 8.30
C PHE K 18 0.94 -33.50 6.88
N ILE K 19 -0.28 -33.81 6.45
CA ILE K 19 -0.77 -33.47 5.12
C ILE K 19 -1.67 -32.23 5.27
N ASN K 20 -1.12 -31.07 4.92
CA ASN K 20 -1.82 -29.76 4.96
C ASN K 20 -2.89 -29.60 3.86
N GLY K 21 -2.61 -30.07 2.64
CA GLY K 21 -3.47 -29.85 1.50
C GLY K 21 -3.13 -30.75 0.34
N PRO K 22 -3.98 -30.77 -0.69
CA PRO K 22 -3.73 -31.63 -1.85
C PRO K 22 -2.34 -31.49 -2.45
N THR K 23 -1.70 -30.32 -2.32
CA THR K 23 -0.42 -30.06 -2.97
C THR K 23 0.62 -29.49 -2.03
N GLU K 24 0.47 -29.72 -0.72
CA GLU K 24 1.43 -29.20 0.25
C GLU K 24 1.40 -30.08 1.49
N VAL K 25 2.58 -30.47 1.98
CA VAL K 25 2.71 -31.29 3.17
C VAL K 25 3.57 -30.55 4.19
N TYR K 26 3.54 -31.06 5.41
CA TYR K 26 4.32 -30.50 6.52
C TYR K 26 5.34 -31.55 6.95
N GLY K 27 6.57 -31.11 7.22
CA GLY K 27 7.57 -32.10 7.60
C GLY K 27 8.79 -31.49 8.26
N GLN K 28 9.57 -32.38 8.87
CA GLN K 28 10.86 -32.00 9.45
C GLN K 28 11.98 -32.24 8.44
N PHE K 29 13.09 -31.55 8.65
CA PHE K 29 14.35 -31.87 7.99
C PHE K 29 15.08 -32.91 8.82
N LEU K 30 15.64 -33.91 8.15
CA LEU K 30 16.36 -34.99 8.82
C LEU K 30 17.73 -34.47 9.26
N ASP K 31 17.93 -34.39 10.59
CA ASP K 31 19.22 -33.98 11.13
C ASP K 31 19.86 -35.02 12.03
N GLY K 32 19.25 -36.19 12.20
CA GLY K 32 19.83 -37.24 13.02
C GLY K 32 19.58 -37.12 14.51
N SER K 33 18.97 -36.01 14.95
CA SER K 33 18.60 -35.85 16.34
C SER K 33 17.57 -36.89 16.78
N PRO K 34 17.47 -37.12 18.07
CA PRO K 34 16.32 -37.85 18.59
C PRO K 34 15.07 -36.99 18.53
N PRO K 35 13.91 -37.57 18.25
CA PRO K 35 12.69 -36.77 18.21
C PRO K 35 12.39 -36.19 19.58
N LEU K 36 11.62 -35.11 19.57
CA LEU K 36 11.24 -34.40 20.79
C LEU K 36 9.86 -34.90 21.19
N VAL K 37 9.83 -36.02 21.93
CA VAL K 37 8.58 -36.64 22.36
C VAL K 37 8.83 -37.30 23.71
N TRP K 38 7.82 -37.25 24.56
CA TRP K 38 7.94 -37.81 25.91
C TRP K 38 6.87 -38.85 26.06
N ASP K 39 7.22 -39.98 26.68
CA ASP K 39 6.26 -41.08 26.98
C ASP K 39 5.42 -40.62 28.17
N LYS K 40 4.25 -41.20 28.37
CA LYS K 40 3.42 -40.80 29.52
C LYS K 40 4.17 -41.10 30.82
N LYS K 41 4.85 -42.24 30.89
CA LYS K 41 5.65 -42.69 32.05
C LYS K 41 6.79 -41.69 32.32
N ASP K 42 7.36 -41.13 31.26
CA ASP K 42 8.45 -40.14 31.37
C ASP K 42 7.97 -38.90 32.12
N VAL K 43 6.72 -38.48 31.92
CA VAL K 43 6.25 -37.22 32.58
C VAL K 43 5.37 -37.52 33.78
N PRO K 44 5.83 -37.25 35.01
CA PRO K 44 5.05 -37.52 36.21
C PRO K 44 3.84 -36.59 36.43
N GLU K 45 2.90 -37.04 37.26
CA GLU K 45 1.67 -36.30 37.48
C GLU K 45 1.92 -34.97 38.18
N ASN K 46 2.79 -34.96 39.19
CA ASN K 46 3.07 -33.69 39.86
C ASN K 46 3.90 -32.76 39.01
N LYS K 47 4.44 -33.23 37.88
CA LYS K 47 5.05 -32.36 36.89
C LYS K 47 4.06 -31.90 35.84
N ARG K 48 2.76 -32.16 36.04
CA ARG K 48 1.73 -31.82 35.06
C ARG K 48 0.91 -30.60 35.45
N THR K 49 1.17 -30.00 36.62
CA THR K 49 0.48 -28.79 37.03
C THR K 49 1.35 -27.57 36.76
N PHE K 50 0.69 -26.46 36.42
CA PHE K 50 1.36 -25.20 36.13
C PHE K 50 1.32 -24.30 37.36
N LYS K 51 2.41 -23.54 37.57
CA LYS K 51 2.37 -22.50 38.59
C LYS K 51 1.38 -21.42 38.23
N SER K 52 1.37 -20.99 36.97
CA SER K 52 0.44 -19.99 36.48
C SER K 52 -0.30 -20.53 35.27
N LYS K 53 -1.58 -20.17 35.16
CA LYS K 53 -2.44 -20.44 34.01
C LYS K 53 -1.67 -20.13 32.74
N PRO K 54 -1.57 -21.08 31.81
CA PRO K 54 -0.79 -20.83 30.59
C PRO K 54 -1.39 -19.71 29.76
N ARG K 55 -0.51 -18.96 29.11
CA ARG K 55 -0.90 -17.82 28.29
C ARG K 55 -0.62 -18.11 26.82
N LEU K 56 -1.10 -17.22 25.96
CA LEU K 56 -0.96 -17.41 24.53
C LEU K 56 0.50 -17.35 24.10
N LEU K 57 0.84 -18.19 23.12
CA LEU K 57 2.17 -18.34 22.53
C LEU K 57 3.17 -19.03 23.46
N ASP K 58 2.76 -19.40 24.68
CA ASP K 58 3.61 -20.23 25.52
C ASP K 58 3.82 -21.59 24.87
N ILE K 59 5.04 -22.12 25.00
CA ILE K 59 5.37 -23.45 24.50
C ILE K 59 5.25 -24.42 25.66
N VAL K 60 4.42 -25.47 25.48
CA VAL K 60 4.11 -26.41 26.54
C VAL K 60 4.17 -27.82 25.95
N LEU K 61 4.00 -28.80 26.83
CA LEU K 61 3.84 -30.19 26.42
C LEU K 61 2.36 -30.53 26.33
N ALA K 62 2.00 -31.25 25.27
CA ALA K 62 0.61 -31.58 25.00
C ALA K 62 0.50 -33.07 24.67
N LEU K 63 -0.51 -33.70 25.25
CA LEU K 63 -0.76 -35.12 25.04
C LEU K 63 -1.54 -35.31 23.74
N TYR K 64 -0.94 -36.03 22.79
CA TYR K 64 -1.55 -36.31 21.50
C TYR K 64 -2.44 -37.55 21.63
N SER K 65 -3.10 -37.92 20.53
CA SER K 65 -4.01 -39.06 20.57
C SER K 65 -3.27 -40.39 20.70
N ASP K 66 -1.99 -40.45 20.34
CA ASP K 66 -1.24 -41.70 20.44
C ASP K 66 -0.64 -41.92 21.82
N GLY K 67 -0.93 -41.05 22.78
CA GLY K 67 -0.55 -41.27 24.16
C GLY K 67 0.78 -40.72 24.59
N CYS K 68 1.36 -39.77 23.85
CA CYS K 68 2.67 -39.22 24.16
C CYS K 68 2.67 -37.71 24.02
N PHE K 69 3.55 -37.07 24.79
CA PHE K 69 3.66 -35.63 24.86
C PHE K 69 4.56 -35.08 23.77
N TYR K 70 4.10 -33.99 23.15
CA TYR K 70 4.84 -33.27 22.13
C TYR K 70 4.86 -31.79 22.47
N ARG K 71 5.76 -31.05 21.84
CA ARG K 71 5.81 -29.61 22.02
C ARG K 71 4.68 -28.95 21.25
N ALA K 72 3.99 -28.02 21.90
CA ALA K 72 2.82 -27.38 21.33
C ALA K 72 2.77 -25.93 21.77
N GLN K 73 2.40 -25.06 20.85
CA GLN K 73 2.24 -23.63 21.10
C GLN K 73 0.76 -23.31 21.27
N ILE K 74 0.43 -22.58 22.33
CA ILE K 74 -0.95 -22.17 22.54
C ILE K 74 -1.29 -21.09 21.52
N ILE K 75 -2.12 -21.44 20.54
CA ILE K 75 -2.54 -20.49 19.52
C ILE K 75 -3.75 -19.68 19.99
N ASP K 76 -4.69 -20.32 20.70
CA ASP K 76 -5.88 -19.60 21.14
C ASP K 76 -6.36 -20.19 22.46
N GLU K 77 -7.06 -19.36 23.25
CA GLU K 77 -7.46 -19.72 24.60
C GLU K 77 -8.94 -19.43 24.79
N PHE K 78 -9.64 -20.38 25.41
CA PHE K 78 -11.07 -20.34 25.60
C PHE K 78 -11.40 -20.86 26.99
N PRO K 79 -12.61 -20.62 27.50
CA PRO K 79 -12.94 -21.06 28.86
C PRO K 79 -12.87 -22.57 29.06
N SER K 80 -13.12 -23.36 28.01
CA SER K 80 -13.13 -24.81 28.13
C SER K 80 -12.09 -25.51 27.28
N GLU K 81 -11.43 -24.81 26.35
CA GLU K 81 -10.48 -25.42 25.45
C GLU K 81 -9.28 -24.51 25.24
N TYR K 82 -8.17 -25.14 24.89
CA TYR K 82 -7.05 -24.48 24.25
C TYR K 82 -6.94 -24.97 22.81
N MET K 83 -6.68 -24.06 21.90
CA MET K 83 -6.33 -24.40 20.53
C MET K 83 -4.82 -24.32 20.39
N ILE K 84 -4.20 -25.44 20.03
CA ILE K 84 -2.75 -25.60 20.03
C ILE K 84 -2.29 -26.07 18.66
N PHE K 85 -1.00 -25.82 18.40
CA PHE K 85 -0.32 -26.18 17.17
C PHE K 85 0.97 -26.91 17.54
N TYR K 86 1.15 -28.11 17.00
CA TYR K 86 2.33 -28.91 17.31
C TYR K 86 3.51 -28.39 16.49
N VAL K 87 4.47 -27.74 17.18
CA VAL K 87 5.52 -26.98 16.50
C VAL K 87 6.50 -27.88 15.75
N ASP K 88 6.60 -29.15 16.10
CA ASP K 88 7.50 -30.06 15.42
C ASP K 88 6.80 -30.94 14.39
N TYR K 89 5.47 -30.92 14.35
CA TYR K 89 4.72 -31.77 13.44
C TYR K 89 3.67 -31.04 12.61
N GLY K 90 3.21 -29.86 13.05
CA GLY K 90 2.45 -28.98 12.20
C GLY K 90 0.96 -29.16 12.21
N ASN K 91 0.42 -30.01 13.09
CA ASN K 91 -1.01 -30.27 13.15
C ASN K 91 -1.64 -29.43 14.25
N THR K 92 -2.91 -29.09 14.04
CA THR K 92 -3.66 -28.22 14.93
C THR K 92 -4.76 -29.00 15.61
N GLU K 93 -4.91 -28.81 16.92
CA GLU K 93 -6.00 -29.50 17.62
C GLU K 93 -6.45 -28.70 18.83
N PHE K 94 -7.64 -29.06 19.33
CA PHE K 94 -8.24 -28.47 20.51
C PHE K 94 -8.17 -29.47 21.66
N VAL K 95 -7.66 -29.02 22.81
CA VAL K 95 -7.48 -29.92 23.95
C VAL K 95 -7.77 -29.19 25.24
N PRO K 96 -8.26 -29.91 26.24
CA PRO K 96 -8.47 -29.33 27.56
C PRO K 96 -7.17 -29.16 28.32
N LEU K 97 -7.26 -28.44 29.44
CA LEU K 97 -6.10 -28.18 30.29
C LEU K 97 -5.47 -29.46 30.81
N SER K 98 -6.28 -30.51 31.00
CA SER K 98 -5.75 -31.77 31.53
C SER K 98 -4.70 -32.37 30.62
N CYS K 99 -4.82 -32.16 29.31
CA CYS K 99 -3.87 -32.70 28.35
C CYS K 99 -2.59 -31.86 28.23
N LEU K 100 -2.50 -30.74 28.93
CA LEU K 100 -1.36 -29.84 28.83
C LEU K 100 -0.43 -30.01 30.04
N ALA K 101 0.87 -29.98 29.77
CA ALA K 101 1.89 -30.15 30.79
C ALA K 101 3.01 -29.14 30.57
N PRO K 102 3.62 -28.64 31.65
CA PRO K 102 4.66 -27.62 31.52
C PRO K 102 5.92 -28.18 30.85
N CYS K 103 6.59 -27.30 30.11
CA CYS K 103 7.77 -27.64 29.34
C CYS K 103 8.96 -26.87 29.91
N GLU K 104 10.01 -27.60 30.29
CA GLU K 104 11.20 -26.93 30.80
C GLU K 104 11.92 -26.22 29.66
N ASN K 105 12.55 -25.09 30.00
CA ASN K 105 12.95 -24.14 28.98
C ASN K 105 14.11 -24.62 28.12
N VAL K 106 14.90 -25.59 28.59
CA VAL K 106 15.87 -26.25 27.70
C VAL K 106 15.14 -26.81 26.48
N ASP K 107 14.02 -27.50 26.71
CA ASP K 107 13.29 -28.13 25.63
C ASP K 107 12.44 -27.14 24.84
N SER K 108 11.94 -26.10 25.52
CA SER K 108 11.15 -25.09 24.82
C SER K 108 12.00 -24.27 23.86
N PHE K 109 13.25 -23.98 24.25
CA PHE K 109 14.09 -23.08 23.46
C PHE K 109 14.55 -23.70 22.15
N LYS K 110 14.47 -25.02 22.00
CA LYS K 110 14.98 -25.65 20.79
C LYS K 110 14.17 -25.21 19.58
N PRO K 111 14.80 -25.05 18.41
CA PRO K 111 14.07 -24.52 17.25
C PRO K 111 12.91 -25.42 16.86
N HIS K 112 11.83 -24.79 16.40
CA HIS K 112 10.70 -25.53 15.87
C HIS K 112 11.14 -26.26 14.60
N ARG K 113 10.56 -27.44 14.38
CA ARG K 113 11.17 -28.37 13.44
C ARG K 113 10.35 -28.66 12.19
N VAL K 114 9.08 -28.29 12.13
CA VAL K 114 8.26 -28.60 10.96
C VAL K 114 8.16 -27.40 10.05
N PHE K 115 8.31 -27.65 8.77
CA PHE K 115 8.31 -26.68 7.68
C PHE K 115 7.29 -27.10 6.66
N SER K 116 6.91 -26.18 5.78
CA SER K 116 5.90 -26.43 4.76
C SER K 116 6.58 -26.68 3.42
N PHE K 117 6.25 -27.80 2.78
CA PHE K 117 6.82 -28.18 1.49
C PHE K 117 5.70 -28.29 0.47
N HIS K 118 5.86 -27.60 -0.66
CA HIS K 118 4.91 -27.67 -1.76
C HIS K 118 5.44 -28.57 -2.87
N ILE K 119 4.55 -29.36 -3.46
CA ILE K 119 4.93 -30.24 -4.56
C ILE K 119 5.01 -29.42 -5.84
N GLU K 120 6.07 -29.63 -6.61
CA GLU K 120 6.32 -28.81 -7.78
C GLU K 120 5.35 -29.13 -8.91
N GLY K 121 4.97 -28.09 -9.65
CA GLY K 121 4.25 -28.24 -10.89
C GLY K 121 2.77 -28.54 -10.77
N ILE K 122 2.23 -28.65 -9.55
CA ILE K 122 0.83 -29.00 -9.37
C ILE K 122 0.22 -28.10 -8.29
N VAL K 123 -1.08 -27.85 -8.42
CA VAL K 123 -1.87 -27.17 -7.41
C VAL K 123 -3.22 -27.88 -7.31
N ARG K 124 -4.04 -27.47 -6.36
CA ARG K 124 -5.34 -28.14 -6.13
C ARG K 124 -6.16 -28.11 -7.41
N SER K 125 -6.81 -29.21 -7.70
CA SER K 125 -7.53 -29.38 -8.98
C SER K 125 -8.78 -28.51 -8.98
N LYS K 126 -8.58 -27.25 -9.37
CA LYS K 126 -9.65 -26.27 -9.58
C LYS K 126 -10.80 -26.44 -8.60
N ASN K 127 -11.98 -26.68 -9.13
CA ASN K 127 -13.15 -26.95 -8.28
C ASN K 127 -13.07 -28.37 -7.75
N LEU K 128 -12.69 -28.49 -6.49
CA LEU K 128 -12.61 -29.75 -5.76
C LEU K 128 -13.69 -29.72 -4.70
N THR K 129 -14.58 -30.70 -4.72
CA THR K 129 -15.54 -30.81 -3.63
C THR K 129 -14.79 -31.01 -2.32
N HIS K 130 -15.44 -30.62 -1.22
CA HIS K 130 -14.81 -30.84 0.09
C HIS K 130 -14.66 -32.32 0.38
N GLN K 131 -15.64 -33.12 -0.04
CA GLN K 131 -15.54 -34.57 0.10
C GLN K 131 -14.32 -35.10 -0.64
N LYS K 132 -14.13 -34.67 -1.89
CA LYS K 132 -12.97 -35.08 -2.66
C LYS K 132 -11.67 -34.61 -2.00
N THR K 133 -11.69 -33.43 -1.39
CA THR K 133 -10.51 -32.93 -0.70
C THR K 133 -10.14 -33.82 0.48
N ILE K 134 -11.14 -34.23 1.26
CA ILE K 134 -10.90 -35.17 2.35
C ILE K 134 -10.33 -36.47 1.81
N GLU K 135 -10.89 -36.95 0.69
CA GLU K 135 -10.40 -38.19 0.08
C GLU K 135 -8.93 -38.06 -0.33
N CYS K 136 -8.57 -36.95 -0.95
CA CYS K 136 -7.20 -36.73 -1.39
C CYS K 136 -6.24 -36.69 -0.21
N ILE K 137 -6.63 -36.00 0.86
CA ILE K 137 -5.77 -35.92 2.03
C ILE K 137 -5.63 -37.29 2.69
N GLU K 138 -6.71 -38.09 2.69
CA GLU K 138 -6.62 -39.44 3.25
C GLU K 138 -5.69 -40.31 2.41
N TYR K 139 -5.76 -40.18 1.08
CA TYR K 139 -4.84 -40.89 0.20
C TYR K 139 -3.39 -40.51 0.51
N LEU K 140 -3.13 -39.21 0.59
CA LEU K 140 -1.76 -38.75 0.86
C LEU K 140 -1.29 -39.22 2.23
N LYS K 141 -2.20 -39.29 3.20
CA LYS K 141 -1.83 -39.82 4.52
C LYS K 141 -1.46 -41.29 4.42
N SER K 142 -2.23 -42.08 3.68
CA SER K 142 -1.92 -43.49 3.51
C SER K 142 -0.55 -43.68 2.87
N LYS K 143 -0.18 -42.79 1.95
CA LYS K 143 1.07 -42.99 1.22
C LYS K 143 2.29 -42.39 1.90
N LEU K 144 2.16 -41.26 2.61
CA LEU K 144 3.32 -40.46 2.97
C LEU K 144 3.51 -40.20 4.46
N LEU K 145 2.52 -40.47 5.31
CA LEU K 145 2.64 -40.04 6.70
C LEU K 145 3.78 -40.76 7.41
N ASN K 146 4.61 -39.97 8.10
CA ASN K 146 5.69 -40.47 8.96
C ASN K 146 6.74 -41.24 8.17
N THR K 147 6.91 -40.90 6.90
CA THR K 147 7.89 -41.52 6.03
C THR K 147 9.09 -40.60 5.85
N GLU K 148 10.29 -41.18 5.88
CA GLU K 148 11.51 -40.47 5.59
C GLU K 148 11.85 -40.65 4.11
N MET K 149 12.26 -39.55 3.46
CA MET K 149 12.50 -39.63 2.02
C MET K 149 13.44 -38.51 1.58
N ASN K 150 14.15 -38.77 0.49
CA ASN K 150 14.99 -37.78 -0.18
C ASN K 150 14.20 -37.14 -1.31
N VAL K 151 14.02 -35.82 -1.25
CA VAL K 151 13.36 -35.08 -2.30
C VAL K 151 14.38 -34.11 -2.90
N HIS K 152 14.09 -33.62 -4.09
CA HIS K 152 14.90 -32.57 -4.68
C HIS K 152 14.31 -31.23 -4.28
N LEU K 153 15.03 -30.48 -3.45
CA LEU K 153 14.60 -29.13 -3.15
C LEU K 153 14.77 -28.27 -4.39
N VAL K 154 13.72 -27.56 -4.76
CA VAL K 154 13.72 -26.77 -5.97
C VAL K 154 13.65 -25.28 -5.69
N GLN K 155 12.95 -24.86 -4.65
CA GLN K 155 12.79 -23.42 -4.44
C GLN K 155 12.57 -23.12 -2.98
N ARG K 156 13.01 -21.93 -2.56
CA ARG K 156 12.63 -21.37 -1.27
C ARG K 156 11.47 -20.42 -1.50
N LEU K 157 10.38 -20.65 -0.79
CA LEU K 157 9.16 -19.86 -0.88
C LEU K 157 9.07 -18.89 0.28
N PRO K 158 8.13 -17.93 0.23
CA PRO K 158 8.00 -16.98 1.35
C PRO K 158 7.86 -17.64 2.72
N ASP K 159 7.12 -18.75 2.82
CA ASP K 159 7.01 -19.46 4.09
C ASP K 159 7.25 -20.96 3.94
N GLY K 160 7.78 -21.42 2.82
CA GLY K 160 8.01 -22.82 2.65
C GLY K 160 9.07 -23.14 1.62
N PHE K 161 9.05 -24.37 1.15
CA PHE K 161 9.97 -24.84 0.13
C PHE K 161 9.18 -25.60 -0.94
N LEU K 162 9.73 -25.59 -2.14
CA LEU K 162 9.14 -26.26 -3.30
C LEU K 162 10.04 -27.42 -3.67
N ILE K 163 9.47 -28.62 -3.68
CA ILE K 163 10.22 -29.87 -3.73
C ILE K 163 9.71 -30.71 -4.90
N ARG K 164 10.56 -31.65 -5.32
CA ARG K 164 10.23 -32.61 -6.39
C ARG K 164 10.51 -34.02 -5.88
N PHE K 165 9.59 -34.94 -6.08
CA PHE K 165 9.73 -36.33 -5.58
C PHE K 165 10.78 -37.04 -6.41
N LEU K 166 11.50 -37.95 -5.78
CA LEU K 166 12.60 -38.65 -6.48
C LEU K 166 12.33 -40.14 -6.50
N ASP K 167 12.81 -40.80 -7.55
CA ASP K 167 12.75 -42.27 -7.65
C ASP K 167 11.30 -42.75 -7.48
N ASP K 168 11.14 -43.61 -6.48
CA ASP K 168 9.92 -44.35 -6.14
C ASP K 168 8.74 -43.43 -5.89
N TRP K 169 8.96 -42.28 -5.27
CA TRP K 169 7.79 -41.44 -4.93
C TRP K 169 7.30 -40.61 -6.10
N LYS K 170 7.82 -40.80 -7.29
CA LYS K 170 7.32 -39.99 -8.44
C LYS K 170 5.84 -40.19 -8.73
N TYR K 171 5.27 -41.33 -8.39
CA TYR K 171 3.84 -41.54 -8.62
C TYR K 171 3.01 -40.52 -7.84
N ILE K 172 3.44 -40.15 -6.65
CA ILE K 172 2.57 -39.31 -5.83
C ILE K 172 1.97 -38.19 -6.68
N PRO K 173 2.77 -37.35 -7.34
CA PRO K 173 2.16 -36.32 -8.21
C PRO K 173 1.43 -36.92 -9.40
N GLU K 174 1.96 -38.03 -9.94
CA GLU K 174 1.32 -38.71 -11.05
C GLU K 174 -0.12 -39.08 -10.72
N GLN K 175 -0.33 -39.68 -9.55
CA GLN K 175 -1.67 -40.08 -9.12
C GLN K 175 -2.51 -38.87 -8.76
N LEU K 176 -1.90 -37.86 -8.12
CA LEU K 176 -2.63 -36.63 -7.83
C LEU K 176 -3.26 -36.06 -9.09
N LEU K 177 -2.51 -36.07 -10.20
CA LEU K 177 -3.08 -35.64 -11.47
C LEU K 177 -4.05 -36.68 -12.02
N GLN K 178 -3.72 -37.97 -11.84
CA GLN K 178 -4.49 -39.05 -12.47
C GLN K 178 -5.88 -39.17 -11.87
N ARG K 179 -6.00 -39.02 -10.55
CA ARG K 179 -7.29 -39.09 -9.86
C ARG K 179 -7.97 -37.74 -9.79
N ASN K 180 -7.48 -36.74 -10.53
CA ASN K 180 -8.08 -35.41 -10.60
C ASN K 180 -8.13 -34.73 -9.24
N TYR K 181 -7.15 -35.00 -8.39
CA TYR K 181 -7.00 -34.27 -7.14
C TYR K 181 -6.24 -32.97 -7.34
N ALA K 182 -5.33 -32.94 -8.32
CA ALA K 182 -4.50 -31.78 -8.59
C ALA K 182 -4.46 -31.53 -10.09
N GLN K 183 -4.05 -30.31 -10.44
CA GLN K 183 -3.89 -29.90 -11.82
C GLN K 183 -2.51 -29.29 -12.00
N VAL K 184 -1.98 -29.46 -13.22
CA VAL K 184 -0.69 -28.87 -13.56
C VAL K 184 -0.82 -27.35 -13.54
N SER K 185 0.23 -26.69 -13.06
CA SER K 185 0.24 -25.23 -13.00
C SER K 185 0.93 -24.62 -14.22
N GLY L 7 14.83 -42.29 20.87
CA GLY L 7 13.36 -42.29 20.87
C GLY L 7 12.79 -42.61 19.49
N ARG L 8 11.48 -42.86 19.37
CA ARG L 8 10.92 -43.11 18.02
C ARG L 8 9.66 -42.27 17.80
N GLY L 9 9.36 -41.98 16.54
CA GLY L 9 8.25 -41.13 16.07
C GLY L 9 6.94 -41.83 15.80
N 2MR L 10 6.04 -41.12 15.14
CA 2MR L 10 4.66 -41.52 14.82
CB 2MR L 10 3.89 -40.27 14.41
CG 2MR L 10 3.94 -39.17 15.46
CD 2MR L 10 3.84 -37.72 15.04
NE 2MR L 10 2.54 -37.11 15.12
CZ 2MR L 10 2.23 -35.96 15.68
NH1 2MR L 10 1.42 -35.18 15.02
CQ1 2MR L 10 0.96 -35.42 13.68
NH2 2MR L 10 2.71 -35.62 16.81
CQ2 2MR L 10 2.02 -34.61 17.53
C 2MR L 10 4.67 -42.73 13.89
O 2MR L 10 5.61 -42.88 13.13
N GLY L 11 3.66 -43.58 14.01
CA GLY L 11 3.58 -44.86 13.29
C GLY L 11 3.22 -44.78 11.83
N ARG L 12 3.56 -45.83 11.07
CA ARG L 12 3.26 -45.87 9.61
C ARG L 12 2.24 -46.99 9.35
N HIS M 5 -58.60 -10.10 -7.89
CA HIS M 5 -59.11 -9.18 -6.84
C HIS M 5 -58.41 -9.48 -5.51
N PHE M 6 -58.01 -8.43 -4.78
CA PHE M 6 -57.29 -8.51 -3.49
C PHE M 6 -58.12 -7.88 -2.39
N GLU M 7 -58.17 -8.47 -1.20
CA GLU M 7 -58.93 -7.86 -0.09
C GLU M 7 -58.02 -6.86 0.63
N ILE M 8 -58.53 -5.72 1.10
CA ILE M 8 -57.67 -4.79 1.86
C ILE M 8 -57.46 -5.42 3.24
N GLY M 9 -56.24 -5.35 3.77
CA GLY M 9 -55.87 -5.89 5.09
C GLY M 9 -55.38 -7.31 5.00
N SER M 10 -55.47 -7.92 3.83
CA SER M 10 -55.02 -9.30 3.63
C SER M 10 -53.56 -9.34 3.18
N ILE M 11 -53.11 -10.49 2.75
CA ILE M 11 -51.72 -10.66 2.28
C ILE M 11 -51.75 -10.79 0.77
N VAL M 12 -50.98 -9.95 0.08
CA VAL M 12 -50.98 -9.95 -1.40
C VAL M 12 -49.57 -10.01 -1.92
N GLY M 13 -49.43 -10.54 -3.12
CA GLY M 13 -48.12 -10.65 -3.78
C GLY M 13 -47.87 -9.47 -4.68
N ILE M 14 -46.81 -8.75 -4.38
CA ILE M 14 -46.39 -7.62 -5.20
C ILE M 14 -45.01 -7.91 -5.76
N LEU M 15 -44.66 -7.13 -6.78
CA LEU M 15 -43.33 -7.16 -7.39
C LEU M 15 -42.84 -5.73 -7.46
N ILE M 16 -41.90 -5.38 -6.58
CA ILE M 16 -41.29 -4.05 -6.61
C ILE M 16 -40.53 -3.91 -7.92
N THR M 17 -40.83 -2.85 -8.67
CA THR M 17 -40.20 -2.61 -9.96
C THR M 17 -39.32 -1.37 -9.99
N PHE M 18 -39.47 -0.48 -9.01
CA PHE M 18 -38.84 0.83 -9.09
C PHE M 18 -38.88 1.47 -7.71
N ILE M 19 -37.82 2.21 -7.38
CA ILE M 19 -37.70 2.90 -6.10
C ILE M 19 -37.95 4.38 -6.37
N ASN M 20 -39.18 4.84 -6.10
CA ASN M 20 -39.55 6.21 -6.43
C ASN M 20 -39.06 7.21 -5.39
N GLY M 21 -39.09 6.82 -4.12
CA GLY M 21 -38.64 7.68 -3.06
C GLY M 21 -38.10 6.89 -1.88
N PRO M 22 -37.62 7.59 -0.85
CA PRO M 22 -37.10 6.89 0.34
C PRO M 22 -38.13 6.01 1.02
N THR M 23 -39.40 6.40 1.00
CA THR M 23 -40.47 5.64 1.65
C THR M 23 -41.54 5.20 0.66
N GLU M 24 -41.28 5.27 -0.63
CA GLU M 24 -42.29 4.96 -1.63
C GLU M 24 -41.66 4.13 -2.74
N VAL M 25 -42.26 2.97 -3.01
CA VAL M 25 -41.84 2.09 -4.09
C VAL M 25 -42.94 2.07 -5.14
N TYR M 26 -42.55 1.72 -6.36
CA TYR M 26 -43.50 1.42 -7.41
C TYR M 26 -43.51 -0.08 -7.63
N GLY M 27 -44.70 -0.65 -7.81
CA GLY M 27 -44.79 -2.09 -7.87
C GLY M 27 -45.93 -2.58 -8.71
N GLN M 28 -45.94 -3.89 -8.92
CA GLN M 28 -47.02 -4.58 -9.62
C GLN M 28 -47.74 -5.50 -8.66
N PHE M 29 -49.03 -5.74 -8.93
CA PHE M 29 -49.76 -6.82 -8.30
C PHE M 29 -49.54 -8.10 -9.10
N LEU M 30 -49.22 -9.18 -8.40
CA LEU M 30 -49.03 -10.46 -9.07
C LEU M 30 -50.39 -11.04 -9.45
N ASP M 31 -50.64 -11.16 -10.75
CA ASP M 31 -51.86 -11.77 -11.25
C ASP M 31 -51.63 -13.07 -12.00
N GLY M 32 -50.38 -13.54 -12.06
CA GLY M 32 -50.03 -14.71 -12.83
C GLY M 32 -49.82 -14.47 -14.30
N SER M 33 -50.29 -13.34 -14.83
CA SER M 33 -50.23 -13.08 -16.26
C SER M 33 -48.78 -13.01 -16.76
N PRO M 34 -48.54 -13.33 -18.02
CA PRO M 34 -47.21 -13.12 -18.59
C PRO M 34 -46.86 -11.65 -18.64
N PRO M 35 -45.63 -11.29 -18.32
CA PRO M 35 -45.23 -9.87 -18.39
C PRO M 35 -45.36 -9.33 -19.81
N LEU M 36 -45.63 -8.02 -19.90
CA LEU M 36 -45.81 -7.37 -21.20
C LEU M 36 -44.45 -6.86 -21.67
N VAL M 37 -43.65 -7.79 -22.20
CA VAL M 37 -42.28 -7.49 -22.60
C VAL M 37 -41.99 -8.21 -23.91
N TRP M 38 -41.45 -7.45 -24.85
CA TRP M 38 -40.98 -7.97 -26.16
C TRP M 38 -39.49 -7.66 -26.27
N ASP M 39 -38.72 -8.71 -26.55
CA ASP M 39 -37.23 -8.69 -26.72
C ASP M 39 -36.86 -8.14 -28.10
N LYS M 40 -35.58 -7.82 -28.30
CA LYS M 40 -35.09 -7.23 -29.57
C LYS M 40 -35.38 -8.13 -30.77
N LYS M 41 -35.33 -9.46 -30.61
CA LYS M 41 -35.51 -10.41 -31.75
C LYS M 41 -36.90 -10.24 -32.39
N ASP M 42 -37.92 -9.99 -31.61
CA ASP M 42 -39.30 -9.92 -32.16
C ASP M 42 -39.45 -8.63 -32.97
N VAL M 43 -38.56 -7.65 -32.77
CA VAL M 43 -38.62 -6.33 -33.50
C VAL M 43 -38.44 -6.54 -35.01
N PRO M 44 -39.26 -5.90 -35.89
CA PRO M 44 -39.14 -6.07 -37.34
C PRO M 44 -38.34 -4.95 -38.04
N GLU M 45 -38.16 -3.81 -37.37
CA GLU M 45 -37.43 -2.63 -37.94
C GLU M 45 -38.26 -1.77 -38.88
N ASN M 46 -38.58 -2.22 -40.10
CA ASN M 46 -39.47 -1.38 -40.94
C ASN M 46 -40.85 -1.38 -40.28
N LYS M 47 -41.27 -2.54 -39.78
CA LYS M 47 -42.57 -2.59 -39.08
C LYS M 47 -42.58 -1.62 -37.91
N ARG M 48 -41.44 -1.43 -37.22
CA ARG M 48 -41.38 -0.54 -36.02
C ARG M 48 -41.32 0.96 -36.33
N THR M 49 -42.24 1.39 -37.20
CA THR M 49 -42.47 2.83 -37.47
C THR M 49 -43.91 2.93 -37.95
N PHE M 50 -44.66 3.96 -37.57
CA PHE M 50 -46.08 3.97 -38.04
C PHE M 50 -46.59 5.38 -38.35
N LYS M 51 -47.64 5.42 -39.17
CA LYS M 51 -48.07 6.69 -39.81
C LYS M 51 -48.40 7.78 -38.79
N SER M 52 -48.98 7.43 -37.65
CA SER M 52 -49.21 8.55 -36.72
C SER M 52 -47.86 9.12 -36.29
N LYS M 53 -47.68 10.44 -36.31
CA LYS M 53 -46.45 10.90 -35.63
C LYS M 53 -46.91 10.81 -34.19
N PRO M 54 -46.29 10.02 -33.28
CA PRO M 54 -46.85 9.83 -31.96
C PRO M 54 -47.09 11.13 -31.18
N ARG M 55 -48.23 11.18 -30.49
CA ARG M 55 -48.60 12.40 -29.75
C ARG M 55 -48.65 12.11 -28.26
N LEU M 56 -48.80 13.15 -27.48
CA LEU M 56 -48.81 12.96 -26.02
C LEU M 56 -49.95 12.03 -25.63
N LEU M 57 -49.62 11.13 -24.73
CA LEU M 57 -50.49 10.14 -24.07
C LEU M 57 -50.70 8.88 -24.90
N ASP M 58 -50.18 8.81 -26.12
CA ASP M 58 -50.19 7.55 -26.86
C ASP M 58 -49.43 6.49 -26.07
N ILE M 59 -49.91 5.25 -26.12
CA ILE M 59 -49.20 4.12 -25.55
C ILE M 59 -48.46 3.41 -26.67
N VAL M 60 -47.18 3.18 -26.47
CA VAL M 60 -46.27 2.68 -27.50
C VAL M 60 -45.39 1.61 -26.87
N LEU M 61 -44.50 1.10 -27.70
CA LEU M 61 -43.51 0.10 -27.24
C LEU M 61 -42.14 0.77 -27.27
N ALA M 62 -41.55 0.84 -26.10
CA ALA M 62 -40.27 1.54 -25.98
C ALA M 62 -39.23 0.52 -25.58
N LEU M 63 -37.98 0.88 -25.82
CA LEU M 63 -36.95 -0.10 -25.50
C LEU M 63 -36.14 0.35 -24.29
N TYR M 64 -35.93 -0.57 -23.34
CA TYR M 64 -35.18 -0.28 -22.10
C TYR M 64 -33.68 -0.56 -22.25
N SER M 65 -32.91 -0.07 -21.29
CA SER M 65 -31.47 -0.31 -21.32
C SER M 65 -31.12 -1.80 -21.34
N ASP M 66 -32.07 -2.68 -21.06
CA ASP M 66 -31.83 -4.12 -21.06
C ASP M 66 -32.10 -4.76 -22.41
N GLY M 67 -32.32 -3.96 -23.46
CA GLY M 67 -32.52 -4.49 -24.79
C GLY M 67 -33.90 -5.04 -25.08
N CYS M 68 -34.86 -4.87 -24.18
CA CYS M 68 -36.21 -5.41 -24.36
C CYS M 68 -37.21 -4.27 -24.48
N PHE M 69 -38.27 -4.52 -25.24
CA PHE M 69 -39.34 -3.55 -25.43
C PHE M 69 -40.37 -3.71 -24.32
N TYR M 70 -40.87 -2.58 -23.84
CA TYR M 70 -41.92 -2.52 -22.84
C TYR M 70 -42.98 -1.52 -23.28
N ARG M 71 -44.11 -1.53 -22.58
CA ARG M 71 -45.15 -0.56 -22.83
C ARG M 71 -44.79 0.77 -22.18
N ALA M 72 -44.94 1.87 -22.92
CA ALA M 72 -44.59 3.18 -22.44
C ALA M 72 -45.63 4.20 -22.90
N GLN M 73 -46.02 5.07 -21.99
CA GLN M 73 -46.94 6.17 -22.27
C GLN M 73 -46.12 7.43 -22.53
N ILE M 74 -46.44 8.13 -23.61
CA ILE M 74 -45.70 9.33 -23.99
C ILE M 74 -46.28 10.52 -23.21
N ILE M 75 -45.44 11.08 -22.34
CA ILE M 75 -45.86 12.15 -21.40
C ILE M 75 -45.45 13.55 -21.83
N ASP M 76 -44.38 13.69 -22.59
CA ASP M 76 -44.00 15.05 -23.03
C ASP M 76 -43.30 14.93 -24.37
N GLU M 77 -43.46 15.90 -25.26
CA GLU M 77 -42.76 15.77 -26.55
C GLU M 77 -42.05 17.09 -26.87
N PHE M 78 -40.87 16.94 -27.43
CA PHE M 78 -39.99 18.04 -27.87
C PHE M 78 -39.52 17.67 -29.27
N PRO M 79 -38.95 18.60 -30.04
CA PRO M 79 -38.53 18.23 -31.37
C PRO M 79 -37.46 17.15 -31.27
N SER M 80 -36.48 17.36 -30.38
CA SER M 80 -35.32 16.46 -30.20
C SER M 80 -35.63 15.11 -29.57
N GLU M 81 -36.43 15.06 -28.49
CA GLU M 81 -36.70 13.78 -27.77
C GLU M 81 -38.10 13.73 -27.12
N TYR M 82 -38.47 12.59 -26.53
CA TYR M 82 -39.80 12.46 -25.88
C TYR M 82 -39.66 11.94 -24.44
N MET M 83 -40.39 12.55 -23.50
CA MET M 83 -40.36 12.10 -22.08
C MET M 83 -41.41 10.99 -21.99
N ILE M 84 -41.02 9.78 -21.60
CA ILE M 84 -41.99 8.65 -21.58
C ILE M 84 -42.02 7.99 -20.21
N PHE M 85 -43.07 7.24 -19.94
CA PHE M 85 -43.23 6.56 -18.64
C PHE M 85 -43.55 5.10 -18.90
N TYR M 86 -42.88 4.18 -18.20
CA TYR M 86 -43.13 2.76 -18.35
C TYR M 86 -44.37 2.39 -17.54
N VAL M 87 -45.49 2.14 -18.24
CA VAL M 87 -46.79 2.03 -17.58
C VAL M 87 -46.90 0.82 -16.69
N ASP M 88 -46.03 -0.17 -16.84
CA ASP M 88 -46.10 -1.39 -16.04
C ASP M 88 -44.93 -1.53 -15.07
N TYR M 89 -44.00 -0.58 -15.06
CA TYR M 89 -42.87 -0.59 -14.16
C TYR M 89 -42.68 0.75 -13.46
N GLY M 90 -42.94 1.86 -14.13
CA GLY M 90 -43.07 3.14 -13.45
C GLY M 90 -41.83 3.99 -13.40
N ASN M 91 -40.88 3.81 -14.30
CA ASN M 91 -39.73 4.70 -14.39
C ASN M 91 -39.91 5.67 -15.54
N THR M 92 -39.62 6.94 -15.29
CA THR M 92 -39.70 7.98 -16.30
C THR M 92 -38.37 8.07 -17.05
N GLU M 93 -38.43 8.43 -18.33
CA GLU M 93 -37.26 8.33 -19.19
C GLU M 93 -37.37 9.31 -20.34
N PHE M 94 -36.21 9.66 -20.91
CA PHE M 94 -36.11 10.45 -22.14
C PHE M 94 -35.50 9.58 -23.23
N VAL M 95 -36.13 9.54 -24.39
CA VAL M 95 -35.75 8.66 -25.49
C VAL M 95 -36.06 9.29 -26.85
N PRO M 96 -35.18 9.12 -27.84
CA PRO M 96 -35.39 9.66 -29.15
C PRO M 96 -36.48 8.83 -29.82
N LEU M 97 -37.06 9.37 -30.86
CA LEU M 97 -38.13 8.64 -31.55
C LEU M 97 -37.52 7.36 -32.13
N SER M 98 -36.20 7.25 -32.13
CA SER M 98 -35.59 6.03 -32.73
C SER M 98 -35.87 4.75 -31.97
N CYS M 99 -36.26 4.78 -30.70
CA CYS M 99 -36.75 3.50 -30.11
C CYS M 99 -38.26 3.49 -30.38
N LEU M 100 -39.08 3.62 -29.35
CA LEU M 100 -40.53 3.88 -29.55
C LEU M 100 -41.24 2.93 -30.52
N ALA M 101 -41.11 1.61 -30.40
CA ALA M 101 -41.86 0.82 -31.40
C ALA M 101 -43.36 1.04 -31.22
N PRO M 102 -44.15 1.28 -32.29
CA PRO M 102 -45.61 1.38 -32.22
C PRO M 102 -46.24 0.09 -31.68
N CYS M 103 -47.25 0.24 -30.83
CA CYS M 103 -47.85 -0.87 -30.10
C CYS M 103 -49.14 -1.34 -30.76
N GLU M 104 -49.41 -2.63 -30.58
CA GLU M 104 -50.62 -3.29 -31.12
C GLU M 104 -51.81 -2.78 -30.32
N ASN M 105 -52.96 -2.62 -30.99
CA ASN M 105 -54.18 -2.11 -30.33
C ASN M 105 -54.57 -3.04 -29.19
N VAL M 106 -54.47 -4.35 -29.40
CA VAL M 106 -54.83 -5.35 -28.35
C VAL M 106 -53.90 -5.17 -27.15
N ASP M 107 -52.61 -4.92 -27.42
CA ASP M 107 -51.58 -4.75 -26.36
C ASP M 107 -51.76 -3.40 -25.67
N SER M 108 -52.06 -2.37 -26.43
CA SER M 108 -52.18 -1.05 -25.80
C SER M 108 -53.34 -1.05 -24.81
N PHE M 109 -54.44 -1.71 -25.17
CA PHE M 109 -55.69 -1.66 -24.36
C PHE M 109 -55.50 -2.22 -22.95
N LYS M 110 -54.60 -3.18 -22.73
CA LYS M 110 -54.56 -3.82 -21.40
C LYS M 110 -54.26 -2.82 -20.30
N PRO M 111 -54.79 -3.02 -19.10
CA PRO M 111 -54.60 -2.10 -18.01
C PRO M 111 -53.17 -1.92 -17.53
N HIS M 112 -52.87 -0.73 -17.01
CA HIS M 112 -51.55 -0.41 -16.43
C HIS M 112 -51.37 -1.25 -15.18
N ARG M 113 -50.17 -1.71 -14.91
CA ARG M 113 -49.93 -2.59 -13.77
C ARG M 113 -49.20 -1.95 -12.62
N VAL M 114 -48.58 -0.79 -12.79
CA VAL M 114 -47.75 -0.22 -11.74
C VAL M 114 -48.59 0.67 -10.84
N PHE M 115 -48.40 0.49 -9.53
CA PHE M 115 -49.07 1.24 -8.48
C PHE M 115 -48.02 1.75 -7.50
N SER M 116 -48.38 2.78 -6.74
CA SER M 116 -47.50 3.32 -5.71
C SER M 116 -47.78 2.65 -4.38
N PHE M 117 -46.72 2.28 -3.67
CA PHE M 117 -46.82 1.69 -2.34
C PHE M 117 -45.97 2.51 -1.38
N HIS M 118 -46.59 2.99 -0.31
CA HIS M 118 -45.85 3.57 0.80
C HIS M 118 -45.80 2.56 1.94
N ILE M 119 -44.70 2.56 2.68
CA ILE M 119 -44.49 1.60 3.75
C ILE M 119 -45.14 2.12 5.03
N GLU M 120 -45.78 1.21 5.76
CA GLU M 120 -46.54 1.59 6.95
C GLU M 120 -45.65 2.20 8.01
N GLY M 121 -46.16 3.26 8.62
CA GLY M 121 -45.57 3.89 9.82
C GLY M 121 -44.30 4.66 9.56
N ILE M 122 -43.76 4.59 8.36
CA ILE M 122 -42.48 5.31 8.13
C ILE M 122 -42.75 6.49 7.20
N VAL M 123 -42.06 7.58 7.47
CA VAL M 123 -42.10 8.87 6.73
C VAL M 123 -40.64 9.26 6.48
N ARG M 124 -40.38 10.15 5.53
CA ARG M 124 -38.95 10.35 5.22
C ARG M 124 -38.29 11.52 5.93
N SER M 125 -37.26 11.21 6.71
CA SER M 125 -36.24 12.12 7.25
C SER M 125 -36.71 13.26 8.13
N LYS M 126 -35.84 14.25 8.22
CA LYS M 126 -36.11 15.56 8.83
C LYS M 126 -35.99 16.42 7.59
N ASN M 127 -34.79 16.34 7.01
CA ASN M 127 -34.37 16.92 5.71
C ASN M 127 -33.28 15.99 5.17
N LEU M 128 -33.33 15.60 3.91
CA LEU M 128 -32.25 14.72 3.42
C LEU M 128 -31.56 15.43 2.27
N THR M 129 -30.25 15.51 2.34
CA THR M 129 -29.48 16.16 1.24
C THR M 129 -29.62 15.29 -0.01
N HIS M 130 -29.84 15.90 -1.17
CA HIS M 130 -29.99 15.14 -2.43
C HIS M 130 -28.98 13.99 -2.45
N GLN M 131 -27.73 14.22 -2.09
CA GLN M 131 -26.76 13.13 -2.15
C GLN M 131 -27.22 11.93 -1.34
N LYS M 132 -27.63 12.15 -0.09
CA LYS M 132 -28.04 11.01 0.72
C LYS M 132 -29.43 10.50 0.36
N THR M 133 -30.26 11.33 -0.27
CA THR M 133 -31.47 10.81 -0.90
C THR M 133 -31.11 9.80 -2.00
N ILE M 134 -30.14 10.16 -2.84
CA ILE M 134 -29.61 9.24 -3.84
C ILE M 134 -29.10 7.96 -3.17
N GLU M 135 -28.37 8.13 -2.07
CA GLU M 135 -27.82 6.98 -1.36
C GLU M 135 -28.92 6.02 -0.89
N CYS M 136 -29.97 6.58 -0.27
CA CYS M 136 -31.06 5.74 0.23
C CYS M 136 -31.78 5.03 -0.91
N ILE M 137 -32.03 5.74 -2.01
CA ILE M 137 -32.69 5.11 -3.15
C ILE M 137 -31.83 3.98 -3.69
N GLU M 138 -30.51 4.17 -3.72
CA GLU M 138 -29.63 3.10 -4.21
C GLU M 138 -29.61 1.91 -3.27
N TYR M 139 -29.69 2.14 -1.96
CA TYR M 139 -29.74 1.02 -1.02
C TYR M 139 -31.04 0.22 -1.19
N LEU M 140 -32.16 0.93 -1.26
CA LEU M 140 -33.43 0.26 -1.49
C LEU M 140 -33.44 -0.46 -2.84
N LYS M 141 -32.72 0.07 -3.82
CA LYS M 141 -32.51 -0.66 -5.07
C LYS M 141 -31.79 -1.98 -4.83
N SER M 142 -30.66 -1.92 -4.13
CA SER M 142 -29.90 -3.13 -3.82
C SER M 142 -30.78 -4.17 -3.15
N LYS M 143 -31.69 -3.74 -2.29
CA LYS M 143 -32.46 -4.70 -1.50
C LYS M 143 -33.72 -5.20 -2.19
N LEU M 144 -34.49 -4.33 -2.85
CA LEU M 144 -35.87 -4.64 -3.22
C LEU M 144 -36.11 -4.79 -4.71
N LEU M 145 -35.27 -4.22 -5.57
CA LEU M 145 -35.60 -4.10 -6.98
C LEU M 145 -35.85 -5.47 -7.62
N ASN M 146 -36.98 -5.56 -8.32
CA ASN M 146 -37.33 -6.73 -9.14
C ASN M 146 -37.54 -8.01 -8.33
N THR M 147 -37.89 -7.90 -7.05
CA THR M 147 -38.08 -9.08 -6.20
C THR M 147 -39.57 -9.30 -5.94
N GLU M 148 -40.07 -10.46 -6.33
CA GLU M 148 -41.41 -10.87 -5.97
C GLU M 148 -41.49 -11.12 -4.47
N MET M 149 -42.59 -10.68 -3.85
CA MET M 149 -42.73 -10.83 -2.41
C MET M 149 -44.18 -10.60 -2.04
N ASN M 150 -44.71 -11.44 -1.14
CA ASN M 150 -45.99 -11.11 -0.56
C ASN M 150 -45.84 -9.86 0.33
N VAL M 151 -46.98 -9.32 0.75
CA VAL M 151 -46.97 -8.11 1.58
C VAL M 151 -48.38 -7.85 2.13
N HIS M 152 -48.45 -7.33 3.36
CA HIS M 152 -49.72 -7.10 4.02
C HIS M 152 -50.27 -5.73 3.61
N LEU M 153 -51.39 -5.73 2.91
CA LEU M 153 -52.01 -4.50 2.44
C LEU M 153 -52.76 -3.87 3.61
N VAL M 154 -52.14 -2.89 4.25
CA VAL M 154 -52.75 -2.25 5.41
C VAL M 154 -53.88 -1.31 5.00
N GLN M 155 -53.67 -0.50 3.97
CA GLN M 155 -54.58 0.61 3.72
C GLN M 155 -54.62 0.98 2.25
N ARG M 156 -55.73 1.60 1.85
CA ARG M 156 -55.86 2.21 0.54
C ARG M 156 -55.79 3.73 0.68
N LEU M 157 -54.97 4.37 -0.16
CA LEU M 157 -54.76 5.82 -0.13
C LEU M 157 -55.18 6.42 -1.48
N PRO M 158 -55.22 7.75 -1.62
CA PRO M 158 -55.79 8.35 -2.84
C PRO M 158 -55.16 7.89 -4.16
N ASP M 159 -53.84 7.77 -4.24
CA ASP M 159 -53.22 7.30 -5.49
C ASP M 159 -52.44 6.00 -5.35
N GLY M 160 -52.17 5.55 -4.13
CA GLY M 160 -51.46 4.30 -3.93
C GLY M 160 -51.97 3.63 -2.67
N PHE M 161 -51.30 2.55 -2.31
CA PHE M 161 -51.65 1.79 -1.12
C PHE M 161 -50.59 1.96 -0.05
N LEU M 162 -50.94 1.54 1.16
CA LEU M 162 -50.03 1.57 2.34
C LEU M 162 -49.68 0.14 2.73
N ILE M 163 -48.40 -0.15 2.91
CA ILE M 163 -48.06 -1.58 3.14
C ILE M 163 -47.21 -1.72 4.40
N ARG M 164 -47.28 -2.90 4.98
CA ARG M 164 -46.51 -3.32 6.17
C ARG M 164 -45.69 -4.51 5.70
N PHE M 165 -44.42 -4.56 6.07
CA PHE M 165 -43.60 -5.67 5.51
C PHE M 165 -43.86 -6.97 6.26
N LEU M 166 -44.16 -8.01 5.45
CA LEU M 166 -44.36 -9.40 5.92
C LEU M 166 -43.00 -9.89 6.43
N ASP M 167 -43.00 -10.90 7.31
CA ASP M 167 -41.79 -11.44 7.99
C ASP M 167 -40.73 -11.93 6.99
N ASP M 168 -39.45 -11.77 7.35
CA ASP M 168 -38.31 -12.12 6.46
C ASP M 168 -37.91 -10.91 5.60
N TRP M 169 -38.57 -9.78 5.79
CA TRP M 169 -38.26 -8.52 5.05
C TRP M 169 -38.55 -7.32 5.96
N LYS M 170 -38.71 -7.55 7.25
CA LYS M 170 -39.10 -6.46 8.16
C LYS M 170 -37.93 -5.51 8.39
N TYR M 171 -36.74 -5.94 8.01
CA TYR M 171 -35.51 -5.12 8.22
C TYR M 171 -35.47 -3.88 7.35
N ILE M 172 -36.15 -3.88 6.21
CA ILE M 172 -35.97 -2.71 5.31
C ILE M 172 -36.45 -1.44 6.00
N PRO M 173 -37.62 -1.46 6.61
CA PRO M 173 -38.11 -0.32 7.36
C PRO M 173 -37.18 -0.09 8.55
N GLU M 174 -36.71 -1.17 9.17
CA GLU M 174 -35.79 -1.09 10.33
C GLU M 174 -34.49 -0.37 9.95
N GLN M 175 -33.90 -0.68 8.81
CA GLN M 175 -32.64 0.04 8.49
C GLN M 175 -32.99 1.48 8.15
N LEU M 176 -34.00 1.63 7.30
CA LEU M 176 -34.49 2.94 6.87
C LEU M 176 -34.67 3.87 8.06
N LEU M 177 -35.28 3.37 9.12
CA LEU M 177 -35.57 4.21 10.28
C LEU M 177 -34.30 4.73 10.92
N GLN M 178 -33.32 3.84 11.17
CA GLN M 178 -32.18 4.34 11.93
C GLN M 178 -30.85 4.29 11.16
N ARG M 179 -30.89 4.28 9.83
CA ARG M 179 -29.77 4.80 9.06
C ARG M 179 -29.96 6.28 8.77
N ASN M 180 -30.85 6.94 9.53
CA ASN M 180 -31.20 8.35 9.40
C ASN M 180 -31.85 8.68 8.06
N TYR M 181 -32.39 7.67 7.38
CA TYR M 181 -33.08 7.89 6.11
C TYR M 181 -34.57 8.21 6.30
N ALA M 182 -35.21 7.65 7.32
CA ALA M 182 -36.65 7.79 7.51
C ALA M 182 -36.98 8.00 8.98
N GLN M 183 -38.08 8.69 9.20
CA GLN M 183 -38.58 8.86 10.57
C GLN M 183 -39.93 8.15 10.64
N VAL M 184 -40.35 7.86 11.86
CA VAL M 184 -41.62 7.20 12.11
C VAL M 184 -42.76 8.16 11.81
N SER M 185 -43.94 7.58 11.56
CA SER M 185 -45.14 8.34 11.27
C SER M 185 -45.51 9.25 12.44
N ARG N 8 -15.41 -52.01 22.38
CA ARG N 8 -16.78 -51.93 21.83
C ARG N 8 -17.05 -50.47 21.45
N GLY N 9 -16.74 -49.56 22.34
CA GLY N 9 -16.89 -48.15 21.94
C GLY N 9 -15.56 -47.63 21.46
N 2MR N 10 -15.56 -46.74 20.48
CA 2MR N 10 -14.28 -46.11 20.10
CB 2MR N 10 -14.40 -45.56 18.69
CG 2MR N 10 -15.07 -46.47 17.68
CD 2MR N 10 -14.37 -46.53 16.34
NE 2MR N 10 -14.55 -45.55 15.29
CZ 2MR N 10 -14.31 -45.81 14.01
NH1 2MR N 10 -14.13 -47.00 13.61
CQ1 2MR N 10 -14.19 -47.25 12.19
NH2 2MR N 10 -14.28 -44.81 13.17
CQ2 2MR N 10 -14.93 -43.55 13.38
C 2MR N 10 -13.94 -45.12 21.24
O 2MR N 10 -14.85 -44.53 21.80
N GLY N 11 -12.67 -44.91 21.54
CA GLY N 11 -12.28 -44.14 22.75
C GLY N 11 -12.55 -42.66 22.79
N ARG N 12 -12.49 -42.09 24.00
CA ARG N 12 -12.60 -40.62 24.24
C ARG N 12 -11.19 -40.11 24.57
N LYS N 13 -10.24 -41.06 24.62
CA LYS N 13 -8.80 -40.87 24.91
C LYS N 13 -8.55 -39.73 25.91
N 2MR O 10 -37.27 -8.09 -16.07
CA 2MR O 10 -36.22 -7.45 -15.23
CB 2MR O 10 -36.67 -6.05 -14.78
CG 2MR O 10 -37.20 -5.16 -15.89
CD 2MR O 10 -37.62 -3.79 -15.39
NE 2MR O 10 -37.91 -2.84 -16.46
CZ 2MR O 10 -38.10 -1.58 -16.24
NH1 2MR O 10 -37.71 -1.03 -15.16
CQ1 2MR O 10 -38.18 0.30 -14.86
NH2 2MR O 10 -38.74 -0.88 -17.15
CQ2 2MR O 10 -38.67 -1.13 -18.56
C 2MR O 10 -35.89 -8.37 -14.06
O 2MR O 10 -36.69 -9.24 -13.76
N GLY O 11 -34.70 -8.23 -13.50
CA GLY O 11 -34.31 -9.10 -12.39
C GLY O 11 -32.98 -8.65 -11.79
N ARG O 12 -32.53 -9.32 -10.74
CA ARG O 12 -31.22 -8.99 -10.13
C ARG O 12 -30.16 -9.07 -11.23
N 2MR P 10 34.83 2.34 13.50
CA 2MR P 10 35.89 1.72 12.67
CB 2MR P 10 35.82 2.32 11.26
CG 2MR P 10 36.85 1.82 10.28
CD 2MR P 10 36.98 2.71 9.05
NE 2MR P 10 36.96 1.99 7.80
CZ 2MR P 10 37.09 2.54 6.62
NH1 2MR P 10 37.26 3.80 6.50
CQ1 2MR P 10 37.52 4.33 5.17
NH2 2MR P 10 37.01 1.78 5.56
CQ2 2MR P 10 36.51 0.42 5.60
C 2MR P 10 37.23 1.99 13.34
O 2MR P 10 37.24 2.12 14.57
#